data_3ITO
#
_entry.id   3ITO
#
_cell.length_a   74.762
_cell.length_b   104.732
_cell.length_c   115.035
_cell.angle_alpha   90.00
_cell.angle_beta   108.24
_cell.angle_gamma   90.00
#
_symmetry.space_group_name_H-M   'P 1 21 1'
#
loop_
_entity.id
_entity.type
_entity.pdbx_description
1 polymer 'L-rhamnose isomerase'
2 non-polymer 'MANGANESE (II) ION'
3 non-polymer alpha-D-psicofuranose
4 water water
#
_entity_poly.entity_id   1
_entity_poly.type   'polypeptide(L)'
_entity_poly.pdbx_seq_one_letter_code
;MAEFRIAQDVVARENDRRASALKEDYEALGANLARRGVDIEAVTAKVEKFFVAVPSWGVGTGGTRFARFPGTGEPRGIFD
KLDDCAVIQQLTRATPNVSLHIPWDKADPKELKARGDALGLGFDAMNSNTFSDAPGQAHSYKYGSLSHTNAATRAQAVEH
NLECIEIGKAIGSKALTVWIGDGSNFPGQSNFTRAFERYLSAMAEIYKGLPDDWKLFSEHKMYEPAFYSTVVQDWGTNYL
IAQTLGPKAQCLVDLGHHAPNTNIEMIVARLIQFGKLGGFHFNDSKYGDDDLDAGAIEPYRLFLVFNELVDAEARGVKGF
HPAHMINQSHNVTDPIESLINSANEIRRAYAQALLVDRAALSGYQEDNDALMATETLKRAYRTDVEPILAEARRRTGGAV
DPVATYRASGYRARVAAERPASVAGGGGIIGSHHHHHH
;
_entity_poly.pdbx_strand_id   A,B,C,D
#
loop_
_chem_comp.id
_chem_comp.type
_chem_comp.name
_chem_comp.formula
MN non-polymer 'MANGANESE (II) ION' 'Mn 2'
PSV D-saccharide, alpha linking alpha-D-psicofuranose 'C6 H12 O6'
#
# COMPACT_ATOMS: atom_id res chain seq x y z
N PHE A 4 39.00 -7.20 -26.40
CA PHE A 4 38.64 -7.54 -24.99
C PHE A 4 38.67 -6.31 -24.09
N ARG A 5 37.49 -5.94 -23.57
CA ARG A 5 37.37 -4.79 -22.68
C ARG A 5 38.21 -5.01 -21.42
N ILE A 6 38.18 -6.23 -20.90
CA ILE A 6 38.93 -6.58 -19.71
C ILE A 6 40.05 -7.53 -20.14
N ALA A 7 41.29 -7.24 -19.73
CA ALA A 7 42.43 -8.08 -20.10
C ALA A 7 42.20 -9.54 -19.72
N GLN A 8 42.51 -10.45 -20.63
CA GLN A 8 42.32 -11.87 -20.37
C GLN A 8 43.20 -12.38 -19.24
N ASP A 9 44.39 -11.80 -19.08
CA ASP A 9 45.29 -12.25 -18.02
C ASP A 9 44.71 -11.91 -16.65
N VAL A 10 43.93 -10.82 -16.59
CA VAL A 10 43.31 -10.42 -15.33
C VAL A 10 42.23 -11.44 -14.97
N VAL A 11 41.39 -11.77 -15.93
CA VAL A 11 40.34 -12.75 -15.70
C VAL A 11 40.95 -14.08 -15.28
N ALA A 12 41.94 -14.55 -16.03
CA ALA A 12 42.60 -15.81 -15.72
C ALA A 12 43.20 -15.79 -14.32
N ARG A 13 43.90 -14.70 -14.00
CA ARG A 13 44.53 -14.56 -12.69
C ARG A 13 43.49 -14.66 -11.57
N GLU A 14 42.44 -13.86 -11.68
CA GLU A 14 41.39 -13.86 -10.67
C GLU A 14 40.64 -15.18 -10.59
N ASN A 15 40.48 -15.85 -11.74
CA ASN A 15 39.78 -17.15 -11.75
C ASN A 15 40.63 -18.19 -11.04
N ASP A 16 41.95 -18.15 -11.26
CA ASP A 16 42.86 -19.10 -10.63
C ASP A 16 42.92 -18.91 -9.12
N ARG A 17 42.90 -17.65 -8.69
CA ARG A 17 42.96 -17.31 -7.27
C ARG A 17 41.77 -17.93 -6.53
N ARG A 18 40.66 -18.11 -7.23
CA ARG A 18 39.46 -18.66 -6.62
C ARG A 18 39.09 -20.08 -7.06
N ALA A 19 39.90 -20.68 -7.93
CA ALA A 19 39.62 -22.03 -8.44
C ALA A 19 39.49 -23.11 -7.36
N SER A 20 40.38 -23.08 -6.38
CA SER A 20 40.35 -24.07 -5.31
C SER A 20 39.04 -24.03 -4.53
N ALA A 21 38.65 -22.84 -4.08
CA ALA A 21 37.42 -22.69 -3.33
C ALA A 21 36.21 -23.07 -4.16
N LEU A 22 36.20 -22.67 -5.43
CA LEU A 22 35.07 -23.00 -6.30
C LEU A 22 34.91 -24.51 -6.42
N LYS A 23 36.04 -25.21 -6.59
CA LYS A 23 36.03 -26.66 -6.71
C LYS A 23 35.39 -27.30 -5.49
N GLU A 24 35.82 -26.89 -4.30
CA GLU A 24 35.28 -27.45 -3.08
C GLU A 24 33.78 -27.22 -2.94
N ASP A 25 33.35 -25.98 -3.19
CA ASP A 25 31.94 -25.64 -3.08
C ASP A 25 31.07 -26.31 -4.15
N TYR A 26 31.58 -26.35 -5.38
CA TYR A 26 30.82 -26.96 -6.47
C TYR A 26 30.64 -28.46 -6.27
N GLU A 27 31.74 -29.14 -5.93
CA GLU A 27 31.67 -30.58 -5.72
C GLU A 27 30.81 -30.92 -4.50
N ALA A 28 30.87 -30.07 -3.48
CA ALA A 28 30.05 -30.28 -2.29
C ALA A 28 28.58 -30.13 -2.65
N LEU A 29 28.26 -29.07 -3.39
CA LEU A 29 26.88 -28.84 -3.81
C LEU A 29 26.46 -29.95 -4.75
N GLY A 30 27.39 -30.40 -5.58
CA GLY A 30 27.07 -31.47 -6.53
C GLY A 30 26.65 -32.75 -5.84
N ALA A 31 27.33 -33.08 -4.75
CA ALA A 31 27.03 -34.29 -3.97
C ALA A 31 25.68 -34.14 -3.27
N ASN A 32 25.44 -32.96 -2.71
CA ASN A 32 24.20 -32.67 -2.00
C ASN A 32 23.02 -32.77 -2.97
N LEU A 33 23.21 -32.24 -4.18
CA LEU A 33 22.15 -32.29 -5.18
C LEU A 33 21.92 -33.72 -5.66
N ALA A 34 23.00 -34.49 -5.77
CA ALA A 34 22.91 -35.87 -6.21
C ALA A 34 22.05 -36.66 -5.22
N ARG A 35 22.23 -36.38 -3.93
CA ARG A 35 21.48 -37.06 -2.89
C ARG A 35 20.00 -36.70 -2.99
N ARG A 36 19.73 -35.53 -3.56
CA ARG A 36 18.37 -35.04 -3.74
C ARG A 36 17.82 -35.46 -5.10
N GLY A 37 18.62 -36.23 -5.84
CA GLY A 37 18.18 -36.68 -7.15
C GLY A 37 18.33 -35.69 -8.28
N VAL A 38 19.20 -34.69 -8.11
CA VAL A 38 19.41 -33.68 -9.13
C VAL A 38 20.84 -33.74 -9.67
N ASP A 39 20.98 -33.63 -11.00
CA ASP A 39 22.29 -33.65 -11.65
C ASP A 39 22.78 -32.21 -11.81
N ILE A 40 23.74 -31.82 -10.99
CA ILE A 40 24.28 -30.46 -11.03
C ILE A 40 24.80 -30.09 -12.42
N GLU A 41 25.31 -31.08 -13.16
CA GLU A 41 25.82 -30.77 -14.49
C GLU A 41 24.69 -30.33 -15.43
N ALA A 42 23.51 -30.91 -15.25
CA ALA A 42 22.35 -30.56 -16.08
C ALA A 42 21.89 -29.14 -15.77
N VAL A 43 21.95 -28.76 -14.50
CA VAL A 43 21.56 -27.43 -14.08
C VAL A 43 22.57 -26.40 -14.62
N THR A 44 23.86 -26.69 -14.44
CA THR A 44 24.90 -25.79 -14.93
C THR A 44 24.79 -25.59 -16.43
N ALA A 45 24.45 -26.65 -17.15
CA ALA A 45 24.30 -26.59 -18.60
C ALA A 45 23.16 -25.66 -19.01
N LYS A 46 22.10 -25.61 -18.22
CA LYS A 46 20.97 -24.74 -18.55
C LYS A 46 21.25 -23.31 -18.11
N VAL A 47 21.88 -23.16 -16.94
CA VAL A 47 22.21 -21.85 -16.42
C VAL A 47 23.14 -21.09 -17.37
N GLU A 48 24.14 -21.77 -17.91
CA GLU A 48 25.08 -21.10 -18.82
C GLU A 48 24.45 -20.64 -20.13
N LYS A 49 23.20 -21.04 -20.37
CA LYS A 49 22.49 -20.64 -21.57
C LYS A 49 21.35 -19.66 -21.30
N PHE A 50 21.23 -19.19 -20.06
CA PHE A 50 20.17 -18.24 -19.74
C PHE A 50 20.68 -16.82 -19.94
N PHE A 51 20.04 -16.08 -20.82
CA PHE A 51 20.46 -14.71 -21.11
C PHE A 51 19.40 -13.67 -20.81
N VAL A 52 19.84 -12.48 -20.41
CA VAL A 52 18.95 -11.38 -20.13
C VAL A 52 19.57 -10.14 -20.78
N ALA A 53 18.74 -9.36 -21.46
CA ALA A 53 19.24 -8.17 -22.14
C ALA A 53 19.64 -7.08 -21.15
N VAL A 54 20.67 -6.32 -21.52
CA VAL A 54 21.14 -5.22 -20.69
C VAL A 54 20.70 -3.93 -21.37
N PRO A 55 20.13 -3.00 -20.60
CA PRO A 55 19.67 -1.72 -21.14
C PRO A 55 20.84 -0.78 -21.38
N SER A 56 20.92 -0.23 -22.58
CA SER A 56 22.01 0.67 -22.92
C SER A 56 22.01 1.84 -21.95
N TRP A 57 20.82 2.29 -21.56
CA TRP A 57 20.68 3.42 -20.65
C TRP A 57 20.97 3.07 -19.18
N GLY A 58 21.27 1.79 -18.92
CA GLY A 58 21.55 1.39 -17.55
C GLY A 58 23.02 1.46 -17.18
N VAL A 59 23.89 1.63 -18.17
CA VAL A 59 25.32 1.69 -17.90
C VAL A 59 25.78 3.07 -17.45
N GLY A 60 24.90 4.06 -17.56
CA GLY A 60 25.24 5.40 -17.11
C GLY A 60 24.58 5.57 -15.75
N THR A 61 25.12 6.44 -14.89
CA THR A 61 24.52 6.65 -13.57
C THR A 61 23.13 7.28 -13.69
N GLY A 62 22.19 6.76 -12.91
CA GLY A 62 20.84 7.28 -12.92
C GLY A 62 20.63 8.32 -11.83
N GLY A 63 19.43 8.91 -11.80
CA GLY A 63 19.12 9.91 -10.79
C GLY A 63 17.63 10.01 -10.53
N THR A 64 17.24 10.96 -9.68
CA THR A 64 15.83 11.16 -9.35
C THR A 64 15.48 12.58 -9.76
N ARG A 65 14.24 13.00 -9.50
CA ARG A 65 13.85 14.35 -9.85
C ARG A 65 14.49 15.38 -8.92
N PHE A 66 15.10 14.89 -7.84
CA PHE A 66 15.76 15.76 -6.87
C PHE A 66 17.22 16.02 -7.22
N ALA A 67 17.88 15.02 -7.81
CA ALA A 67 19.28 15.17 -8.18
C ALA A 67 19.87 13.94 -8.86
N ARG A 68 21.00 14.16 -9.52
CA ARG A 68 21.75 13.13 -10.19
C ARG A 68 23.21 13.34 -9.76
N PHE A 69 23.86 12.27 -9.31
CA PHE A 69 25.25 12.34 -8.85
C PHE A 69 26.09 11.41 -9.71
N PRO A 70 26.57 11.90 -10.87
CA PRO A 70 27.38 11.07 -11.76
C PRO A 70 28.69 10.59 -11.14
N GLY A 71 29.17 9.46 -11.64
CA GLY A 71 30.43 8.91 -11.18
C GLY A 71 31.47 9.30 -12.21
N THR A 72 32.64 8.69 -12.16
CA THR A 72 33.69 9.02 -13.13
C THR A 72 33.53 8.16 -14.38
N GLY A 73 34.08 8.63 -15.49
CA GLY A 73 33.99 7.88 -16.73
C GLY A 73 32.59 7.55 -17.23
N GLU A 74 31.66 8.48 -17.08
CA GLU A 74 30.30 8.23 -17.55
C GLU A 74 30.36 8.11 -19.08
N PRO A 75 29.62 7.16 -19.66
CA PRO A 75 29.62 6.98 -21.12
C PRO A 75 29.08 8.22 -21.83
N ARG A 76 29.80 8.70 -22.83
CA ARG A 76 29.40 9.91 -23.56
C ARG A 76 28.27 9.72 -24.56
N GLY A 77 28.09 8.49 -25.03
CA GLY A 77 27.04 8.22 -25.98
C GLY A 77 26.79 6.73 -26.11
N ILE A 78 26.05 6.32 -27.14
CA ILE A 78 25.73 4.91 -27.32
C ILE A 78 26.95 4.02 -27.55
N PHE A 79 27.97 4.52 -28.23
CA PHE A 79 29.15 3.71 -28.49
C PHE A 79 29.92 3.40 -27.21
N ASP A 80 30.03 4.39 -26.33
CA ASP A 80 30.71 4.17 -25.05
C ASP A 80 29.87 3.18 -24.24
N LYS A 81 28.55 3.33 -24.30
CA LYS A 81 27.64 2.46 -23.57
C LYS A 81 27.77 1.02 -24.04
N LEU A 82 27.91 0.81 -25.34
CA LEU A 82 28.08 -0.55 -25.85
C LEU A 82 29.40 -1.11 -25.32
N ASP A 83 30.44 -0.27 -25.29
CA ASP A 83 31.74 -0.69 -24.77
C ASP A 83 31.61 -1.17 -23.33
N ASP A 84 30.81 -0.45 -22.55
CA ASP A 84 30.61 -0.84 -21.15
C ASP A 84 29.75 -2.10 -21.05
N CYS A 85 28.75 -2.22 -21.91
CA CYS A 85 27.90 -3.41 -21.90
C CYS A 85 28.74 -4.64 -22.21
N ALA A 86 29.78 -4.45 -23.03
CA ALA A 86 30.67 -5.56 -23.40
C ALA A 86 31.41 -6.09 -22.17
N VAL A 87 31.66 -5.22 -21.20
CA VAL A 87 32.33 -5.61 -19.97
C VAL A 87 31.43 -6.55 -19.19
N ILE A 88 30.16 -6.17 -19.11
CA ILE A 88 29.17 -6.97 -18.38
C ILE A 88 29.03 -8.36 -18.99
N GLN A 89 29.01 -8.42 -20.32
CA GLN A 89 28.89 -9.70 -21.02
C GLN A 89 30.16 -10.55 -20.86
N GLN A 90 31.33 -9.93 -21.06
CA GLN A 90 32.58 -10.67 -20.95
C GLN A 90 32.73 -11.32 -19.58
N LEU A 91 32.40 -10.58 -18.52
CA LEU A 91 32.55 -11.09 -17.16
C LEU A 91 31.44 -12.02 -16.65
N THR A 92 30.19 -11.77 -17.04
CA THR A 92 29.08 -12.61 -16.58
C THR A 92 28.64 -13.66 -17.60
N ARG A 93 28.84 -13.34 -18.88
CA ARG A 93 28.45 -14.21 -19.98
C ARG A 93 26.95 -14.47 -19.97
N ALA A 94 26.21 -13.57 -19.32
CA ALA A 94 24.77 -13.70 -19.20
C ALA A 94 24.02 -12.57 -19.88
N THR A 95 24.75 -11.66 -20.51
CA THR A 95 24.14 -10.51 -21.17
C THR A 95 24.67 -10.27 -22.58
N PRO A 96 24.54 -11.27 -23.47
CA PRO A 96 25.03 -11.12 -24.84
C PRO A 96 24.27 -10.08 -25.68
N ASN A 97 23.08 -9.69 -25.25
CA ASN A 97 22.31 -8.72 -26.02
C ASN A 97 22.01 -7.41 -25.29
N VAL A 98 21.95 -6.34 -26.06
CA VAL A 98 21.67 -5.01 -25.53
C VAL A 98 20.36 -4.44 -26.06
N SER A 99 19.63 -3.74 -25.21
CA SER A 99 18.36 -3.15 -25.60
C SER A 99 18.63 -1.66 -25.84
N LEU A 100 18.21 -1.15 -27.00
CA LEU A 100 18.43 0.26 -27.31
C LEU A 100 17.19 1.11 -27.06
N HIS A 101 17.43 2.39 -26.80
CA HIS A 101 16.35 3.34 -26.56
C HIS A 101 16.52 4.49 -27.54
N ILE A 102 15.47 4.74 -28.32
CA ILE A 102 15.47 5.79 -29.33
C ILE A 102 14.58 6.92 -28.84
N PRO A 103 14.97 8.19 -29.05
CA PRO A 103 16.17 8.70 -29.74
C PRO A 103 17.51 8.76 -28.99
N TRP A 104 17.55 8.34 -27.73
CA TRP A 104 18.81 8.40 -26.98
C TRP A 104 19.98 7.73 -27.71
N ASP A 105 19.71 6.56 -28.28
CA ASP A 105 20.75 5.80 -28.96
C ASP A 105 20.77 5.94 -30.47
N LYS A 106 20.10 6.95 -30.99
CA LYS A 106 20.06 7.13 -32.44
C LYS A 106 21.47 7.31 -33.01
N ALA A 107 21.74 6.58 -34.08
CA ALA A 107 23.03 6.63 -34.76
C ALA A 107 22.88 5.73 -35.98
N ASP A 108 23.85 5.81 -36.89
CA ASP A 108 23.80 4.99 -38.08
C ASP A 108 23.68 3.52 -37.69
N PRO A 109 22.60 2.85 -38.11
CA PRO A 109 22.40 1.44 -37.78
C PRO A 109 23.60 0.57 -38.15
N LYS A 110 24.24 0.89 -39.27
CA LYS A 110 25.39 0.12 -39.72
C LYS A 110 26.54 0.22 -38.72
N GLU A 111 26.72 1.40 -38.12
CA GLU A 111 27.79 1.59 -37.14
C GLU A 111 27.45 0.88 -35.84
N LEU A 112 26.19 0.98 -35.40
CA LEU A 112 25.77 0.30 -34.18
C LEU A 112 26.02 -1.20 -34.34
N LYS A 113 25.54 -1.75 -35.45
CA LYS A 113 25.69 -3.16 -35.77
C LYS A 113 27.18 -3.55 -35.79
N ALA A 114 27.98 -2.75 -36.47
CA ALA A 114 29.42 -3.02 -36.57
C ALA A 114 30.08 -3.06 -35.20
N ARG A 115 29.73 -2.10 -34.35
CA ARG A 115 30.32 -2.05 -33.01
C ARG A 115 29.86 -3.25 -32.18
N GLY A 116 28.58 -3.60 -32.32
CA GLY A 116 28.05 -4.74 -31.58
C GLY A 116 28.81 -5.99 -31.96
N ASP A 117 28.90 -6.26 -33.27
CA ASP A 117 29.60 -7.42 -33.76
C ASP A 117 31.04 -7.47 -33.24
N ALA A 118 31.72 -6.34 -33.28
CA ALA A 118 33.11 -6.25 -32.82
C ALA A 118 33.27 -6.61 -31.35
N LEU A 119 32.29 -6.22 -30.53
CA LEU A 119 32.32 -6.48 -29.09
C LEU A 119 31.70 -7.83 -28.73
N GLY A 120 31.05 -8.46 -29.69
CA GLY A 120 30.42 -9.75 -29.43
C GLY A 120 29.06 -9.59 -28.80
N LEU A 121 28.41 -8.47 -29.09
CA LEU A 121 27.09 -8.17 -28.54
C LEU A 121 26.03 -8.15 -29.63
N GLY A 122 24.81 -8.55 -29.25
CA GLY A 122 23.70 -8.54 -30.18
C GLY A 122 22.71 -7.50 -29.70
N PHE A 123 21.56 -7.39 -30.35
CA PHE A 123 20.56 -6.40 -29.95
C PHE A 123 19.21 -7.01 -29.68
N ASP A 124 18.63 -6.64 -28.53
CA ASP A 124 17.32 -7.15 -28.15
C ASP A 124 16.24 -6.17 -28.65
N ALA A 125 15.08 -6.21 -28.01
CA ALA A 125 13.97 -5.36 -28.40
C ALA A 125 14.30 -3.87 -28.37
N MET A 126 13.77 -3.13 -29.35
CA MET A 126 13.96 -1.70 -29.43
C MET A 126 12.98 -1.09 -28.43
N ASN A 127 13.29 0.11 -27.95
CA ASN A 127 12.43 0.81 -27.01
C ASN A 127 12.16 2.20 -27.56
N SER A 128 10.88 2.54 -27.73
CA SER A 128 10.51 3.86 -28.23
C SER A 128 10.41 4.86 -27.07
N ASN A 129 10.47 6.16 -27.40
CA ASN A 129 10.41 7.21 -26.39
C ASN A 129 9.47 8.33 -26.79
N THR A 130 8.25 8.32 -26.27
CA THR A 130 7.32 9.41 -26.52
C THR A 130 6.83 9.91 -25.16
N PHE A 131 7.73 9.82 -24.17
CA PHE A 131 7.45 10.28 -22.82
C PHE A 131 8.31 11.50 -22.50
N SER A 132 9.00 12.01 -23.53
CA SER A 132 9.86 13.18 -23.42
C SER A 132 9.93 13.84 -24.80
N ASP A 133 10.20 15.13 -24.85
CA ASP A 133 10.30 15.83 -26.14
C ASP A 133 11.72 15.95 -26.66
N ALA A 134 11.90 15.65 -27.94
CA ALA A 134 13.20 15.76 -28.59
C ALA A 134 13.18 17.06 -29.38
N PRO A 135 14.37 17.61 -29.70
CA PRO A 135 14.46 18.86 -30.47
C PRO A 135 13.80 18.81 -31.84
N GLY A 136 13.18 19.91 -32.25
CA GLY A 136 12.55 19.99 -33.55
C GLY A 136 11.20 19.29 -33.67
N GLN A 137 10.68 18.82 -32.54
CA GLN A 137 9.40 18.13 -32.51
C GLN A 137 8.28 19.11 -32.84
N ALA A 138 7.42 18.75 -33.77
CA ALA A 138 6.31 19.62 -34.16
C ALA A 138 5.21 19.66 -33.10
N HIS A 139 5.13 18.60 -32.31
CA HIS A 139 4.12 18.50 -31.26
C HIS A 139 4.72 17.97 -29.97
N SER A 140 4.33 18.59 -28.85
CA SER A 140 4.83 18.18 -27.54
C SER A 140 4.04 17.01 -26.96
N TYR A 141 4.72 16.17 -26.21
CA TYR A 141 4.07 15.01 -25.58
C TYR A 141 3.68 15.33 -24.14
N LYS A 142 3.61 16.63 -23.82
CA LYS A 142 3.24 17.05 -22.48
C LYS A 142 1.92 16.46 -22.00
N TYR A 143 0.92 16.44 -22.86
CA TYR A 143 -0.39 15.92 -22.50
C TYR A 143 -0.68 14.54 -23.09
N GLY A 144 0.37 13.84 -23.47
CA GLY A 144 0.20 12.51 -24.03
C GLY A 144 0.94 12.34 -25.35
N SER A 145 0.88 11.13 -25.89
CA SER A 145 1.53 10.83 -27.15
C SER A 145 0.61 9.97 -28.00
N LEU A 146 0.71 8.65 -27.84
CA LEU A 146 -0.13 7.73 -28.60
C LEU A 146 -1.61 7.88 -28.28
N SER A 147 -1.93 8.49 -27.15
CA SER A 147 -3.32 8.68 -26.74
C SER A 147 -3.69 10.16 -26.61
N HIS A 148 -2.82 11.04 -27.09
CA HIS A 148 -3.04 12.48 -27.06
C HIS A 148 -4.34 12.82 -27.79
N THR A 149 -5.05 13.84 -27.33
CA THR A 149 -6.31 14.23 -27.97
C THR A 149 -6.10 14.76 -29.39
N ASN A 150 -4.93 15.32 -29.64
CA ASN A 150 -4.60 15.89 -30.95
C ASN A 150 -4.11 14.82 -31.93
N ALA A 151 -4.93 14.56 -32.95
CA ALA A 151 -4.61 13.56 -33.96
C ALA A 151 -3.19 13.67 -34.51
N ALA A 152 -2.74 14.89 -34.81
CA ALA A 152 -1.41 15.10 -35.35
C ALA A 152 -0.33 14.66 -34.37
N THR A 153 -0.59 14.80 -33.07
CA THR A 153 0.40 14.41 -32.09
C THR A 153 0.51 12.89 -32.04
N ARG A 154 -0.62 12.21 -32.18
CA ARG A 154 -0.61 10.76 -32.17
C ARG A 154 0.12 10.29 -33.43
N ALA A 155 -0.16 10.94 -34.54
CA ALA A 155 0.47 10.58 -35.81
C ALA A 155 1.99 10.67 -35.69
N GLN A 156 2.46 11.72 -35.02
CA GLN A 156 3.88 11.94 -34.83
C GLN A 156 4.47 10.81 -33.98
N ALA A 157 3.73 10.41 -32.94
CA ALA A 157 4.18 9.34 -32.07
C ALA A 157 4.24 8.01 -32.81
N VAL A 158 3.26 7.77 -33.67
CA VAL A 158 3.22 6.54 -34.45
C VAL A 158 4.44 6.46 -35.36
N GLU A 159 4.74 7.56 -36.04
CA GLU A 159 5.90 7.59 -36.94
C GLU A 159 7.20 7.35 -36.18
N HIS A 160 7.27 7.84 -34.95
CA HIS A 160 8.46 7.63 -34.14
C HIS A 160 8.65 6.14 -33.87
N ASN A 161 7.57 5.46 -33.52
CA ASN A 161 7.66 4.03 -33.26
C ASN A 161 8.04 3.27 -34.52
N LEU A 162 7.50 3.69 -35.66
CA LEU A 162 7.82 3.03 -36.93
C LEU A 162 9.31 3.20 -37.24
N GLU A 163 9.86 4.37 -36.87
CA GLU A 163 11.28 4.62 -37.09
C GLU A 163 12.09 3.66 -36.22
N CYS A 164 11.60 3.41 -35.02
CA CYS A 164 12.29 2.51 -34.10
C CYS A 164 12.33 1.12 -34.71
N ILE A 165 11.26 0.73 -35.40
CA ILE A 165 11.21 -0.56 -36.04
C ILE A 165 12.22 -0.61 -37.19
N GLU A 166 12.33 0.47 -37.94
CA GLU A 166 13.28 0.52 -39.05
C GLU A 166 14.70 0.37 -38.52
N ILE A 167 15.00 1.05 -37.42
CA ILE A 167 16.33 0.95 -36.82
C ILE A 167 16.57 -0.48 -36.34
N GLY A 168 15.58 -1.06 -35.69
CA GLY A 168 15.70 -2.42 -35.20
C GLY A 168 15.94 -3.47 -36.27
N LYS A 169 15.23 -3.35 -37.38
CA LYS A 169 15.39 -4.29 -38.49
C LYS A 169 16.81 -4.30 -39.03
N ALA A 170 17.43 -3.12 -39.07
CA ALA A 170 18.78 -2.99 -39.57
C ALA A 170 19.88 -3.51 -38.65
N ILE A 171 19.60 -3.63 -37.36
CA ILE A 171 20.63 -4.11 -36.43
C ILE A 171 20.42 -5.51 -35.87
N GLY A 172 19.31 -6.15 -36.24
CA GLY A 172 19.07 -7.50 -35.76
C GLY A 172 18.00 -7.66 -34.70
N SER A 173 17.33 -6.58 -34.34
CA SER A 173 16.28 -6.64 -33.33
C SER A 173 15.04 -7.32 -33.90
N LYS A 174 14.22 -7.91 -33.02
CA LYS A 174 13.01 -8.59 -33.45
C LYS A 174 11.77 -8.21 -32.64
N ALA A 175 11.84 -7.06 -31.97
CA ALA A 175 10.69 -6.63 -31.17
C ALA A 175 10.76 -5.14 -30.84
N LEU A 176 9.60 -4.58 -30.53
CA LEU A 176 9.49 -3.18 -30.14
C LEU A 176 8.71 -3.10 -28.84
N THR A 177 9.32 -2.48 -27.85
CA THR A 177 8.67 -2.31 -26.55
C THR A 177 8.13 -0.89 -26.47
N VAL A 178 6.86 -0.78 -26.13
CA VAL A 178 6.23 0.52 -26.03
C VAL A 178 5.73 0.84 -24.63
N TRP A 179 6.41 1.78 -23.97
CA TRP A 179 6.00 2.24 -22.66
C TRP A 179 5.82 3.74 -22.82
N ILE A 180 4.68 4.27 -22.39
CA ILE A 180 4.45 5.70 -22.49
C ILE A 180 3.95 6.23 -21.15
N GLY A 181 4.10 7.53 -20.94
CA GLY A 181 3.67 8.13 -19.69
C GLY A 181 2.21 8.57 -19.69
N ASP A 182 1.57 8.52 -20.87
CA ASP A 182 0.17 8.91 -21.04
C ASP A 182 -0.74 8.60 -19.86
N GLY A 183 -1.43 9.63 -19.41
CA GLY A 183 -2.35 9.50 -18.30
C GLY A 183 -2.75 10.89 -17.84
N SER A 184 -3.33 10.99 -16.65
CA SER A 184 -3.75 12.27 -16.13
C SER A 184 -3.31 12.46 -14.68
N ASN A 185 -3.24 13.72 -14.26
CA ASN A 185 -2.83 14.05 -12.90
C ASN A 185 -4.01 14.56 -12.08
N PHE A 186 -5.14 14.77 -12.74
CA PHE A 186 -6.35 15.28 -12.08
C PHE A 186 -7.61 14.57 -12.52
N PRO A 187 -8.53 14.32 -11.59
CA PRO A 187 -9.78 13.66 -11.99
C PRO A 187 -10.45 14.58 -13.01
N GLY A 188 -11.03 14.00 -14.06
CA GLY A 188 -11.70 14.80 -15.06
C GLY A 188 -10.83 15.24 -16.23
N GLN A 189 -9.53 15.36 -15.99
CA GLN A 189 -8.61 15.78 -17.03
C GLN A 189 -8.75 14.91 -18.29
N SER A 190 -8.85 13.60 -18.10
CA SER A 190 -8.98 12.68 -19.23
C SER A 190 -10.25 11.86 -19.15
N ASN A 191 -10.76 11.44 -20.31
CA ASN A 191 -11.92 10.58 -20.38
C ASN A 191 -11.23 9.22 -20.53
N PHE A 192 -11.23 8.43 -19.47
CA PHE A 192 -10.57 7.13 -19.48
C PHE A 192 -10.77 6.30 -20.73
N THR A 193 -12.02 6.17 -21.15
CA THR A 193 -12.34 5.35 -22.32
C THR A 193 -11.88 5.93 -23.64
N ARG A 194 -12.11 7.22 -23.87
CA ARG A 194 -11.68 7.82 -25.12
C ARG A 194 -10.17 7.83 -25.25
N ALA A 195 -9.47 8.06 -24.15
CA ALA A 195 -8.01 8.08 -24.19
C ALA A 195 -7.50 6.68 -24.55
N PHE A 196 -8.13 5.64 -24.01
CA PHE A 196 -7.71 4.28 -24.30
C PHE A 196 -8.02 3.93 -25.75
N GLU A 197 -9.16 4.40 -26.24
CA GLU A 197 -9.52 4.14 -27.63
C GLU A 197 -8.49 4.78 -28.55
N ARG A 198 -8.13 6.03 -28.26
CA ARG A 198 -7.14 6.73 -29.06
C ARG A 198 -5.83 5.93 -29.08
N TYR A 199 -5.44 5.42 -27.92
CA TYR A 199 -4.22 4.62 -27.79
C TYR A 199 -4.31 3.38 -28.66
N LEU A 200 -5.44 2.68 -28.56
CA LEU A 200 -5.64 1.46 -29.33
C LEU A 200 -5.55 1.69 -30.83
N SER A 201 -6.07 2.82 -31.30
CA SER A 201 -6.03 3.13 -32.72
C SER A 201 -4.59 3.34 -33.18
N ALA A 202 -3.83 4.09 -32.38
CA ALA A 202 -2.44 4.39 -32.71
C ALA A 202 -1.58 3.12 -32.67
N MET A 203 -1.80 2.27 -31.68
CA MET A 203 -1.05 1.04 -31.58
C MET A 203 -1.39 0.10 -32.74
N ALA A 204 -2.61 0.21 -33.23
CA ALA A 204 -3.01 -0.62 -34.37
C ALA A 204 -2.20 -0.23 -35.59
N GLU A 205 -1.94 1.07 -35.75
CA GLU A 205 -1.14 1.53 -36.89
C GLU A 205 0.28 1.01 -36.77
N ILE A 206 0.82 1.09 -35.56
CA ILE A 206 2.17 0.61 -35.31
C ILE A 206 2.25 -0.89 -35.59
N TYR A 207 1.20 -1.61 -35.21
CA TYR A 207 1.14 -3.05 -35.41
C TYR A 207 1.26 -3.40 -36.89
N LYS A 208 0.67 -2.59 -37.75
CA LYS A 208 0.73 -2.81 -39.19
C LYS A 208 2.15 -2.69 -39.73
N GLY A 209 3.02 -2.02 -38.99
CA GLY A 209 4.39 -1.85 -39.44
C GLY A 209 5.33 -2.96 -39.01
N LEU A 210 4.80 -3.94 -38.29
CA LEU A 210 5.60 -5.06 -37.79
C LEU A 210 5.95 -6.13 -38.81
N PRO A 211 7.25 -6.50 -38.89
CA PRO A 211 7.66 -7.55 -39.83
C PRO A 211 6.96 -8.83 -39.36
N ASP A 212 6.90 -9.85 -40.23
CA ASP A 212 6.23 -11.10 -39.89
C ASP A 212 6.79 -11.78 -38.64
N ASP A 213 8.10 -11.67 -38.43
CA ASP A 213 8.74 -12.32 -37.28
C ASP A 213 9.03 -11.39 -36.11
N TRP A 214 8.32 -10.27 -36.04
CA TRP A 214 8.50 -9.31 -34.95
C TRP A 214 7.38 -9.40 -33.93
N LYS A 215 7.60 -8.79 -32.77
CA LYS A 215 6.61 -8.75 -31.72
C LYS A 215 6.51 -7.32 -31.22
N LEU A 216 5.33 -6.96 -30.73
CA LEU A 216 5.09 -5.63 -30.19
C LEU A 216 4.72 -5.83 -28.72
N PHE A 217 5.51 -5.25 -27.83
CA PHE A 217 5.27 -5.39 -26.40
C PHE A 217 4.77 -4.10 -25.76
N SER A 218 3.57 -4.14 -25.16
CA SER A 218 3.06 -2.97 -24.47
C SER A 218 3.38 -3.18 -22.99
N GLU A 219 3.79 -2.13 -22.30
CA GLU A 219 4.17 -2.21 -20.90
C GLU A 219 3.28 -1.38 -19.99
N HIS A 220 2.64 -2.03 -19.02
CA HIS A 220 1.77 -1.32 -18.10
C HIS A 220 2.57 -0.77 -16.93
N LYS A 221 2.02 0.28 -16.31
CA LYS A 221 2.64 0.91 -15.15
C LYS A 221 1.52 1.62 -14.39
N MET A 222 1.43 1.35 -13.09
CA MET A 222 0.37 1.95 -12.27
C MET A 222 0.39 3.47 -12.24
N TYR A 223 1.57 4.05 -12.07
CA TYR A 223 1.70 5.50 -12.02
C TYR A 223 3.14 5.93 -12.29
N GLU A 224 3.32 7.23 -12.48
CA GLU A 224 4.61 7.86 -12.77
C GLU A 224 4.94 7.67 -14.25
N PRO A 225 5.00 8.77 -15.02
CA PRO A 225 4.79 10.17 -14.64
C PRO A 225 3.37 10.67 -14.33
N ALA A 226 2.35 9.89 -14.66
CA ALA A 226 0.97 10.32 -14.38
C ALA A 226 0.61 9.93 -12.95
N PHE A 227 0.13 10.90 -12.17
CA PHE A 227 -0.19 10.64 -10.77
C PHE A 227 -1.65 10.48 -10.34
N TYR A 228 -2.57 10.44 -11.30
CA TYR A 228 -3.97 10.19 -10.95
C TYR A 228 -4.40 8.94 -11.74
N SER A 229 -4.22 8.97 -13.05
CA SER A 229 -4.58 7.81 -13.87
C SER A 229 -3.54 7.65 -14.98
N THR A 230 -3.36 6.41 -15.42
CA THR A 230 -2.43 6.08 -16.49
C THR A 230 -3.22 5.24 -17.49
N VAL A 231 -3.07 5.53 -18.79
CA VAL A 231 -3.82 4.78 -19.80
C VAL A 231 -3.54 3.28 -19.70
N VAL A 232 -2.26 2.90 -19.77
CA VAL A 232 -1.90 1.48 -19.65
C VAL A 232 -1.45 1.32 -18.19
N GLN A 233 -2.42 1.30 -17.28
CA GLN A 233 -2.14 1.22 -15.85
C GLN A 233 -1.83 -0.13 -15.23
N ASP A 234 -2.42 -1.21 -15.73
CA ASP A 234 -2.14 -2.53 -15.18
C ASP A 234 -2.24 -3.64 -16.20
N TRP A 235 -1.98 -4.88 -15.76
CA TRP A 235 -2.00 -6.01 -16.67
C TRP A 235 -3.37 -6.30 -17.28
N GLY A 236 -4.43 -5.85 -16.62
CA GLY A 236 -5.77 -6.07 -17.17
C GLY A 236 -5.92 -5.28 -18.44
N THR A 237 -5.55 -4.00 -18.40
CA THR A 237 -5.65 -3.14 -19.57
C THR A 237 -4.64 -3.64 -20.60
N ASN A 238 -3.49 -4.09 -20.12
CA ASN A 238 -2.45 -4.57 -21.02
C ASN A 238 -2.95 -5.78 -21.79
N TYR A 239 -3.66 -6.69 -21.12
CA TYR A 239 -4.18 -7.87 -21.80
C TYR A 239 -5.17 -7.45 -22.89
N LEU A 240 -6.01 -6.45 -22.59
CA LEU A 240 -6.99 -5.98 -23.56
C LEU A 240 -6.28 -5.43 -24.79
N ILE A 241 -5.13 -4.80 -24.59
CA ILE A 241 -4.37 -4.25 -25.69
C ILE A 241 -3.84 -5.37 -26.58
N ALA A 242 -3.10 -6.30 -25.97
CA ALA A 242 -2.52 -7.42 -26.70
C ALA A 242 -3.58 -8.24 -27.43
N GLN A 243 -4.66 -8.55 -26.74
CA GLN A 243 -5.73 -9.34 -27.35
C GLN A 243 -6.36 -8.58 -28.52
N THR A 244 -6.49 -7.27 -28.37
CA THR A 244 -7.08 -6.44 -29.41
C THR A 244 -6.17 -6.31 -30.64
N LEU A 245 -4.90 -6.05 -30.40
CA LEU A 245 -3.94 -5.86 -31.51
C LEU A 245 -3.71 -7.08 -32.39
N GLY A 246 -3.47 -8.24 -31.78
CA GLY A 246 -3.24 -9.44 -32.59
C GLY A 246 -2.19 -10.38 -32.04
N PRO A 247 -1.91 -11.49 -32.74
CA PRO A 247 -0.93 -12.51 -32.35
C PRO A 247 0.48 -11.98 -32.07
N LYS A 248 0.88 -10.94 -32.79
CA LYS A 248 2.22 -10.37 -32.61
C LYS A 248 2.35 -9.46 -31.40
N ALA A 249 1.22 -9.09 -30.80
CA ALA A 249 1.22 -8.20 -29.64
C ALA A 249 1.14 -8.96 -28.31
N GLN A 250 2.08 -8.68 -27.40
CA GLN A 250 2.09 -9.33 -26.10
C GLN A 250 2.37 -8.29 -25.00
N CYS A 251 2.33 -8.74 -23.75
CA CYS A 251 2.53 -7.84 -22.61
C CYS A 251 3.86 -7.96 -21.90
N LEU A 252 4.43 -6.81 -21.54
CA LEU A 252 5.68 -6.77 -20.82
C LEU A 252 5.39 -6.47 -19.36
N VAL A 253 5.94 -7.29 -18.48
CA VAL A 253 5.75 -7.14 -17.04
C VAL A 253 7.02 -6.60 -16.38
N ASP A 254 6.96 -5.37 -15.88
CA ASP A 254 8.09 -4.74 -15.21
C ASP A 254 7.77 -4.88 -13.72
N LEU A 255 8.59 -5.65 -13.02
CA LEU A 255 8.38 -5.90 -11.60
C LEU A 255 7.99 -4.70 -10.71
N GLY A 256 8.62 -3.55 -10.92
CA GLY A 256 8.30 -2.40 -10.08
C GLY A 256 7.12 -1.56 -10.48
N HIS A 257 6.31 -2.03 -11.42
CA HIS A 257 5.17 -1.25 -11.90
C HIS A 257 3.80 -1.65 -11.36
N HIS A 258 3.77 -2.32 -10.22
CA HIS A 258 2.49 -2.77 -9.67
C HIS A 258 2.13 -2.16 -8.32
N ALA A 259 0.83 -2.13 -8.02
CA ALA A 259 0.33 -1.59 -6.77
C ALA A 259 0.93 -2.33 -5.58
N PRO A 260 1.00 -1.67 -4.41
CA PRO A 260 1.57 -2.32 -3.23
C PRO A 260 0.93 -3.67 -2.94
N ASN A 261 1.76 -4.63 -2.56
CA ASN A 261 1.33 -5.98 -2.21
C ASN A 261 0.79 -6.86 -3.33
N THR A 262 0.78 -6.34 -4.55
CA THR A 262 0.29 -7.11 -5.70
C THR A 262 0.97 -8.48 -5.79
N ASN A 263 0.24 -9.52 -6.18
CA ASN A 263 0.88 -10.81 -6.35
C ASN A 263 1.33 -10.80 -7.81
N ILE A 264 2.58 -10.42 -8.03
CA ILE A 264 3.11 -10.33 -9.37
C ILE A 264 3.30 -11.66 -10.09
N GLU A 265 3.73 -12.69 -9.35
CA GLU A 265 3.93 -13.99 -9.99
C GLU A 265 2.63 -14.54 -10.55
N MET A 266 1.49 -14.18 -9.96
CA MET A 266 0.22 -14.66 -10.49
C MET A 266 -0.08 -13.98 -11.82
N ILE A 267 0.28 -12.71 -11.93
CA ILE A 267 0.04 -11.98 -13.17
C ILE A 267 0.82 -12.68 -14.29
N VAL A 268 2.04 -13.10 -13.96
CA VAL A 268 2.89 -13.80 -14.91
C VAL A 268 2.20 -15.08 -15.37
N ALA A 269 1.69 -15.86 -14.42
CA ALA A 269 0.99 -17.11 -14.73
C ALA A 269 -0.24 -16.89 -15.61
N ARG A 270 -1.01 -15.86 -15.30
CA ARG A 270 -2.22 -15.53 -16.06
C ARG A 270 -1.91 -15.16 -17.51
N LEU A 271 -0.88 -14.33 -17.70
CA LEU A 271 -0.49 -13.93 -19.04
C LEU A 271 0.01 -15.11 -19.86
N ILE A 272 0.74 -16.00 -19.20
CA ILE A 272 1.26 -17.19 -19.88
C ILE A 272 0.09 -18.07 -20.31
N GLN A 273 -0.87 -18.27 -19.41
CA GLN A 273 -2.02 -19.11 -19.71
C GLN A 273 -2.73 -18.64 -20.98
N PHE A 274 -2.82 -17.33 -21.16
CA PHE A 274 -3.49 -16.78 -22.33
C PHE A 274 -2.52 -16.35 -23.44
N GLY A 275 -1.30 -16.90 -23.36
CA GLY A 275 -0.28 -16.62 -24.35
C GLY A 275 0.08 -15.17 -24.64
N LYS A 276 0.00 -14.31 -23.63
CA LYS A 276 0.35 -12.92 -23.85
C LYS A 276 1.51 -12.40 -22.99
N LEU A 277 2.35 -13.31 -22.51
CA LEU A 277 3.50 -12.88 -21.72
C LEU A 277 4.64 -12.66 -22.71
N GLY A 278 4.84 -11.40 -23.10
CA GLY A 278 5.88 -11.09 -24.06
C GLY A 278 7.27 -11.08 -23.45
N GLY A 279 7.40 -10.52 -22.26
CA GLY A 279 8.70 -10.45 -21.64
C GLY A 279 8.71 -9.80 -20.28
N PHE A 280 9.91 -9.66 -19.73
CA PHE A 280 10.11 -9.08 -18.41
C PHE A 280 11.11 -7.95 -18.35
N HIS A 281 10.89 -7.06 -17.39
CA HIS A 281 11.79 -5.98 -17.11
C HIS A 281 12.12 -6.28 -15.65
N PHE A 282 13.34 -6.72 -15.41
CA PHE A 282 13.79 -7.08 -14.07
C PHE A 282 14.41 -5.92 -13.31
N ASN A 283 14.13 -5.89 -12.02
CA ASN A 283 14.65 -4.90 -11.09
C ASN A 283 14.01 -5.24 -9.76
N ASP A 284 14.33 -4.49 -8.71
CA ASP A 284 13.71 -4.75 -7.43
C ASP A 284 13.20 -3.42 -6.89
N SER A 285 12.36 -3.50 -5.86
CA SER A 285 11.80 -2.29 -5.28
C SER A 285 11.22 -2.57 -3.91
N LYS A 286 10.93 -1.49 -3.18
CA LYS A 286 10.35 -1.59 -1.86
C LYS A 286 9.15 -0.66 -1.74
N TYR A 287 9.24 0.50 -2.40
CA TYR A 287 8.18 1.51 -2.32
C TYR A 287 7.36 1.75 -3.60
N GLY A 288 8.05 2.14 -4.67
CA GLY A 288 7.38 2.37 -5.94
C GLY A 288 8.22 1.75 -7.05
N ASP A 289 8.33 2.44 -8.19
CA ASP A 289 9.15 1.92 -9.30
C ASP A 289 10.58 2.33 -8.96
N ASP A 290 11.11 1.76 -7.89
CA ASP A 290 12.44 2.09 -7.40
C ASP A 290 13.61 1.77 -8.33
N ASP A 291 13.42 0.82 -9.24
CA ASP A 291 14.46 0.45 -10.19
C ASP A 291 15.78 0.03 -9.54
N LEU A 292 15.69 -0.71 -8.45
CA LEU A 292 16.88 -1.17 -7.73
C LEU A 292 17.43 -2.46 -8.36
N ASP A 293 18.65 -2.81 -7.98
CA ASP A 293 19.29 -4.02 -8.49
C ASP A 293 18.41 -5.23 -8.21
N ALA A 294 18.11 -6.01 -9.25
CA ALA A 294 17.26 -7.18 -9.10
C ALA A 294 17.70 -8.07 -7.92
N GLY A 295 16.72 -8.49 -7.12
CA GLY A 295 17.01 -9.36 -5.99
C GLY A 295 17.66 -8.75 -4.76
N ALA A 296 18.03 -7.47 -4.82
CA ALA A 296 18.66 -6.81 -3.67
C ALA A 296 17.71 -6.55 -2.51
N ILE A 297 16.41 -6.54 -2.79
CA ILE A 297 15.39 -6.27 -1.78
C ILE A 297 14.53 -7.50 -1.44
N GLU A 298 13.98 -8.15 -2.46
CA GLU A 298 13.14 -9.32 -2.26
C GLU A 298 13.55 -10.47 -3.17
N PRO A 299 14.62 -11.18 -2.82
CA PRO A 299 15.10 -12.30 -3.64
C PRO A 299 14.08 -13.43 -3.78
N TYR A 300 13.25 -13.66 -2.77
CA TYR A 300 12.28 -14.76 -2.86
C TYR A 300 11.24 -14.47 -3.95
N ARG A 301 10.74 -13.24 -3.99
CA ARG A 301 9.76 -12.85 -4.99
C ARG A 301 10.30 -13.12 -6.40
N LEU A 302 11.58 -12.81 -6.59
CA LEU A 302 12.23 -13.03 -7.88
C LEU A 302 12.23 -14.52 -8.19
N PHE A 303 12.53 -15.33 -7.18
CA PHE A 303 12.53 -16.77 -7.34
C PHE A 303 11.12 -17.26 -7.71
N LEU A 304 10.10 -16.69 -7.06
CA LEU A 304 8.73 -17.10 -7.33
C LEU A 304 8.27 -16.75 -8.74
N VAL A 305 8.79 -15.66 -9.30
CA VAL A 305 8.42 -15.32 -10.67
C VAL A 305 9.04 -16.38 -11.57
N PHE A 306 10.31 -16.71 -11.31
CA PHE A 306 10.96 -17.72 -12.13
C PHE A 306 10.31 -19.10 -11.96
N ASN A 307 9.77 -19.36 -10.78
CA ASN A 307 9.08 -20.62 -10.54
C ASN A 307 7.92 -20.73 -11.53
N GLU A 308 7.26 -19.61 -11.82
CA GLU A 308 6.14 -19.63 -12.78
C GLU A 308 6.67 -19.85 -14.19
N LEU A 309 7.83 -19.28 -14.49
CA LEU A 309 8.42 -19.43 -15.82
C LEU A 309 8.84 -20.88 -16.06
N VAL A 310 9.45 -21.49 -15.05
CA VAL A 310 9.89 -22.88 -15.17
C VAL A 310 8.69 -23.83 -15.21
N ASP A 311 7.66 -23.53 -14.43
CA ASP A 311 6.49 -24.40 -14.41
C ASP A 311 5.84 -24.45 -15.79
N ALA A 312 5.89 -23.33 -16.50
CA ALA A 312 5.32 -23.25 -17.84
C ALA A 312 5.98 -24.31 -18.72
N GLU A 313 7.29 -24.45 -18.57
CA GLU A 313 8.06 -25.42 -19.33
C GLU A 313 7.60 -26.82 -18.90
N ALA A 314 7.53 -27.04 -17.59
CA ALA A 314 7.11 -28.31 -17.05
C ALA A 314 5.73 -28.72 -17.60
N ARG A 315 4.84 -27.74 -17.73
CA ARG A 315 3.49 -27.98 -18.23
C ARG A 315 3.45 -28.16 -19.75
N GLY A 316 4.58 -27.88 -20.40
CA GLY A 316 4.65 -28.04 -21.84
C GLY A 316 4.06 -26.92 -22.67
N VAL A 317 4.01 -25.71 -22.12
CA VAL A 317 3.46 -24.58 -22.86
C VAL A 317 4.27 -24.42 -24.16
N LYS A 318 3.58 -24.32 -25.29
CA LYS A 318 4.24 -24.20 -26.58
C LYS A 318 4.59 -22.79 -27.04
N GLY A 319 5.68 -22.69 -27.82
CA GLY A 319 6.15 -21.43 -28.34
C GLY A 319 6.36 -20.34 -27.31
N PHE A 320 6.76 -20.75 -26.10
CA PHE A 320 6.98 -19.81 -25.01
C PHE A 320 8.43 -19.34 -24.92
N HIS A 321 8.69 -18.16 -25.49
CA HIS A 321 10.04 -17.60 -25.46
C HIS A 321 9.96 -16.14 -25.02
N PRO A 322 9.67 -15.90 -23.74
CA PRO A 322 9.57 -14.53 -23.23
C PRO A 322 10.90 -13.78 -23.34
N ALA A 323 10.83 -12.50 -23.68
CA ALA A 323 12.03 -11.68 -23.79
C ALA A 323 12.39 -11.23 -22.38
N HIS A 324 13.67 -11.35 -22.03
CA HIS A 324 14.11 -10.95 -20.71
C HIS A 324 15.08 -9.78 -20.76
N MET A 325 14.76 -8.73 -19.99
CA MET A 325 15.62 -7.55 -19.95
C MET A 325 15.69 -6.94 -18.56
N ILE A 326 16.85 -6.39 -18.23
CA ILE A 326 17.04 -5.72 -16.96
C ILE A 326 16.68 -4.28 -17.26
N ASN A 327 15.90 -3.66 -16.37
CA ASN A 327 15.53 -2.25 -16.54
C ASN A 327 15.70 -1.63 -15.16
N GLN A 328 16.88 -1.06 -14.92
CA GLN A 328 17.18 -0.48 -13.63
C GLN A 328 17.83 0.89 -13.73
N SER A 329 17.94 1.54 -12.58
CA SER A 329 18.57 2.84 -12.46
C SER A 329 19.59 2.71 -11.35
N HIS A 330 20.84 3.02 -11.66
CA HIS A 330 21.91 2.91 -10.69
C HIS A 330 22.34 4.31 -10.24
N ASN A 331 21.77 4.73 -9.11
CA ASN A 331 22.01 6.06 -8.58
C ASN A 331 23.14 6.18 -7.55
N VAL A 332 23.49 5.09 -6.89
CA VAL A 332 24.53 5.17 -5.87
C VAL A 332 25.61 4.08 -5.95
N THR A 333 25.80 3.52 -7.13
CA THR A 333 26.81 2.49 -7.31
C THR A 333 27.39 2.62 -8.71
N ASP A 334 28.41 1.83 -9.00
CA ASP A 334 29.02 1.81 -10.32
C ASP A 334 28.01 1.02 -11.14
N PRO A 335 27.38 1.65 -12.15
CA PRO A 335 26.39 0.99 -12.99
C PRO A 335 26.80 -0.38 -13.51
N ILE A 336 28.06 -0.50 -13.93
CA ILE A 336 28.57 -1.76 -14.45
C ILE A 336 28.52 -2.86 -13.41
N GLU A 337 28.94 -2.54 -12.19
CA GLU A 337 28.94 -3.50 -11.08
C GLU A 337 27.52 -3.91 -10.70
N SER A 338 26.59 -2.96 -10.68
CA SER A 338 25.20 -3.30 -10.33
C SER A 338 24.56 -4.18 -11.40
N LEU A 339 24.84 -3.88 -12.66
CA LEU A 339 24.28 -4.68 -13.74
C LEU A 339 24.85 -6.10 -13.69
N ILE A 340 26.12 -6.20 -13.33
CA ILE A 340 26.78 -7.49 -13.23
C ILE A 340 26.10 -8.35 -12.16
N ASN A 341 26.01 -7.82 -10.94
CA ASN A 341 25.40 -8.57 -9.84
C ASN A 341 23.90 -8.77 -10.02
N SER A 342 23.25 -7.86 -10.76
CA SER A 342 21.83 -7.99 -11.02
C SER A 342 21.63 -9.17 -11.97
N ALA A 343 22.48 -9.25 -12.99
CA ALA A 343 22.40 -10.35 -13.94
C ALA A 343 22.65 -11.65 -13.20
N ASN A 344 23.53 -11.59 -12.19
CA ASN A 344 23.85 -12.77 -11.39
C ASN A 344 22.63 -13.19 -10.55
N GLU A 345 21.93 -12.23 -9.96
CA GLU A 345 20.75 -12.55 -9.15
C GLU A 345 19.66 -13.20 -9.98
N ILE A 346 19.50 -12.72 -11.20
CA ILE A 346 18.49 -13.27 -12.09
C ILE A 346 18.82 -14.73 -12.43
N ARG A 347 20.09 -15.01 -12.71
CA ARG A 347 20.50 -16.38 -13.00
C ARG A 347 20.36 -17.23 -11.74
N ARG A 348 20.61 -16.61 -10.59
CA ARG A 348 20.52 -17.30 -9.30
C ARG A 348 19.09 -17.82 -9.07
N ALA A 349 18.11 -16.93 -9.25
CA ALA A 349 16.71 -17.28 -9.07
C ALA A 349 16.29 -18.33 -10.08
N TYR A 350 16.78 -18.17 -11.31
CA TYR A 350 16.46 -19.12 -12.38
C TYR A 350 16.99 -20.51 -12.00
N ALA A 351 18.24 -20.57 -11.57
CA ALA A 351 18.85 -21.85 -11.19
C ALA A 351 18.08 -22.52 -10.06
N GLN A 352 17.70 -21.75 -9.04
CA GLN A 352 16.96 -22.33 -7.92
C GLN A 352 15.60 -22.83 -8.41
N ALA A 353 14.96 -22.11 -9.32
CA ALA A 353 13.67 -22.55 -9.83
C ALA A 353 13.82 -23.90 -10.54
N LEU A 354 14.98 -24.12 -11.14
CA LEU A 354 15.25 -25.39 -11.83
C LEU A 354 15.42 -26.55 -10.86
N LEU A 355 15.77 -26.23 -9.61
CA LEU A 355 15.98 -27.26 -8.59
C LEU A 355 14.69 -27.78 -7.96
N VAL A 356 13.59 -27.07 -8.14
CA VAL A 356 12.32 -27.50 -7.57
C VAL A 356 11.92 -28.90 -8.03
N ASP A 357 11.63 -29.77 -7.07
CA ASP A 357 11.21 -31.14 -7.37
C ASP A 357 9.74 -31.03 -7.77
N ARG A 358 9.50 -30.87 -9.07
CA ARG A 358 8.16 -30.71 -9.62
C ARG A 358 7.26 -31.91 -9.36
N ALA A 359 7.83 -33.11 -9.36
CA ALA A 359 7.06 -34.33 -9.13
C ALA A 359 6.48 -34.27 -7.71
N ALA A 360 7.33 -33.99 -6.73
CA ALA A 360 6.91 -33.89 -5.35
C ALA A 360 5.90 -32.76 -5.18
N LEU A 361 6.18 -31.63 -5.83
CA LEU A 361 5.30 -30.47 -5.74
C LEU A 361 3.89 -30.76 -6.27
N SER A 362 3.79 -31.38 -7.43
CA SER A 362 2.48 -31.70 -8.00
C SER A 362 1.68 -32.60 -7.06
N GLY A 363 2.38 -33.51 -6.38
CA GLY A 363 1.72 -34.40 -5.45
C GLY A 363 1.20 -33.64 -4.24
N TYR A 364 2.01 -32.73 -3.70
CA TYR A 364 1.59 -31.96 -2.55
C TYR A 364 0.47 -31.00 -2.91
N GLN A 365 0.45 -30.53 -4.15
CA GLN A 365 -0.61 -29.63 -4.58
C GLN A 365 -1.92 -30.40 -4.69
N GLU A 366 -1.88 -31.59 -5.27
CA GLU A 366 -3.09 -32.38 -5.41
C GLU A 366 -3.68 -32.81 -4.08
N ASP A 367 -2.82 -33.12 -3.11
CA ASP A 367 -3.27 -33.55 -1.79
C ASP A 367 -3.51 -32.37 -0.85
N ASN A 368 -3.41 -31.16 -1.38
CA ASN A 368 -3.59 -29.94 -0.58
C ASN A 368 -2.72 -29.94 0.67
N ASP A 369 -1.48 -30.40 0.53
CA ASP A 369 -0.51 -30.42 1.62
C ASP A 369 0.25 -29.11 1.47
N ALA A 370 -0.37 -28.02 1.91
CA ALA A 370 0.21 -26.69 1.80
C ALA A 370 1.60 -26.54 2.40
N LEU A 371 1.81 -27.12 3.58
CA LEU A 371 3.11 -27.00 4.24
C LEU A 371 4.25 -27.64 3.44
N MET A 372 4.05 -28.89 2.99
CA MET A 372 5.09 -29.56 2.23
C MET A 372 5.25 -28.95 0.83
N ALA A 373 4.18 -28.37 0.30
CA ALA A 373 4.25 -27.76 -1.02
C ALA A 373 5.18 -26.55 -0.95
N THR A 374 4.99 -25.74 0.08
CA THR A 374 5.82 -24.54 0.24
C THR A 374 7.26 -24.90 0.63
N GLU A 375 7.41 -25.95 1.44
CA GLU A 375 8.74 -26.40 1.84
C GLU A 375 9.48 -26.97 0.64
N THR A 376 8.74 -27.49 -0.34
CA THR A 376 9.35 -28.04 -1.54
C THR A 376 9.97 -26.89 -2.32
N LEU A 377 9.27 -25.77 -2.37
CA LEU A 377 9.77 -24.59 -3.06
C LEU A 377 10.98 -24.06 -2.29
N LYS A 378 10.88 -24.04 -0.97
CA LYS A 378 11.97 -23.56 -0.13
C LYS A 378 13.25 -24.40 -0.22
N ARG A 379 13.12 -25.71 -0.35
CA ARG A 379 14.30 -26.56 -0.46
C ARG A 379 15.13 -26.15 -1.67
N ALA A 380 14.46 -25.65 -2.71
CA ALA A 380 15.14 -25.21 -3.91
C ALA A 380 15.73 -23.82 -3.70
N TYR A 381 14.88 -22.90 -3.23
CA TYR A 381 15.30 -21.53 -2.99
C TYR A 381 16.43 -21.38 -1.96
N ARG A 382 16.40 -22.21 -0.92
CA ARG A 382 17.42 -22.16 0.12
C ARG A 382 18.79 -22.64 -0.34
N THR A 383 18.82 -23.35 -1.47
CA THR A 383 20.08 -23.87 -1.99
C THR A 383 20.98 -22.76 -2.51
N ASP A 384 22.21 -22.70 -2.02
CA ASP A 384 23.17 -21.70 -2.48
C ASP A 384 23.73 -22.15 -3.82
N VAL A 385 23.20 -21.60 -4.90
CA VAL A 385 23.65 -21.97 -6.23
C VAL A 385 24.81 -21.16 -6.79
N GLU A 386 25.45 -20.35 -5.94
CA GLU A 386 26.57 -19.54 -6.42
C GLU A 386 27.65 -20.37 -7.11
N PRO A 387 27.97 -21.56 -6.57
CA PRO A 387 29.00 -22.37 -7.23
C PRO A 387 28.60 -22.70 -8.67
N ILE A 388 27.31 -22.93 -8.89
CA ILE A 388 26.81 -23.24 -10.22
C ILE A 388 26.97 -22.03 -11.15
N LEU A 389 26.59 -20.86 -10.65
CA LEU A 389 26.72 -19.63 -11.44
C LEU A 389 28.18 -19.35 -11.78
N ALA A 390 29.06 -19.54 -10.79
CA ALA A 390 30.49 -19.31 -10.98
C ALA A 390 31.11 -20.26 -12.00
N GLU A 391 30.75 -21.54 -11.92
CA GLU A 391 31.29 -22.52 -12.85
C GLU A 391 30.79 -22.24 -14.27
N ALA A 392 29.53 -21.85 -14.40
CA ALA A 392 28.96 -21.54 -15.71
C ALA A 392 29.79 -20.42 -16.34
N ARG A 393 30.20 -19.46 -15.52
CA ARG A 393 31.02 -18.35 -16.02
C ARG A 393 32.41 -18.84 -16.42
N ARG A 394 33.05 -19.61 -15.54
CA ARG A 394 34.39 -20.14 -15.82
C ARG A 394 34.44 -20.87 -17.16
N ARG A 395 33.45 -21.73 -17.39
CA ARG A 395 33.38 -22.52 -18.62
C ARG A 395 33.15 -21.70 -19.88
N THR A 396 32.50 -20.55 -19.75
CA THR A 396 32.18 -19.73 -20.91
C THR A 396 33.07 -18.52 -21.13
N GLY A 397 34.18 -18.45 -20.40
CA GLY A 397 35.10 -17.33 -20.55
C GLY A 397 34.84 -16.13 -19.67
N GLY A 398 34.02 -16.33 -18.64
CA GLY A 398 33.70 -15.26 -17.72
C GLY A 398 34.52 -15.34 -16.46
N ALA A 399 34.19 -14.51 -15.47
CA ALA A 399 34.91 -14.49 -14.21
C ALA A 399 34.18 -15.19 -13.08
N VAL A 400 34.91 -15.94 -12.27
CA VAL A 400 34.32 -16.63 -11.13
C VAL A 400 33.66 -15.61 -10.22
N ASP A 401 34.35 -14.50 -9.98
CA ASP A 401 33.81 -13.40 -9.16
C ASP A 401 33.91 -12.18 -10.06
N PRO A 402 32.86 -11.90 -10.85
CA PRO A 402 32.75 -10.79 -11.79
C PRO A 402 33.13 -9.39 -11.26
N VAL A 403 32.53 -8.98 -10.14
CA VAL A 403 32.84 -7.66 -9.62
C VAL A 403 34.28 -7.54 -9.11
N ALA A 404 34.78 -8.58 -8.46
CA ALA A 404 36.15 -8.55 -7.96
C ALA A 404 37.11 -8.43 -9.15
N THR A 405 36.81 -9.14 -10.23
CA THR A 405 37.66 -9.10 -11.42
C THR A 405 37.57 -7.73 -12.10
N TYR A 406 36.37 -7.16 -12.14
CA TYR A 406 36.16 -5.83 -12.72
C TYR A 406 37.03 -4.82 -11.97
N ARG A 407 36.99 -4.88 -10.64
CA ARG A 407 37.77 -3.97 -9.81
C ARG A 407 39.27 -4.20 -9.96
N ALA A 408 39.66 -5.45 -10.11
CA ALA A 408 41.08 -5.77 -10.27
C ALA A 408 41.62 -5.25 -11.59
N SER A 409 40.76 -5.14 -12.59
CA SER A 409 41.16 -4.68 -13.93
C SER A 409 41.42 -3.17 -14.04
N GLY A 410 40.82 -2.39 -13.14
CA GLY A 410 41.01 -0.95 -13.18
C GLY A 410 40.27 -0.28 -14.32
N TYR A 411 39.24 -0.95 -14.84
CA TYR A 411 38.45 -0.45 -15.95
C TYR A 411 37.83 0.92 -15.71
N ARG A 412 37.19 1.11 -14.56
CA ARG A 412 36.55 2.40 -14.26
C ARG A 412 37.55 3.54 -14.32
N ALA A 413 38.72 3.37 -13.71
CA ALA A 413 39.74 4.41 -13.72
C ALA A 413 40.18 4.65 -15.15
N ARG A 414 40.26 3.58 -15.93
CA ARG A 414 40.66 3.67 -17.33
C ARG A 414 39.70 4.56 -18.11
N VAL A 415 38.41 4.21 -18.10
CA VAL A 415 37.44 5.02 -18.84
C VAL A 415 37.27 6.43 -18.28
N ALA A 416 37.50 6.61 -16.98
CA ALA A 416 37.37 7.93 -16.39
C ALA A 416 38.40 8.87 -17.01
N ALA A 417 39.57 8.34 -17.35
CA ALA A 417 40.64 9.13 -17.95
C ALA A 417 40.40 9.36 -19.45
N GLU A 418 39.67 8.44 -20.07
CA GLU A 418 39.38 8.56 -21.50
C GLU A 418 38.17 9.44 -21.80
N ARG A 419 37.18 9.42 -20.91
CA ARG A 419 35.96 10.17 -21.13
C ARG A 419 35.86 11.50 -20.40
N PRO A 420 35.52 12.57 -21.13
CA PRO A 420 35.39 13.89 -20.52
C PRO A 420 34.00 14.01 -19.91
N ALA A 421 33.93 14.50 -18.68
CA ALA A 421 32.64 14.65 -18.01
C ALA A 421 31.94 15.89 -18.57
N SER A 422 30.62 15.80 -18.72
CA SER A 422 29.85 16.93 -19.24
C SER A 422 29.98 18.11 -18.29
N VAL A 423 30.06 19.31 -18.86
CA VAL A 423 30.21 20.52 -18.06
C VAL A 423 28.95 21.36 -18.03
N ALA A 424 28.13 21.26 -19.08
CA ALA A 424 26.90 22.03 -19.16
C ALA A 424 25.69 21.13 -19.40
N PHE B 4 0.89 46.73 -9.08
CA PHE B 4 0.05 45.49 -9.05
C PHE B 4 0.31 44.63 -10.27
N ARG B 5 0.58 43.35 -10.05
CA ARG B 5 0.83 42.43 -11.16
C ARG B 5 -0.42 42.34 -12.03
N ILE B 6 -1.59 42.34 -11.41
CA ILE B 6 -2.85 42.29 -12.12
C ILE B 6 -3.53 43.65 -12.05
N ALA B 7 -3.97 44.17 -13.19
CA ALA B 7 -4.61 45.48 -13.24
C ALA B 7 -5.85 45.55 -12.35
N GLN B 8 -5.90 46.58 -11.50
CA GLN B 8 -7.03 46.76 -10.60
C GLN B 8 -8.36 46.81 -11.33
N ASP B 9 -8.39 47.45 -12.50
CA ASP B 9 -9.64 47.56 -13.26
C ASP B 9 -10.16 46.18 -13.68
N VAL B 10 -9.25 45.24 -13.93
CA VAL B 10 -9.65 43.90 -14.33
C VAL B 10 -10.25 43.17 -13.13
N VAL B 11 -9.63 43.32 -11.96
CA VAL B 11 -10.12 42.68 -10.75
C VAL B 11 -11.51 43.20 -10.40
N ALA B 12 -11.68 44.52 -10.48
CA ALA B 12 -12.96 45.13 -10.18
C ALA B 12 -14.02 44.66 -11.17
N ARG B 13 -13.65 44.63 -12.45
CA ARG B 13 -14.57 44.22 -13.50
C ARG B 13 -15.02 42.77 -13.35
N GLU B 14 -14.08 41.88 -13.09
CA GLU B 14 -14.42 40.47 -12.93
C GLU B 14 -15.16 40.20 -11.62
N ASN B 15 -15.05 41.12 -10.67
CA ASN B 15 -15.76 40.96 -9.40
C ASN B 15 -17.21 41.41 -9.57
N ASP B 16 -17.40 42.57 -10.21
CA ASP B 16 -18.73 43.09 -10.43
C ASP B 16 -19.55 42.11 -11.27
N ARG B 17 -18.88 41.45 -12.21
CA ARG B 17 -19.52 40.48 -13.09
C ARG B 17 -20.09 39.30 -12.31
N ARG B 18 -19.55 39.05 -11.13
CA ARG B 18 -19.99 37.93 -10.31
C ARG B 18 -20.60 38.33 -8.97
N ALA B 19 -20.70 39.64 -8.74
CA ALA B 19 -21.24 40.16 -7.50
C ALA B 19 -22.68 39.76 -7.18
N SER B 20 -23.57 39.85 -8.18
CA SER B 20 -24.97 39.52 -7.97
C SER B 20 -25.17 38.08 -7.49
N ALA B 21 -24.65 37.13 -8.25
CA ALA B 21 -24.77 35.72 -7.87
C ALA B 21 -24.15 35.46 -6.51
N LEU B 22 -23.01 36.07 -6.24
CA LEU B 22 -22.33 35.91 -4.96
C LEU B 22 -23.21 36.39 -3.82
N LYS B 23 -23.86 37.53 -4.03
CA LYS B 23 -24.75 38.08 -3.00
C LYS B 23 -25.83 37.06 -2.67
N GLU B 24 -26.42 36.48 -3.70
CA GLU B 24 -27.46 35.48 -3.50
C GLU B 24 -26.96 34.28 -2.72
N ASP B 25 -25.85 33.70 -3.17
CA ASP B 25 -25.29 32.52 -2.51
C ASP B 25 -24.82 32.78 -1.08
N TYR B 26 -24.14 33.90 -0.86
CA TYR B 26 -23.65 34.24 0.47
C TYR B 26 -24.80 34.42 1.44
N GLU B 27 -25.85 35.11 1.00
CA GLU B 27 -27.01 35.34 1.84
C GLU B 27 -27.73 34.04 2.14
N ALA B 28 -27.88 33.19 1.12
CA ALA B 28 -28.54 31.91 1.30
C ALA B 28 -27.77 31.05 2.30
N LEU B 29 -26.45 31.01 2.16
CA LEU B 29 -25.61 30.23 3.07
C LEU B 29 -25.65 30.85 4.47
N GLY B 30 -25.70 32.17 4.52
CA GLY B 30 -25.73 32.85 5.81
C GLY B 30 -27.01 32.48 6.55
N ALA B 31 -28.10 32.30 5.79
CA ALA B 31 -29.39 31.93 6.36
C ALA B 31 -29.37 30.49 6.85
N ASN B 32 -28.89 29.59 5.99
CA ASN B 32 -28.79 28.18 6.34
C ASN B 32 -27.93 28.00 7.58
N LEU B 33 -26.82 28.73 7.65
CA LEU B 33 -25.93 28.65 8.80
C LEU B 33 -26.63 29.20 10.05
N ALA B 34 -27.40 30.27 9.86
CA ALA B 34 -28.11 30.88 10.98
C ALA B 34 -29.08 29.86 11.59
N ARG B 35 -29.75 29.09 10.74
CA ARG B 35 -30.68 28.07 11.20
C ARG B 35 -29.91 26.98 11.94
N ARG B 36 -28.60 26.93 11.72
CA ARG B 36 -27.74 25.95 12.37
C ARG B 36 -27.05 26.55 13.59
N GLY B 37 -27.42 27.77 13.95
CA GLY B 37 -26.81 28.44 15.09
C GLY B 37 -25.42 28.97 14.82
N VAL B 38 -25.06 29.07 13.54
CA VAL B 38 -23.73 29.57 13.17
C VAL B 38 -23.80 30.95 12.53
N ASP B 39 -22.88 31.82 12.94
CA ASP B 39 -22.81 33.17 12.38
C ASP B 39 -21.78 33.18 11.27
N ILE B 40 -22.24 33.21 10.03
CA ILE B 40 -21.37 33.20 8.86
C ILE B 40 -20.26 34.25 8.94
N GLU B 41 -20.60 35.45 9.43
CA GLU B 41 -19.62 36.52 9.53
C GLU B 41 -18.40 36.15 10.37
N ALA B 42 -18.63 35.38 11.43
CA ALA B 42 -17.54 34.96 12.31
C ALA B 42 -16.61 34.04 11.54
N VAL B 43 -17.19 33.21 10.68
CA VAL B 43 -16.40 32.29 9.87
C VAL B 43 -15.62 33.06 8.81
N THR B 44 -16.30 33.98 8.14
CA THR B 44 -15.66 34.78 7.09
C THR B 44 -14.50 35.60 7.64
N ALA B 45 -14.68 36.17 8.84
CA ALA B 45 -13.63 36.98 9.45
C ALA B 45 -12.36 36.18 9.70
N LYS B 46 -12.52 34.90 10.05
CA LYS B 46 -11.36 34.03 10.31
C LYS B 46 -10.73 33.53 9.02
N VAL B 47 -11.57 33.22 8.04
CA VAL B 47 -11.09 32.73 6.75
C VAL B 47 -10.19 33.76 6.05
N GLU B 48 -10.61 35.03 6.05
CA GLU B 48 -9.80 36.04 5.39
C GLU B 48 -8.45 36.27 6.07
N LYS B 49 -8.26 35.64 7.23
CA LYS B 49 -7.02 35.76 7.98
C LYS B 49 -6.21 34.48 7.97
N PHE B 50 -6.71 33.44 7.31
CA PHE B 50 -5.97 32.18 7.25
C PHE B 50 -4.96 32.25 6.12
N PHE B 51 -3.68 32.17 6.46
CA PHE B 51 -2.65 32.25 5.43
C PHE B 51 -1.82 30.98 5.33
N VAL B 52 -1.28 30.74 4.14
CA VAL B 52 -0.43 29.58 3.88
C VAL B 52 0.69 30.08 2.98
N ALA B 53 1.93 29.75 3.33
CA ALA B 53 3.07 30.21 2.55
C ALA B 53 3.15 29.51 1.19
N VAL B 54 3.54 30.28 0.17
CA VAL B 54 3.69 29.75 -1.18
C VAL B 54 5.18 29.49 -1.40
N PRO B 55 5.53 28.32 -1.96
CA PRO B 55 6.94 27.99 -2.21
C PRO B 55 7.45 28.72 -3.45
N SER B 56 8.61 29.36 -3.34
CA SER B 56 9.17 30.08 -4.48
C SER B 56 9.36 29.17 -5.67
N TRP B 57 9.69 27.90 -5.39
CA TRP B 57 9.93 26.91 -6.44
C TRP B 57 8.64 26.31 -6.99
N GLY B 58 7.51 26.78 -6.48
CA GLY B 58 6.24 26.26 -6.93
C GLY B 58 5.66 26.95 -8.14
N VAL B 59 6.10 28.17 -8.43
CA VAL B 59 5.58 28.91 -9.57
C VAL B 59 6.18 28.51 -10.91
N GLY B 60 7.21 27.69 -10.87
CA GLY B 60 7.83 27.23 -12.10
C GLY B 60 7.19 25.89 -12.43
N THR B 61 7.17 25.49 -13.70
CA THR B 61 6.58 24.21 -14.06
C THR B 61 7.44 23.07 -13.52
N GLY B 62 6.80 22.08 -12.93
CA GLY B 62 7.54 20.95 -12.36
C GLY B 62 7.69 19.80 -13.34
N GLY B 63 8.46 18.80 -12.95
CA GLY B 63 8.68 17.66 -13.82
C GLY B 63 8.99 16.39 -13.04
N THR B 64 9.19 15.30 -13.77
CA THR B 64 9.51 14.01 -13.18
C THR B 64 10.90 13.61 -13.65
N ARG B 65 11.38 12.47 -13.19
CA ARG B 65 12.71 12.02 -13.61
C ARG B 65 12.72 11.65 -15.10
N PHE B 66 11.55 11.58 -15.72
CA PHE B 66 11.44 11.24 -17.13
C PHE B 66 11.40 12.45 -18.04
N ALA B 67 10.78 13.53 -17.59
CA ALA B 67 10.70 14.73 -18.41
C ALA B 67 10.11 15.94 -17.68
N ARG B 68 10.32 17.10 -18.29
CA ARG B 68 9.82 18.36 -17.78
C ARG B 68 9.31 19.08 -19.02
N PHE B 69 8.03 19.45 -19.01
CA PHE B 69 7.42 20.13 -20.14
C PHE B 69 7.04 21.54 -19.72
N PRO B 70 7.99 22.49 -19.83
CA PRO B 70 7.74 23.88 -19.45
C PRO B 70 6.64 24.54 -20.26
N GLY B 71 5.97 25.50 -19.63
CA GLY B 71 4.91 26.24 -20.31
C GLY B 71 5.53 27.55 -20.75
N THR B 72 4.70 28.52 -21.13
CA THR B 72 5.21 29.81 -21.56
C THR B 72 5.48 30.73 -20.37
N GLY B 73 6.38 31.70 -20.56
CA GLY B 73 6.69 32.65 -19.52
C GLY B 73 7.18 32.03 -18.21
N GLU B 74 8.02 31.00 -18.31
CA GLU B 74 8.55 30.36 -17.12
C GLU B 74 9.42 31.34 -16.35
N PRO B 75 9.19 31.46 -15.04
CA PRO B 75 9.99 32.38 -14.22
C PRO B 75 11.40 31.80 -14.02
N ARG B 76 12.41 32.64 -14.19
CA ARG B 76 13.80 32.21 -14.02
C ARG B 76 14.47 33.08 -12.96
N GLY B 77 14.84 32.48 -11.84
CA GLY B 77 15.45 33.25 -10.78
C GLY B 77 14.40 33.69 -9.77
N ILE B 78 14.83 34.00 -8.56
CA ILE B 78 13.90 34.40 -7.51
C ILE B 78 13.10 35.67 -7.79
N PHE B 79 13.64 36.58 -8.59
CA PHE B 79 12.92 37.81 -8.89
C PHE B 79 11.70 37.56 -9.78
N ASP B 80 11.85 36.71 -10.80
CA ASP B 80 10.71 36.39 -11.66
C ASP B 80 9.69 35.63 -10.83
N LYS B 81 10.20 34.72 -9.98
CA LYS B 81 9.33 33.90 -9.15
C LYS B 81 8.52 34.73 -8.17
N LEU B 82 9.17 35.71 -7.53
CA LEU B 82 8.47 36.57 -6.59
C LEU B 82 7.39 37.34 -7.33
N ASP B 83 7.69 37.76 -8.56
CA ASP B 83 6.71 38.48 -9.37
C ASP B 83 5.46 37.64 -9.58
N ASP B 84 5.63 36.34 -9.82
CA ASP B 84 4.48 35.47 -10.04
C ASP B 84 3.77 35.16 -8.72
N CYS B 85 4.54 35.00 -7.65
CA CYS B 85 3.95 34.72 -6.34
C CYS B 85 3.02 35.86 -5.95
N ALA B 86 3.41 37.09 -6.33
CA ALA B 86 2.62 38.27 -6.01
C ALA B 86 1.22 38.16 -6.62
N VAL B 87 1.13 37.52 -7.78
CA VAL B 87 -0.17 37.35 -8.45
C VAL B 87 -1.08 36.50 -7.59
N ILE B 88 -0.55 35.40 -7.06
CA ILE B 88 -1.32 34.50 -6.22
C ILE B 88 -1.84 35.23 -4.98
N GLN B 89 -0.99 36.06 -4.36
CA GLN B 89 -1.38 36.80 -3.17
C GLN B 89 -2.42 37.87 -3.48
N GLN B 90 -2.23 38.60 -4.57
CA GLN B 90 -3.18 39.65 -4.93
C GLN B 90 -4.57 39.10 -5.19
N LEU B 91 -4.65 37.97 -5.89
CA LEU B 91 -5.94 37.38 -6.23
C LEU B 91 -6.61 36.54 -5.14
N THR B 92 -5.83 35.84 -4.31
CA THR B 92 -6.42 35.01 -3.26
C THR B 92 -6.33 35.64 -1.87
N ARG B 93 -5.34 36.50 -1.67
CA ARG B 93 -5.13 37.17 -0.39
C ARG B 93 -4.88 36.12 0.70
N ALA B 94 -4.49 34.92 0.28
CA ALA B 94 -4.25 33.83 1.23
C ALA B 94 -2.78 33.41 1.30
N THR B 95 -1.94 34.06 0.50
CA THR B 95 -0.53 33.71 0.46
C THR B 95 0.39 34.92 0.53
N PRO B 96 0.35 35.67 1.64
CA PRO B 96 1.19 36.85 1.82
C PRO B 96 2.69 36.57 1.96
N ASN B 97 3.05 35.35 2.36
CA ASN B 97 4.46 35.02 2.54
C ASN B 97 4.97 33.95 1.59
N VAL B 98 6.23 34.10 1.20
CA VAL B 98 6.88 33.15 0.29
C VAL B 98 7.97 32.41 1.05
N SER B 99 8.15 31.15 0.71
CA SER B 99 9.17 30.33 1.34
C SER B 99 10.32 30.22 0.33
N LEU B 100 11.53 30.53 0.77
CA LEU B 100 12.70 30.49 -0.11
C LEU B 100 13.51 29.21 0.03
N HIS B 101 14.18 28.84 -1.05
CA HIS B 101 15.02 27.64 -1.07
C HIS B 101 16.43 28.05 -1.50
N ILE B 102 17.42 27.69 -0.69
CA ILE B 102 18.80 28.03 -0.97
C ILE B 102 19.51 26.75 -1.39
N PRO B 103 20.44 26.81 -2.37
CA PRO B 103 20.89 27.98 -3.11
C PRO B 103 20.08 28.43 -4.34
N TRP B 104 18.93 27.81 -4.59
CA TRP B 104 18.14 28.20 -5.75
C TRP B 104 17.79 29.69 -5.82
N ASP B 105 17.37 30.26 -4.70
CA ASP B 105 16.96 31.67 -4.67
C ASP B 105 18.02 32.62 -4.11
N LYS B 106 19.29 32.25 -4.26
CA LYS B 106 20.35 33.09 -3.74
C LYS B 106 20.35 34.44 -4.42
N ALA B 107 20.44 35.49 -3.62
CA ALA B 107 20.45 36.87 -4.10
C ALA B 107 20.81 37.76 -2.93
N ASP B 108 21.19 39.01 -3.21
CA ASP B 108 21.53 39.94 -2.14
C ASP B 108 20.31 40.07 -1.23
N PRO B 109 20.46 39.72 0.07
CA PRO B 109 19.36 39.82 1.02
C PRO B 109 18.59 41.14 0.97
N LYS B 110 19.32 42.25 0.97
CA LYS B 110 18.67 43.56 0.93
C LYS B 110 17.80 43.70 -0.31
N GLU B 111 18.28 43.20 -1.45
CA GLU B 111 17.52 43.26 -2.69
C GLU B 111 16.28 42.38 -2.63
N LEU B 112 16.42 41.21 -2.00
CA LEU B 112 15.29 40.30 -1.86
C LEU B 112 14.24 40.96 -1.00
N LYS B 113 14.66 41.42 0.18
CA LYS B 113 13.76 42.08 1.11
C LYS B 113 13.07 43.24 0.44
N ALA B 114 13.82 44.00 -0.35
CA ALA B 114 13.28 45.16 -1.05
C ALA B 114 12.21 44.74 -2.06
N ARG B 115 12.46 43.66 -2.80
CA ARG B 115 11.49 43.20 -3.79
C ARG B 115 10.23 42.68 -3.10
N GLY B 116 10.40 42.03 -1.96
CA GLY B 116 9.25 41.52 -1.23
C GLY B 116 8.36 42.65 -0.76
N ASP B 117 8.96 43.66 -0.14
CA ASP B 117 8.21 44.79 0.36
C ASP B 117 7.43 45.48 -0.77
N ALA B 118 8.07 45.62 -1.93
CA ALA B 118 7.45 46.27 -3.07
C ALA B 118 6.25 45.48 -3.60
N LEU B 119 6.35 44.16 -3.55
CA LEU B 119 5.28 43.29 -4.05
C LEU B 119 4.21 42.99 -3.01
N GLY B 120 4.46 43.37 -1.76
CA GLY B 120 3.50 43.09 -0.69
C GLY B 120 3.62 41.66 -0.22
N LEU B 121 4.84 41.14 -0.26
CA LEU B 121 5.11 39.77 0.15
C LEU B 121 6.13 39.71 1.27
N GLY B 122 5.89 38.79 2.20
CA GLY B 122 6.81 38.60 3.31
C GLY B 122 7.56 37.30 3.07
N PHE B 123 8.41 36.91 4.01
CA PHE B 123 9.16 35.67 3.83
C PHE B 123 8.95 34.70 4.98
N ASP B 124 8.60 33.47 4.63
CA ASP B 124 8.35 32.43 5.60
C ASP B 124 9.64 31.67 5.88
N ALA B 125 9.50 30.43 6.33
CA ALA B 125 10.65 29.60 6.67
C ALA B 125 11.64 29.43 5.51
N MET B 126 12.92 29.41 5.86
CA MET B 126 13.99 29.20 4.89
C MET B 126 14.08 27.69 4.65
N ASN B 127 14.48 27.29 3.45
CA ASN B 127 14.63 25.87 3.12
C ASN B 127 16.05 25.59 2.64
N SER B 128 16.75 24.72 3.38
CA SER B 128 18.12 24.34 3.03
C SER B 128 18.09 23.27 1.94
N ASN B 129 19.21 23.09 1.25
CA ASN B 129 19.31 22.12 0.17
C ASN B 129 20.58 21.30 0.17
N THR B 130 20.55 20.12 0.79
CA THR B 130 21.72 19.24 0.78
C THR B 130 21.31 17.88 0.22
N PHE B 131 20.40 17.94 -0.76
CA PHE B 131 19.91 16.74 -1.44
C PHE B 131 20.32 16.80 -2.91
N SER B 132 21.21 17.75 -3.22
CA SER B 132 21.73 17.94 -4.58
C SER B 132 23.06 18.66 -4.45
N ASP B 133 23.92 18.52 -5.45
CA ASP B 133 25.24 19.18 -5.42
C ASP B 133 25.26 20.47 -6.21
N ALA B 134 25.84 21.51 -5.62
CA ALA B 134 25.95 22.79 -6.31
C ALA B 134 27.33 22.83 -6.95
N PRO B 135 27.48 23.57 -8.06
CA PRO B 135 28.78 23.64 -8.73
C PRO B 135 29.87 24.15 -7.77
N GLY B 136 31.07 23.61 -7.91
CA GLY B 136 32.19 24.03 -7.06
C GLY B 136 32.20 23.48 -5.66
N GLN B 137 31.14 22.75 -5.30
CA GLN B 137 31.00 22.15 -3.99
C GLN B 137 32.19 21.24 -3.68
N ALA B 138 32.77 21.39 -2.49
CA ALA B 138 33.92 20.60 -2.08
C ALA B 138 33.60 19.13 -1.85
N HIS B 139 32.45 18.86 -1.26
CA HIS B 139 32.05 17.48 -0.97
C HIS B 139 30.68 17.18 -1.56
N SER B 140 30.55 16.02 -2.19
CA SER B 140 29.29 15.61 -2.80
C SER B 140 28.31 15.02 -1.78
N TYR B 141 27.02 15.25 -2.02
CA TYR B 141 25.99 14.73 -1.14
C TYR B 141 25.41 13.43 -1.67
N LYS B 142 26.10 12.83 -2.64
CA LYS B 142 25.67 11.57 -3.24
C LYS B 142 25.28 10.51 -2.20
N TYR B 143 26.12 10.34 -1.19
CA TYR B 143 25.85 9.33 -0.15
C TYR B 143 25.32 9.91 1.15
N GLY B 144 24.81 11.13 1.10
CA GLY B 144 24.28 11.75 2.29
C GLY B 144 24.80 13.16 2.50
N SER B 145 24.31 13.80 3.55
CA SER B 145 24.72 15.16 3.86
C SER B 145 24.95 15.30 5.37
N LEU B 146 23.89 15.63 6.10
CA LEU B 146 23.99 15.80 7.55
C LEU B 146 24.30 14.48 8.25
N SER B 147 24.04 13.36 7.58
CA SER B 147 24.33 12.06 8.18
C SER B 147 25.41 11.30 7.40
N HIS B 148 26.09 11.99 6.50
CA HIS B 148 27.15 11.37 5.68
C HIS B 148 28.22 10.82 6.62
N THR B 149 28.85 9.71 6.23
CA THR B 149 29.89 9.11 7.06
C THR B 149 31.15 9.97 7.15
N ASN B 150 31.36 10.84 6.16
CA ASN B 150 32.53 11.71 6.12
C ASN B 150 32.31 12.99 6.93
N ALA B 151 33.16 13.24 7.92
CA ALA B 151 33.04 14.40 8.78
C ALA B 151 33.00 15.74 8.03
N ALA B 152 33.91 15.92 7.08
CA ALA B 152 33.95 17.16 6.31
C ALA B 152 32.64 17.42 5.58
N THR B 153 32.01 16.35 5.09
CA THR B 153 30.76 16.50 4.35
C THR B 153 29.64 16.97 5.28
N ARG B 154 29.61 16.42 6.49
CA ARG B 154 28.59 16.82 7.45
C ARG B 154 28.82 18.29 7.83
N ALA B 155 30.09 18.66 8.04
CA ALA B 155 30.41 20.04 8.40
C ALA B 155 29.99 21.01 7.30
N GLN B 156 30.15 20.59 6.05
CA GLN B 156 29.77 21.43 4.93
C GLN B 156 28.25 21.63 4.90
N ALA B 157 27.52 20.55 5.18
CA ALA B 157 26.06 20.62 5.19
C ALA B 157 25.60 21.49 6.36
N VAL B 158 26.30 21.38 7.49
CA VAL B 158 25.93 22.19 8.65
C VAL B 158 26.14 23.66 8.33
N GLU B 159 27.31 23.98 7.78
CA GLU B 159 27.61 25.37 7.43
C GLU B 159 26.56 25.92 6.47
N HIS B 160 26.18 25.11 5.48
CA HIS B 160 25.17 25.54 4.51
C HIS B 160 23.88 25.92 5.24
N ASN B 161 23.45 25.09 6.18
CA ASN B 161 22.24 25.37 6.94
C ASN B 161 22.38 26.63 7.77
N LEU B 162 23.57 26.87 8.30
CA LEU B 162 23.78 28.08 9.10
C LEU B 162 23.69 29.30 8.20
N GLU B 163 24.18 29.17 6.97
CA GLU B 163 24.13 30.27 6.02
C GLU B 163 22.67 30.57 5.69
N CYS B 164 21.85 29.52 5.67
CA CYS B 164 20.42 29.70 5.37
C CYS B 164 19.76 30.51 6.49
N ILE B 165 20.23 30.32 7.72
CA ILE B 165 19.68 31.07 8.85
C ILE B 165 20.11 32.53 8.71
N GLU B 166 21.36 32.76 8.31
CA GLU B 166 21.85 34.12 8.14
C GLU B 166 21.04 34.87 7.10
N ILE B 167 20.75 34.20 5.98
CA ILE B 167 19.95 34.81 4.92
C ILE B 167 18.57 35.14 5.48
N GLY B 168 18.00 34.19 6.20
CA GLY B 168 16.69 34.36 6.78
C GLY B 168 16.60 35.52 7.77
N LYS B 169 17.60 35.64 8.63
CA LYS B 169 17.60 36.71 9.62
C LYS B 169 17.58 38.07 8.93
N ALA B 170 18.17 38.13 7.74
CA ALA B 170 18.24 39.38 6.98
C ALA B 170 16.97 39.76 6.24
N ILE B 171 16.09 38.79 5.97
CA ILE B 171 14.86 39.10 5.23
C ILE B 171 13.54 38.98 6.01
N GLY B 172 13.62 38.60 7.28
CA GLY B 172 12.39 38.49 8.07
C GLY B 172 11.93 37.09 8.38
N SER B 173 12.67 36.09 7.93
CA SER B 173 12.30 34.69 8.19
C SER B 173 12.50 34.40 9.68
N LYS B 174 11.76 33.42 10.19
CA LYS B 174 11.87 33.05 11.60
C LYS B 174 11.99 31.54 11.80
N ALA B 175 12.33 30.82 10.74
CA ALA B 175 12.46 29.37 10.85
C ALA B 175 13.25 28.77 9.70
N LEU B 176 13.84 27.62 9.97
CA LEU B 176 14.61 26.88 8.97
C LEU B 176 14.01 25.49 8.86
N THR B 177 13.63 25.12 7.64
CA THR B 177 13.07 23.80 7.40
C THR B 177 14.15 22.93 6.81
N VAL B 178 14.35 21.75 7.40
CA VAL B 178 15.37 20.84 6.93
C VAL B 178 14.81 19.50 6.46
N TRP B 179 14.82 19.31 5.14
CA TRP B 179 14.41 18.05 4.56
C TRP B 179 15.63 17.60 3.77
N ILE B 180 16.09 16.38 4.03
CA ILE B 180 17.24 15.85 3.31
C ILE B 180 16.88 14.51 2.67
N GLY B 181 17.67 14.09 1.68
CA GLY B 181 17.39 12.83 1.02
C GLY B 181 18.09 11.65 1.68
N ASP B 182 18.99 11.96 2.60
CA ASP B 182 19.79 10.98 3.33
C ASP B 182 19.10 9.65 3.61
N GLY B 183 19.76 8.57 3.21
CA GLY B 183 19.24 7.24 3.42
C GLY B 183 20.07 6.25 2.63
N SER B 184 19.48 5.11 2.27
CA SER B 184 20.19 4.11 1.50
C SER B 184 19.25 3.46 0.49
N ASN B 185 19.84 2.84 -0.53
CA ASN B 185 19.06 2.15 -1.55
C ASN B 185 19.25 0.64 -1.46
N PHE B 186 20.13 0.21 -0.54
CA PHE B 186 20.40 -1.21 -0.37
C PHE B 186 20.58 -1.63 1.08
N PRO B 187 20.05 -2.81 1.44
CA PRO B 187 20.22 -3.27 2.83
C PRO B 187 21.73 -3.37 3.09
N GLY B 188 22.17 -2.96 4.27
CA GLY B 188 23.59 -3.05 4.58
C GLY B 188 24.39 -1.81 4.20
N GLN B 189 23.93 -1.06 3.21
CA GLN B 189 24.65 0.14 2.78
C GLN B 189 24.87 1.10 3.93
N SER B 190 23.83 1.30 4.73
CA SER B 190 23.92 2.20 5.89
C SER B 190 23.64 1.42 7.17
N ASN B 191 24.18 1.91 8.27
CA ASN B 191 23.90 1.30 9.57
C ASN B 191 22.85 2.28 10.09
N PHE B 192 21.59 1.83 10.17
CA PHE B 192 20.49 2.69 10.61
C PHE B 192 20.78 3.55 11.83
N THR B 193 21.34 2.93 12.87
CA THR B 193 21.62 3.65 14.11
C THR B 193 22.76 4.66 14.02
N ARG B 194 23.87 4.28 13.39
CA ARG B 194 24.98 5.20 13.29
C ARG B 194 24.64 6.39 12.40
N ALA B 195 23.90 6.14 11.32
CA ALA B 195 23.50 7.21 10.42
C ALA B 195 22.64 8.23 11.16
N PHE B 196 21.75 7.73 12.01
CA PHE B 196 20.86 8.60 12.77
C PHE B 196 21.63 9.36 13.86
N GLU B 197 22.61 8.69 14.46
CA GLU B 197 23.41 9.35 15.49
C GLU B 197 24.17 10.51 14.85
N ARG B 198 24.70 10.29 13.64
CA ARG B 198 25.42 11.34 12.94
C ARG B 198 24.49 12.50 12.61
N TYR B 199 23.27 12.19 12.19
CA TYR B 199 22.28 13.20 11.86
C TYR B 199 21.96 14.06 13.07
N LEU B 200 21.63 13.41 14.19
CA LEU B 200 21.30 14.13 15.41
C LEU B 200 22.42 15.05 15.88
N SER B 201 23.66 14.57 15.77
CA SER B 201 24.81 15.36 16.18
C SER B 201 24.96 16.60 15.30
N ALA B 202 24.74 16.43 14.00
CA ALA B 202 24.85 17.54 13.06
C ALA B 202 23.71 18.54 13.25
N MET B 203 22.50 18.04 13.49
CA MET B 203 21.35 18.92 13.70
C MET B 203 21.53 19.71 14.99
N ALA B 204 22.24 19.13 15.95
CA ALA B 204 22.47 19.83 17.21
C ALA B 204 23.34 21.06 16.94
N GLU B 205 24.27 20.93 15.99
CA GLU B 205 25.14 22.06 15.63
C GLU B 205 24.33 23.17 14.97
N ILE B 206 23.35 22.78 14.15
CA ILE B 206 22.50 23.76 13.48
C ILE B 206 21.62 24.44 14.51
N TYR B 207 21.08 23.63 15.44
CA TYR B 207 20.22 24.13 16.50
C TYR B 207 20.92 25.22 17.29
N LYS B 208 22.22 25.06 17.51
CA LYS B 208 23.00 26.04 18.26
C LYS B 208 23.04 27.40 17.58
N GLY B 209 22.85 27.44 16.27
CA GLY B 209 22.88 28.71 15.56
C GLY B 209 21.55 29.42 15.41
N LEU B 210 20.52 28.90 16.07
CA LEU B 210 19.18 29.47 16.01
C LEU B 210 18.96 30.66 16.94
N PRO B 211 18.38 31.76 16.41
CA PRO B 211 18.13 32.92 17.27
C PRO B 211 17.08 32.51 18.31
N ASP B 212 16.88 33.34 19.33
CA ASP B 212 15.90 33.04 20.38
C ASP B 212 14.47 32.85 19.88
N ASP B 213 14.09 33.60 18.85
CA ASP B 213 12.73 33.51 18.33
C ASP B 213 12.58 32.68 17.05
N TRP B 214 13.58 31.85 16.76
CA TRP B 214 13.56 31.00 15.58
C TRP B 214 13.17 29.57 15.92
N LYS B 215 12.71 28.85 14.90
CA LYS B 215 12.33 27.45 15.05
C LYS B 215 13.07 26.64 14.00
N LEU B 216 13.34 25.38 14.34
CA LEU B 216 14.03 24.48 13.43
C LEU B 216 13.05 23.35 13.13
N PHE B 217 12.66 23.21 11.86
CA PHE B 217 11.71 22.18 11.45
C PHE B 217 12.39 21.04 10.71
N SER B 218 12.16 19.80 11.16
CA SER B 218 12.71 18.64 10.47
C SER B 218 11.53 17.98 9.76
N GLU B 219 11.76 17.49 8.53
CA GLU B 219 10.71 16.89 7.72
C GLU B 219 10.95 15.42 7.43
N HIS B 220 10.00 14.56 7.81
CA HIS B 220 10.14 13.14 7.54
C HIS B 220 9.57 12.79 6.18
N LYS B 221 10.06 11.69 5.62
CA LYS B 221 9.60 11.23 4.31
C LYS B 221 9.95 9.74 4.20
N MET B 222 8.94 8.93 3.89
CA MET B 222 9.14 7.49 3.80
C MET B 222 10.21 7.06 2.80
N TYR B 223 10.16 7.62 1.61
CA TYR B 223 11.15 7.26 0.58
C TYR B 223 11.24 8.33 -0.50
N GLU B 224 12.26 8.19 -1.34
CA GLU B 224 12.57 9.08 -2.45
C GLU B 224 13.24 10.34 -1.92
N PRO B 225 14.50 10.60 -2.31
CA PRO B 225 15.35 9.83 -3.22
C PRO B 225 15.90 8.47 -2.77
N ALA B 226 15.84 8.17 -1.48
CA ALA B 226 16.36 6.88 -1.00
C ALA B 226 15.24 5.84 -1.14
N PHE B 227 15.57 4.72 -1.78
CA PHE B 227 14.56 3.69 -2.02
C PHE B 227 14.58 2.41 -1.18
N TYR B 228 15.39 2.40 -0.13
CA TYR B 228 15.39 1.25 0.76
C TYR B 228 15.12 1.78 2.17
N SER B 229 15.93 2.72 2.62
CA SER B 229 15.73 3.31 3.93
C SER B 229 16.02 4.80 3.87
N THR B 230 15.40 5.55 4.77
CA THR B 230 15.59 6.99 4.86
C THR B 230 15.81 7.30 6.34
N VAL B 231 16.81 8.13 6.65
CA VAL B 231 17.11 8.45 8.04
C VAL B 231 15.88 9.03 8.75
N VAL B 232 15.32 10.10 8.21
CA VAL B 232 14.11 10.71 8.80
C VAL B 232 12.95 10.14 7.97
N GLN B 233 12.63 8.87 8.21
CA GLN B 233 11.58 8.19 7.44
C GLN B 233 10.13 8.41 7.83
N ASP B 234 9.85 8.62 9.11
CA ASP B 234 8.46 8.84 9.54
C ASP B 234 8.36 9.78 10.73
N TRP B 235 7.14 10.02 11.19
CA TRP B 235 6.93 10.94 12.31
C TRP B 235 7.50 10.44 13.63
N GLY B 236 7.70 9.12 13.74
CA GLY B 236 8.26 8.56 14.96
C GLY B 236 9.69 9.04 15.12
N THR B 237 10.46 8.89 14.05
CA THR B 237 11.85 9.33 14.06
C THR B 237 11.87 10.84 14.20
N ASN B 238 10.94 11.51 13.52
CA ASN B 238 10.88 12.96 13.55
C ASN B 238 10.64 13.47 14.96
N TYR B 239 9.76 12.79 15.69
CA TYR B 239 9.49 13.19 17.08
C TYR B 239 10.76 13.03 17.91
N LEU B 240 11.46 11.93 17.71
CA LEU B 240 12.70 11.68 18.45
C LEU B 240 13.70 12.81 18.18
N ILE B 241 13.73 13.29 16.95
CA ILE B 241 14.63 14.39 16.59
C ILE B 241 14.27 15.68 17.32
N ALA B 242 13.02 16.11 17.19
CA ALA B 242 12.55 17.33 17.82
C ALA B 242 12.69 17.31 19.34
N GLN B 243 12.33 16.18 19.95
CA GLN B 243 12.42 16.06 21.41
C GLN B 243 13.88 16.13 21.85
N THR B 244 14.76 15.49 21.08
CA THR B 244 16.19 15.48 21.38
C THR B 244 16.86 16.84 21.22
N LEU B 245 16.52 17.56 20.16
CA LEU B 245 17.14 18.86 19.88
C LEU B 245 16.77 19.97 20.87
N GLY B 246 15.48 20.06 21.22
CA GLY B 246 15.07 21.10 22.15
C GLY B 246 13.77 21.81 21.81
N PRO B 247 13.31 22.73 22.67
CA PRO B 247 12.08 23.52 22.52
C PRO B 247 11.89 24.20 21.17
N LYS B 248 12.97 24.64 20.55
CA LYS B 248 12.85 25.35 19.28
C LYS B 248 12.75 24.43 18.07
N ALA B 249 12.87 23.11 18.30
CA ALA B 249 12.80 22.13 17.22
C ALA B 249 11.43 21.45 17.19
N GLN B 250 10.81 21.43 16.02
CA GLN B 250 9.49 20.80 15.84
C GLN B 250 9.47 20.00 14.54
N CYS B 251 8.37 19.29 14.29
CA CYS B 251 8.24 18.46 13.10
C CYS B 251 7.30 19.00 12.03
N LEU B 252 7.70 18.86 10.77
CA LEU B 252 6.86 19.29 9.66
C LEU B 252 6.20 18.08 9.03
N VAL B 253 4.88 18.14 8.85
CA VAL B 253 4.14 17.03 8.26
C VAL B 253 3.76 17.37 6.81
N ASP B 254 4.30 16.62 5.87
CA ASP B 254 4.00 16.80 4.45
C ASP B 254 3.03 15.67 4.10
N LEU B 255 1.81 16.02 3.72
CA LEU B 255 0.78 15.03 3.42
C LEU B 255 1.19 13.84 2.57
N GLY B 256 1.93 14.09 1.49
CA GLY B 256 2.33 13.00 0.62
C GLY B 256 3.57 12.20 1.00
N HIS B 257 4.06 12.37 2.21
CA HIS B 257 5.27 11.66 2.64
C HIS B 257 5.04 10.47 3.57
N HIS B 258 3.86 9.86 3.47
CA HIS B 258 3.51 8.75 4.33
C HIS B 258 3.25 7.46 3.57
N ALA B 259 3.31 6.35 4.29
CA ALA B 259 3.06 5.03 3.69
C ALA B 259 1.60 4.96 3.26
N PRO B 260 1.30 4.10 2.28
CA PRO B 260 -0.08 3.97 1.82
C PRO B 260 -1.02 3.68 2.99
N ASN B 261 -2.22 4.26 2.93
CA ASN B 261 -3.26 4.08 3.95
C ASN B 261 -3.04 4.71 5.32
N THR B 262 -1.86 5.30 5.53
CA THR B 262 -1.55 5.93 6.81
C THR B 262 -2.65 6.88 7.25
N ASN B 263 -2.93 6.92 8.55
CA ASN B 263 -3.92 7.87 9.05
C ASN B 263 -3.10 9.10 9.40
N ILE B 264 -3.05 10.04 8.46
CA ILE B 264 -2.26 11.24 8.65
C ILE B 264 -2.82 12.21 9.68
N GLU B 265 -4.15 12.36 9.72
CA GLU B 265 -4.75 13.28 10.69
C GLU B 265 -4.39 12.87 12.14
N MET B 266 -4.21 11.58 12.37
CA MET B 266 -3.84 11.13 13.72
C MET B 266 -2.42 11.56 14.06
N ILE B 267 -1.53 11.49 13.08
CA ILE B 267 -0.15 11.91 13.28
C ILE B 267 -0.16 13.38 13.68
N VAL B 268 -1.01 14.17 13.02
CA VAL B 268 -1.11 15.59 13.33
C VAL B 268 -1.56 15.78 14.80
N ALA B 269 -2.60 15.05 15.20
CA ALA B 269 -3.10 15.13 16.57
C ALA B 269 -2.04 14.77 17.60
N ARG B 270 -1.31 13.67 17.35
CA ARG B 270 -0.27 13.23 18.27
C ARG B 270 0.83 14.28 18.44
N LEU B 271 1.28 14.86 17.33
CA LEU B 271 2.32 15.88 17.39
C LEU B 271 1.83 17.11 18.14
N ILE B 272 0.56 17.45 17.96
CA ILE B 272 -0.02 18.60 18.64
C ILE B 272 -0.08 18.33 20.14
N GLN B 273 -0.45 17.11 20.51
CA GLN B 273 -0.55 16.75 21.92
C GLN B 273 0.80 16.89 22.62
N PHE B 274 1.88 16.57 21.92
CA PHE B 274 3.20 16.65 22.52
C PHE B 274 3.97 17.90 22.15
N GLY B 275 3.25 18.90 21.65
CA GLY B 275 3.85 20.18 21.30
C GLY B 275 4.94 20.20 20.26
N LYS B 276 4.92 19.27 19.30
CA LYS B 276 5.96 19.24 18.27
C LYS B 276 5.46 19.37 16.84
N LEU B 277 4.24 19.86 16.66
CA LEU B 277 3.73 20.04 15.30
C LEU B 277 4.20 21.42 14.84
N GLY B 278 5.31 21.45 14.12
CA GLY B 278 5.85 22.71 13.65
C GLY B 278 5.08 23.31 12.49
N GLY B 279 4.62 22.45 11.58
CA GLY B 279 3.87 22.93 10.44
C GLY B 279 3.47 21.80 9.52
N PHE B 280 2.55 22.11 8.60
CA PHE B 280 2.03 21.12 7.67
C PHE B 280 2.25 21.60 6.23
N HIS B 281 2.86 20.76 5.41
CA HIS B 281 3.08 21.09 4.01
C HIS B 281 1.98 20.45 3.20
N PHE B 282 1.16 21.28 2.57
CA PHE B 282 0.01 20.83 1.80
C PHE B 282 0.25 20.47 0.35
N ASN B 283 -0.47 19.44 -0.08
CA ASN B 283 -0.45 18.90 -1.42
C ASN B 283 -1.37 17.69 -1.36
N ASP B 284 -1.62 17.06 -2.49
CA ASP B 284 -2.47 15.87 -2.48
C ASP B 284 -1.72 14.78 -3.24
N SER B 285 -2.22 13.56 -3.13
CA SER B 285 -1.59 12.44 -3.81
C SER B 285 -2.50 11.24 -3.83
N LYS B 286 -2.11 10.24 -4.61
CA LYS B 286 -2.89 9.02 -4.73
C LYS B 286 -1.98 7.80 -4.68
N TYR B 287 -0.74 7.96 -5.13
CA TYR B 287 0.20 6.84 -5.19
C TYR B 287 1.43 6.97 -4.28
N GLY B 288 2.20 8.04 -4.47
CA GLY B 288 3.38 8.27 -3.66
C GLY B 288 3.44 9.76 -3.33
N ASP B 289 4.63 10.35 -3.41
CA ASP B 289 4.77 11.77 -3.13
C ASP B 289 4.45 12.46 -4.45
N ASP B 290 3.18 12.42 -4.84
CA ASP B 290 2.74 12.98 -6.12
C ASP B 290 2.81 14.49 -6.23
N ASP B 291 2.77 15.19 -5.10
CA ASP B 291 2.83 16.65 -5.08
C ASP B 291 1.75 17.33 -5.93
N LEU B 292 0.56 16.75 -5.93
CA LEU B 292 -0.57 17.29 -6.69
C LEU B 292 -1.27 18.41 -5.92
N ASP B 293 -2.09 19.18 -6.62
CA ASP B 293 -2.86 20.29 -6.05
C ASP B 293 -3.66 19.85 -4.82
N ALA B 294 -3.48 20.57 -3.71
CA ALA B 294 -4.19 20.24 -2.47
C ALA B 294 -5.69 20.00 -2.69
N GLY B 295 -6.20 18.94 -2.09
CA GLY B 295 -7.61 18.61 -2.20
C GLY B 295 -8.15 18.19 -3.55
N ALA B 296 -7.28 18.05 -4.55
CA ALA B 296 -7.73 17.65 -5.88
C ALA B 296 -8.04 16.16 -5.99
N ILE B 297 -7.50 15.38 -5.06
CA ILE B 297 -7.70 13.93 -5.06
C ILE B 297 -8.55 13.44 -3.89
N GLU B 298 -8.22 13.91 -2.69
CA GLU B 298 -8.96 13.52 -1.49
C GLU B 298 -9.29 14.73 -0.63
N PRO B 299 -10.33 15.48 -1.01
CA PRO B 299 -10.71 16.65 -0.22
C PRO B 299 -11.16 16.38 1.21
N TYR B 300 -11.77 15.21 1.46
CA TYR B 300 -12.23 14.90 2.82
C TYR B 300 -11.06 14.70 3.76
N ARG B 301 -10.00 14.06 3.28
CA ARG B 301 -8.81 13.84 4.08
C ARG B 301 -8.22 15.19 4.49
N LEU B 302 -8.26 16.15 3.57
CA LEU B 302 -7.74 17.47 3.86
C LEU B 302 -8.61 18.11 4.94
N PHE B 303 -9.93 17.91 4.83
CA PHE B 303 -10.86 18.43 5.82
C PHE B 303 -10.61 17.78 7.19
N LEU B 304 -10.33 16.48 7.20
CA LEU B 304 -10.07 15.77 8.45
C LEU B 304 -8.79 16.25 9.13
N VAL B 305 -7.82 16.67 8.33
CA VAL B 305 -6.58 17.18 8.89
C VAL B 305 -6.91 18.53 9.54
N PHE B 306 -7.69 19.34 8.84
CA PHE B 306 -8.09 20.63 9.37
C PHE B 306 -9.03 20.52 10.56
N ASN B 307 -9.70 19.38 10.68
CA ASN B 307 -10.59 19.16 11.79
C ASN B 307 -9.73 19.11 13.06
N GLU B 308 -8.57 18.49 12.95
CA GLU B 308 -7.65 18.38 14.08
C GLU B 308 -7.02 19.72 14.38
N LEU B 309 -6.74 20.49 13.33
CA LEU B 309 -6.13 21.80 13.48
C LEU B 309 -7.08 22.79 14.12
N VAL B 310 -8.32 22.81 13.66
CA VAL B 310 -9.32 23.73 14.18
C VAL B 310 -9.67 23.39 15.62
N ASP B 311 -9.72 22.10 15.93
CA ASP B 311 -10.03 21.67 17.28
C ASP B 311 -8.98 22.21 18.23
N ALA B 312 -7.74 22.30 17.75
CA ALA B 312 -6.64 22.81 18.56
C ALA B 312 -6.64 24.34 18.58
N GLU B 313 -6.93 24.94 17.43
CA GLU B 313 -6.96 26.39 17.31
C GLU B 313 -8.04 27.00 18.21
N ALA B 314 -9.13 26.26 18.40
CA ALA B 314 -10.23 26.72 19.23
C ALA B 314 -9.79 26.85 20.69
N ARG B 315 -9.02 25.87 21.15
CA ARG B 315 -8.55 25.87 22.54
C ARG B 315 -7.20 26.56 22.68
N GLY B 316 -6.45 26.64 21.57
CA GLY B 316 -5.14 27.25 21.63
C GLY B 316 -4.25 26.39 22.50
N VAL B 317 -3.77 25.29 21.95
CA VAL B 317 -2.91 24.37 22.68
C VAL B 317 -1.48 24.89 22.80
N LYS B 318 -0.84 24.57 23.92
CA LYS B 318 0.53 24.99 24.18
C LYS B 318 1.46 24.50 23.07
N GLY B 319 2.24 25.43 22.52
CA GLY B 319 3.17 25.07 21.46
C GLY B 319 2.53 24.88 20.10
N PHE B 320 1.26 25.28 19.99
CA PHE B 320 0.53 25.15 18.74
C PHE B 320 0.45 26.49 17.99
N HIS B 321 1.34 26.65 17.01
CA HIS B 321 1.39 27.86 16.19
C HIS B 321 2.02 27.41 14.87
N PRO B 322 1.36 26.47 14.17
CA PRO B 322 1.78 25.91 12.88
C PRO B 322 2.24 26.88 11.79
N ALA B 323 3.28 26.48 11.07
CA ALA B 323 3.80 27.27 9.95
C ALA B 323 3.43 26.50 8.69
N HIS B 324 2.25 26.80 8.16
CA HIS B 324 1.72 26.13 6.97
C HIS B 324 2.29 26.63 5.64
N MET B 325 2.58 25.69 4.75
CA MET B 325 3.12 26.03 3.44
C MET B 325 2.60 25.07 2.39
N ILE B 326 2.52 25.53 1.15
CA ILE B 326 2.09 24.67 0.06
C ILE B 326 3.39 24.15 -0.54
N ASN B 327 3.44 22.85 -0.83
CA ASN B 327 4.62 22.27 -1.43
C ASN B 327 4.13 21.28 -2.48
N GLN B 328 4.00 21.78 -3.70
CA GLN B 328 3.51 20.98 -4.81
C GLN B 328 4.37 21.13 -6.05
N SER B 329 4.07 20.29 -7.04
CA SER B 329 4.77 20.31 -8.31
C SER B 329 3.65 20.40 -9.35
N HIS B 330 3.74 21.39 -10.23
CA HIS B 330 2.72 21.58 -11.25
C HIS B 330 3.30 21.21 -12.60
N ASN B 331 3.08 19.95 -12.97
CA ASN B 331 3.62 19.40 -14.21
C ASN B 331 2.76 19.56 -15.46
N VAL B 332 1.45 19.74 -15.29
CA VAL B 332 0.56 19.85 -16.45
C VAL B 332 -0.48 20.96 -16.38
N THR B 333 -0.21 22.00 -15.60
CA THR B 333 -1.12 23.12 -15.46
C THR B 333 -0.30 24.39 -15.33
N ASP B 334 -0.96 25.53 -15.38
CA ASP B 334 -0.29 26.80 -15.20
C ASP B 334 -0.03 26.81 -13.70
N PRO B 335 1.24 26.85 -13.28
CA PRO B 335 1.60 26.85 -11.85
C PRO B 335 0.80 27.85 -11.02
N ILE B 336 0.70 29.08 -11.50
CA ILE B 336 -0.04 30.11 -10.79
C ILE B 336 -1.49 29.71 -10.54
N GLU B 337 -2.16 29.17 -11.57
CA GLU B 337 -3.55 28.75 -11.43
C GLU B 337 -3.70 27.62 -10.42
N SER B 338 -2.78 26.65 -10.47
CA SER B 338 -2.85 25.53 -9.52
C SER B 338 -2.63 26.02 -8.10
N LEU B 339 -1.64 26.89 -7.91
CA LEU B 339 -1.36 27.42 -6.58
C LEU B 339 -2.57 28.20 -6.06
N ILE B 340 -3.22 28.94 -6.96
CA ILE B 340 -4.40 29.72 -6.59
C ILE B 340 -5.50 28.80 -6.07
N ASN B 341 -5.84 27.77 -6.85
CA ASN B 341 -6.90 26.84 -6.45
C ASN B 341 -6.52 25.94 -5.29
N SER B 342 -5.22 25.72 -5.09
CA SER B 342 -4.77 24.89 -3.98
C SER B 342 -4.93 25.69 -2.70
N ALA B 343 -4.59 26.97 -2.74
CA ALA B 343 -4.72 27.82 -1.56
C ALA B 343 -6.21 27.91 -1.25
N ASN B 344 -7.02 27.91 -2.30
CA ASN B 344 -8.48 27.97 -2.15
C ASN B 344 -8.96 26.72 -1.42
N GLU B 345 -8.48 25.54 -1.84
CA GLU B 345 -8.90 24.29 -1.21
C GLU B 345 -8.51 24.23 0.25
N ILE B 346 -7.34 24.80 0.57
CA ILE B 346 -6.86 24.81 1.94
C ILE B 346 -7.79 25.69 2.80
N ARG B 347 -8.20 26.84 2.28
CA ARG B 347 -9.11 27.70 3.02
C ARG B 347 -10.51 27.08 3.08
N ARG B 348 -10.86 26.31 2.05
CA ARG B 348 -12.17 25.66 2.01
C ARG B 348 -12.27 24.63 3.14
N ALA B 349 -11.24 23.81 3.28
CA ALA B 349 -11.22 22.78 4.32
C ALA B 349 -11.20 23.43 5.70
N TYR B 350 -10.43 24.52 5.83
CA TYR B 350 -10.34 25.25 7.09
C TYR B 350 -11.72 25.79 7.46
N ALA B 351 -12.40 26.38 6.48
CA ALA B 351 -13.73 26.95 6.69
C ALA B 351 -14.73 25.89 7.13
N GLN B 352 -14.72 24.74 6.47
CA GLN B 352 -15.64 23.67 6.80
C GLN B 352 -15.36 23.11 8.19
N ALA B 353 -14.09 23.04 8.57
CA ALA B 353 -13.73 22.54 9.89
C ALA B 353 -14.28 23.54 10.92
N LEU B 354 -14.26 24.81 10.54
CA LEU B 354 -14.77 25.87 11.42
C LEU B 354 -16.26 25.70 11.67
N LEU B 355 -16.95 25.00 10.77
CA LEU B 355 -18.39 24.79 10.87
C LEU B 355 -18.80 23.62 11.76
N VAL B 356 -17.85 22.77 12.15
CA VAL B 356 -18.16 21.63 12.99
C VAL B 356 -18.72 22.04 14.35
N ASP B 357 -19.83 21.43 14.73
CA ASP B 357 -20.46 21.70 16.02
C ASP B 357 -19.68 20.88 17.02
N ARG B 358 -18.66 21.49 17.63
CA ARG B 358 -17.80 20.81 18.60
C ARG B 358 -18.57 20.25 19.79
N ALA B 359 -19.54 21.01 20.29
CA ALA B 359 -20.33 20.57 21.43
C ALA B 359 -21.08 19.28 21.10
N ALA B 360 -21.77 19.28 19.97
CA ALA B 360 -22.52 18.11 19.55
C ALA B 360 -21.57 16.94 19.31
N LEU B 361 -20.45 17.23 18.65
CA LEU B 361 -19.46 16.20 18.35
C LEU B 361 -18.97 15.55 19.64
N SER B 362 -18.57 16.39 20.60
CA SER B 362 -18.08 15.92 21.88
C SER B 362 -19.11 15.01 22.54
N GLY B 363 -20.38 15.40 22.43
CA GLY B 363 -21.44 14.61 23.01
C GLY B 363 -21.53 13.23 22.38
N TYR B 364 -21.59 13.17 21.06
CA TYR B 364 -21.68 11.89 20.36
C TYR B 364 -20.46 11.01 20.60
N GLN B 365 -19.31 11.63 20.86
CA GLN B 365 -18.09 10.87 21.11
C GLN B 365 -18.18 10.21 22.48
N GLU B 366 -18.65 10.98 23.47
CA GLU B 366 -18.79 10.46 24.83
C GLU B 366 -19.82 9.35 24.92
N ASP B 367 -20.88 9.43 24.11
CA ASP B 367 -21.93 8.42 24.12
C ASP B 367 -21.65 7.26 23.17
N ASN B 368 -20.52 7.31 22.47
CA ASN B 368 -20.16 6.27 21.53
C ASN B 368 -21.21 6.10 20.43
N ASP B 369 -21.77 7.23 20.00
CA ASP B 369 -22.75 7.23 18.93
C ASP B 369 -21.91 7.57 17.70
N ALA B 370 -21.21 6.55 17.19
CA ALA B 370 -20.32 6.71 16.04
C ALA B 370 -20.99 7.27 14.79
N LEU B 371 -22.20 6.80 14.50
CA LEU B 371 -22.93 7.25 13.33
C LEU B 371 -23.17 8.76 13.36
N MET B 372 -23.71 9.26 14.46
CA MET B 372 -23.98 10.70 14.57
C MET B 372 -22.70 11.51 14.72
N ALA B 373 -21.65 10.88 15.24
CA ALA B 373 -20.38 11.58 15.39
C ALA B 373 -19.85 11.89 14.00
N THR B 374 -19.84 10.86 13.14
CA THR B 374 -19.34 11.04 11.78
C THR B 374 -20.27 11.94 10.96
N GLU B 375 -21.57 11.88 11.24
CA GLU B 375 -22.53 12.71 10.52
C GLU B 375 -22.32 14.18 10.92
N THR B 376 -21.92 14.41 12.16
CA THR B 376 -21.67 15.77 12.65
C THR B 376 -20.51 16.38 11.87
N LEU B 377 -19.52 15.56 11.53
CA LEU B 377 -18.38 16.06 10.75
C LEU B 377 -18.85 16.29 9.32
N LYS B 378 -19.63 15.36 8.80
CA LYS B 378 -20.12 15.48 7.43
C LYS B 378 -20.99 16.71 7.22
N ARG B 379 -21.82 17.03 8.21
CA ARG B 379 -22.70 18.19 8.09
C ARG B 379 -21.87 19.45 7.85
N ALA B 380 -20.67 19.48 8.41
CA ALA B 380 -19.79 20.62 8.22
C ALA B 380 -19.10 20.50 6.86
N TYR B 381 -18.57 19.31 6.59
CA TYR B 381 -17.88 19.05 5.33
C TYR B 381 -18.76 19.18 4.10
N ARG B 382 -20.00 18.70 4.18
CA ARG B 382 -20.91 18.77 3.03
C ARG B 382 -21.31 20.20 2.68
N THR B 383 -21.08 21.14 3.59
CA THR B 383 -21.45 22.54 3.37
C THR B 383 -20.56 23.21 2.33
N ASP B 384 -21.18 23.80 1.30
CA ASP B 384 -20.46 24.48 0.25
C ASP B 384 -20.08 25.88 0.73
N VAL B 385 -18.84 26.04 1.19
CA VAL B 385 -18.36 27.30 1.71
C VAL B 385 -17.74 28.24 0.66
N GLU B 386 -17.90 27.92 -0.62
CA GLU B 386 -17.33 28.76 -1.66
C GLU B 386 -17.78 30.22 -1.51
N PRO B 387 -19.06 30.45 -1.16
CA PRO B 387 -19.51 31.84 -1.02
C PRO B 387 -18.70 32.58 0.05
N ILE B 388 -18.26 31.84 1.07
CA ILE B 388 -17.47 32.43 2.14
C ILE B 388 -16.06 32.76 1.65
N LEU B 389 -15.47 31.83 0.91
CA LEU B 389 -14.12 32.05 0.39
C LEU B 389 -14.11 33.20 -0.61
N ALA B 390 -15.14 33.27 -1.44
CA ALA B 390 -15.24 34.32 -2.45
C ALA B 390 -15.46 35.70 -1.84
N GLU B 391 -16.30 35.77 -0.81
CA GLU B 391 -16.58 37.05 -0.15
C GLU B 391 -15.35 37.54 0.60
N ALA B 392 -14.67 36.61 1.27
CA ALA B 392 -13.46 36.95 2.01
C ALA B 392 -12.46 37.60 1.06
N ARG B 393 -12.35 37.03 -0.14
CA ARG B 393 -11.43 37.58 -1.13
C ARG B 393 -11.92 38.94 -1.60
N ARG B 394 -13.22 39.05 -1.87
CA ARG B 394 -13.79 40.31 -2.33
C ARG B 394 -13.56 41.45 -1.34
N ARG B 395 -13.73 41.16 -0.06
CA ARG B 395 -13.56 42.17 0.98
C ARG B 395 -12.10 42.54 1.25
N THR B 396 -11.18 41.67 0.87
CA THR B 396 -9.77 41.92 1.14
C THR B 396 -8.92 42.34 -0.06
N GLY B 397 -9.58 42.67 -1.17
CA GLY B 397 -8.85 43.10 -2.36
C GLY B 397 -8.55 42.00 -3.36
N GLY B 398 -9.12 40.82 -3.14
CA GLY B 398 -8.89 39.70 -4.03
C GLY B 398 -9.99 39.57 -5.06
N ALA B 399 -9.96 38.46 -5.82
CA ALA B 399 -10.96 38.23 -6.86
C ALA B 399 -12.00 37.21 -6.43
N VAL B 400 -13.24 37.43 -6.85
CA VAL B 400 -14.33 36.50 -6.52
C VAL B 400 -13.96 35.13 -7.07
N ASP B 401 -13.56 35.10 -8.33
CA ASP B 401 -13.14 33.87 -9.00
C ASP B 401 -11.72 34.16 -9.48
N PRO B 402 -10.72 33.81 -8.66
CA PRO B 402 -9.28 34.01 -8.93
C PRO B 402 -8.80 33.57 -10.31
N VAL B 403 -8.98 32.30 -10.63
CA VAL B 403 -8.52 31.79 -11.92
C VAL B 403 -9.20 32.50 -13.09
N ALA B 404 -10.50 32.77 -12.97
CA ALA B 404 -11.21 33.47 -14.04
C ALA B 404 -10.62 34.85 -14.23
N THR B 405 -10.36 35.54 -13.14
CA THR B 405 -9.77 36.88 -13.20
C THR B 405 -8.35 36.80 -13.74
N TYR B 406 -7.63 35.77 -13.32
CA TYR B 406 -6.25 35.56 -13.77
C TYR B 406 -6.21 35.42 -15.29
N ARG B 407 -7.11 34.62 -15.83
CA ARG B 407 -7.16 34.39 -17.27
C ARG B 407 -7.63 35.63 -18.03
N ALA B 408 -8.55 36.37 -17.42
CA ALA B 408 -9.06 37.58 -18.06
C ALA B 408 -7.97 38.65 -18.17
N SER B 409 -7.04 38.64 -17.21
CA SER B 409 -5.96 39.62 -17.19
C SER B 409 -4.90 39.36 -18.26
N GLY B 410 -4.81 38.12 -18.73
CA GLY B 410 -3.82 37.78 -19.73
C GLY B 410 -2.41 37.81 -19.20
N TYR B 411 -2.26 37.67 -17.88
CA TYR B 411 -0.95 37.70 -17.25
C TYR B 411 0.04 36.71 -17.86
N ARG B 412 -0.37 35.45 -18.00
CA ARG B 412 0.52 34.42 -18.56
C ARG B 412 1.10 34.86 -19.89
N ALA B 413 0.26 35.42 -20.76
CA ALA B 413 0.72 35.88 -22.07
C ALA B 413 1.69 37.05 -21.87
N ARG B 414 1.41 37.90 -20.89
CA ARG B 414 2.27 39.04 -20.61
C ARG B 414 3.70 38.62 -20.26
N VAL B 415 3.84 37.73 -19.28
CA VAL B 415 5.17 37.28 -18.88
C VAL B 415 5.83 36.43 -19.96
N ALA B 416 5.00 35.81 -20.80
CA ALA B 416 5.55 34.98 -21.87
C ALA B 416 6.35 35.89 -22.81
N ALA B 417 5.83 37.09 -23.05
CA ALA B 417 6.48 38.05 -23.93
C ALA B 417 7.70 38.72 -23.30
N GLU B 418 7.78 38.70 -21.97
CA GLU B 418 8.92 39.33 -21.28
C GLU B 418 10.03 38.33 -20.99
N ARG B 419 9.68 37.05 -20.94
CA ARG B 419 10.64 36.02 -20.62
C ARG B 419 10.90 35.08 -21.79
N PRO B 420 12.17 34.95 -22.21
CA PRO B 420 12.52 34.07 -23.33
C PRO B 420 12.48 32.59 -22.95
N ALA B 421 11.79 31.78 -23.74
CA ALA B 421 11.74 30.35 -23.47
C ALA B 421 12.99 29.74 -24.10
N SER B 422 13.29 28.49 -23.77
CA SER B 422 14.47 27.84 -24.34
C SER B 422 14.33 27.76 -25.86
N VAL B 423 13.10 27.55 -26.32
CA VAL B 423 12.81 27.46 -27.75
C VAL B 423 11.45 28.10 -28.03
N ALA B 424 11.33 28.76 -29.18
CA ALA B 424 10.09 29.41 -29.57
C ALA B 424 8.91 28.45 -29.52
N GLU C 3 -48.16 -3.22 4.67
CA GLU C 3 -47.54 -3.12 6.03
C GLU C 3 -46.61 -1.93 6.13
N PHE C 4 -46.45 -1.41 7.35
CA PHE C 4 -45.59 -0.27 7.61
C PHE C 4 -44.80 -0.47 8.89
N ARG C 5 -43.56 -0.92 8.76
CA ARG C 5 -42.70 -1.16 9.91
C ARG C 5 -42.61 0.09 10.77
N ILE C 6 -42.72 1.25 10.14
CA ILE C 6 -42.65 2.52 10.85
C ILE C 6 -44.00 3.24 10.73
N ALA C 7 -44.62 3.53 11.87
CA ALA C 7 -45.90 4.20 11.89
C ALA C 7 -45.91 5.44 10.99
N GLN C 8 -46.91 5.53 10.13
CA GLN C 8 -47.02 6.67 9.22
C GLN C 8 -47.11 8.00 9.93
N ASP C 9 -47.73 8.02 11.10
CA ASP C 9 -47.87 9.25 11.87
C ASP C 9 -46.52 9.78 12.33
N VAL C 10 -45.61 8.87 12.67
CA VAL C 10 -44.28 9.26 13.11
C VAL C 10 -43.55 9.89 11.93
N VAL C 11 -43.66 9.25 10.77
CA VAL C 11 -43.03 9.73 9.55
C VAL C 11 -43.56 11.12 9.20
N ALA C 12 -44.88 11.28 9.25
CA ALA C 12 -45.49 12.57 8.94
C ALA C 12 -45.04 13.61 9.96
N ARG C 13 -45.12 13.22 11.23
CA ARG C 13 -44.72 14.11 12.32
C ARG C 13 -43.30 14.63 12.12
N GLU C 14 -42.36 13.72 11.90
CA GLU C 14 -40.97 14.09 11.72
C GLU C 14 -40.68 14.83 10.43
N ASN C 15 -41.55 14.67 9.42
CA ASN C 15 -41.37 15.36 8.15
C ASN C 15 -41.84 16.80 8.28
N ASP C 16 -43.01 16.99 8.89
CA ASP C 16 -43.56 18.34 9.07
C ASP C 16 -42.62 19.18 9.92
N ARG C 17 -41.96 18.54 10.87
CA ARG C 17 -41.04 19.21 11.78
C ARG C 17 -39.83 19.81 11.06
N ARG C 18 -39.47 19.25 9.92
CA ARG C 18 -38.33 19.73 9.15
C ARG C 18 -38.73 20.32 7.81
N ALA C 19 -40.02 20.26 7.50
CA ALA C 19 -40.56 20.76 6.25
C ALA C 19 -40.19 22.21 5.91
N SER C 20 -40.34 23.10 6.88
CA SER C 20 -40.04 24.52 6.66
C SER C 20 -38.57 24.73 6.26
N ALA C 21 -37.67 24.15 7.04
CA ALA C 21 -36.24 24.27 6.76
C ALA C 21 -35.91 23.67 5.39
N LEU C 22 -36.52 22.53 5.08
CA LEU C 22 -36.29 21.86 3.80
C LEU C 22 -36.70 22.73 2.62
N LYS C 23 -37.90 23.31 2.70
CA LYS C 23 -38.41 24.16 1.65
C LYS C 23 -37.45 25.31 1.38
N GLU C 24 -36.87 25.85 2.46
CA GLU C 24 -35.93 26.96 2.34
C GLU C 24 -34.65 26.53 1.63
N ASP C 25 -34.10 25.39 2.05
CA ASP C 25 -32.87 24.90 1.45
C ASP C 25 -33.08 24.41 0.02
N TYR C 26 -34.23 23.79 -0.23
CA TYR C 26 -34.51 23.30 -1.57
C TYR C 26 -34.65 24.47 -2.54
N GLU C 27 -35.36 25.52 -2.12
CA GLU C 27 -35.56 26.69 -2.98
C GLU C 27 -34.24 27.41 -3.23
N ALA C 28 -33.40 27.50 -2.20
CA ALA C 28 -32.12 28.17 -2.35
C ALA C 28 -31.29 27.43 -3.39
N LEU C 29 -31.15 26.12 -3.22
CA LEU C 29 -30.40 25.29 -4.14
C LEU C 29 -31.00 25.36 -5.54
N GLY C 30 -32.33 25.35 -5.60
CA GLY C 30 -33.00 25.43 -6.89
C GLY C 30 -32.61 26.70 -7.63
N ALA C 31 -32.51 27.81 -6.91
CA ALA C 31 -32.16 29.08 -7.52
C ALA C 31 -30.71 29.06 -7.99
N ASN C 32 -29.83 28.51 -7.16
CA ASN C 32 -28.41 28.43 -7.50
C ASN C 32 -28.23 27.57 -8.75
N LEU C 33 -28.90 26.43 -8.79
CA LEU C 33 -28.80 25.54 -9.93
C LEU C 33 -29.36 26.20 -11.19
N ALA C 34 -30.40 27.01 -11.03
CA ALA C 34 -30.99 27.69 -12.17
C ALA C 34 -29.97 28.66 -12.74
N ARG C 35 -29.26 29.37 -11.86
CA ARG C 35 -28.23 30.31 -12.31
C ARG C 35 -27.13 29.53 -13.02
N ARG C 36 -27.05 28.23 -12.74
CA ARG C 36 -26.05 27.37 -13.36
C ARG C 36 -26.65 26.61 -14.53
N GLY C 37 -27.83 27.04 -14.96
CA GLY C 37 -28.51 26.41 -16.08
C GLY C 37 -28.97 24.99 -15.82
N VAL C 38 -29.30 24.69 -14.58
CA VAL C 38 -29.77 23.35 -14.20
C VAL C 38 -31.14 23.41 -13.56
N ASP C 39 -32.02 22.51 -13.99
CA ASP C 39 -33.38 22.43 -13.45
C ASP C 39 -33.39 21.43 -12.31
N ILE C 40 -33.39 21.94 -11.08
CA ILE C 40 -33.39 21.10 -9.90
C ILE C 40 -34.44 19.99 -9.97
N GLU C 41 -35.58 20.28 -10.58
CA GLU C 41 -36.63 19.28 -10.69
C GLU C 41 -36.19 18.06 -11.49
N ALA C 42 -35.45 18.27 -12.57
CA ALA C 42 -34.99 17.17 -13.39
C ALA C 42 -34.03 16.28 -12.58
N VAL C 43 -33.25 16.90 -11.71
CA VAL C 43 -32.30 16.16 -10.89
C VAL C 43 -33.04 15.33 -9.84
N THR C 44 -33.98 15.98 -9.15
CA THR C 44 -34.76 15.30 -8.13
C THR C 44 -35.51 14.11 -8.72
N ALA C 45 -36.03 14.30 -9.93
CA ALA C 45 -36.78 13.25 -10.62
C ALA C 45 -35.94 11.99 -10.85
N LYS C 46 -34.67 12.18 -11.19
CA LYS C 46 -33.78 11.04 -11.43
C LYS C 46 -33.36 10.40 -10.11
N VAL C 47 -33.09 11.23 -9.11
CA VAL C 47 -32.69 10.72 -7.80
C VAL C 47 -33.76 9.78 -7.22
N GLU C 48 -35.02 10.20 -7.33
CA GLU C 48 -36.14 9.39 -6.81
C GLU C 48 -36.16 8.00 -7.43
N LYS C 49 -35.61 7.88 -8.63
CA LYS C 49 -35.61 6.63 -9.37
C LYS C 49 -34.32 5.82 -9.27
N PHE C 50 -33.36 6.30 -8.49
CA PHE C 50 -32.12 5.55 -8.36
C PHE C 50 -32.23 4.59 -7.18
N PHE C 51 -31.99 3.31 -7.45
CA PHE C 51 -32.09 2.29 -6.42
C PHE C 51 -30.82 1.46 -6.25
N VAL C 52 -30.57 1.03 -5.02
CA VAL C 52 -29.42 0.20 -4.71
C VAL C 52 -29.94 -0.93 -3.81
N ALA C 53 -29.59 -2.16 -4.16
CA ALA C 53 -30.03 -3.31 -3.39
C ALA C 53 -29.39 -3.37 -2.01
N VAL C 54 -30.15 -3.89 -1.04
CA VAL C 54 -29.66 -4.02 0.32
C VAL C 54 -29.41 -5.50 0.62
N PRO C 55 -28.28 -5.81 1.27
CA PRO C 55 -27.94 -7.20 1.60
C PRO C 55 -28.71 -7.68 2.82
N SER C 56 -29.36 -8.84 2.71
CA SER C 56 -30.13 -9.36 3.83
C SER C 56 -29.24 -9.53 5.07
N TRP C 57 -27.99 -9.89 4.84
CA TRP C 57 -27.03 -10.11 5.92
C TRP C 57 -26.44 -8.82 6.47
N GLY C 58 -26.85 -7.69 5.89
CA GLY C 58 -26.34 -6.41 6.33
C GLY C 58 -27.08 -5.79 7.51
N VAL C 59 -28.30 -6.25 7.78
CA VAL C 59 -29.08 -5.69 8.89
C VAL C 59 -28.74 -6.34 10.23
N GLY C 60 -27.81 -7.28 10.21
CA GLY C 60 -27.38 -7.92 11.44
C GLY C 60 -26.04 -7.30 11.79
N THR C 61 -25.68 -7.28 13.08
CA THR C 61 -24.40 -6.71 13.48
C THR C 61 -23.26 -7.63 13.06
N GLY C 62 -22.24 -7.07 12.43
CA GLY C 62 -21.11 -7.86 11.99
C GLY C 62 -19.98 -7.88 13.00
N GLY C 63 -18.90 -8.59 12.66
CA GLY C 63 -17.76 -8.67 13.56
C GLY C 63 -16.47 -8.97 12.82
N THR C 64 -15.39 -9.16 13.57
CA THR C 64 -14.10 -9.47 12.98
C THR C 64 -13.66 -10.83 13.50
N ARG C 65 -12.48 -11.29 13.10
CA ARG C 65 -12.01 -12.59 13.58
C ARG C 65 -11.69 -12.54 15.08
N PHE C 66 -11.58 -11.33 15.63
CA PHE C 66 -11.27 -11.17 17.05
C PHE C 66 -12.48 -11.15 17.96
N ALA C 67 -13.60 -10.64 17.47
CA ALA C 67 -14.79 -10.58 18.30
C ALA C 67 -16.04 -10.10 17.58
N ARG C 68 -17.18 -10.30 18.23
CA ARG C 68 -18.46 -9.85 17.70
C ARG C 68 -19.23 -9.31 18.90
N PHE C 69 -19.71 -8.08 18.78
CA PHE C 69 -20.45 -7.42 19.84
C PHE C 69 -21.87 -7.11 19.36
N PRO C 70 -22.73 -8.13 19.33
CA PRO C 70 -24.11 -7.94 18.87
C PRO C 70 -24.88 -6.88 19.65
N GLY C 71 -25.83 -6.23 18.99
CA GLY C 71 -26.64 -5.23 19.65
C GLY C 71 -27.92 -5.90 20.11
N THR C 72 -28.96 -5.12 20.37
CA THR C 72 -30.23 -5.69 20.82
C THR C 72 -31.14 -5.88 19.61
N GLY C 73 -32.07 -6.82 19.72
CA GLY C 73 -32.99 -7.08 18.63
C GLY C 73 -32.35 -7.61 17.37
N GLU C 74 -31.29 -8.40 17.51
CA GLU C 74 -30.64 -8.97 16.34
C GLU C 74 -31.62 -9.91 15.64
N PRO C 75 -31.70 -9.82 14.30
CA PRO C 75 -32.62 -10.68 13.54
C PRO C 75 -32.24 -12.16 13.64
N ARG C 76 -33.24 -13.00 13.88
CA ARG C 76 -33.02 -14.44 14.01
C ARG C 76 -32.75 -15.13 12.67
N GLY C 77 -33.36 -14.62 11.61
CA GLY C 77 -33.18 -15.22 10.30
C GLY C 77 -33.65 -14.33 9.16
N ILE C 78 -33.83 -14.92 7.98
CA ILE C 78 -34.26 -14.14 6.82
C ILE C 78 -35.54 -13.33 7.01
N PHE C 79 -36.52 -13.88 7.70
CA PHE C 79 -37.76 -13.14 7.89
C PHE C 79 -37.58 -11.90 8.76
N ASP C 80 -36.81 -12.00 9.83
CA ASP C 80 -36.57 -10.83 10.67
C ASP C 80 -35.74 -9.84 9.85
N LYS C 81 -34.82 -10.36 9.05
CA LYS C 81 -33.96 -9.53 8.22
C LYS C 81 -34.79 -8.75 7.20
N LEU C 82 -35.76 -9.42 6.58
CA LEU C 82 -36.61 -8.75 5.60
C LEU C 82 -37.41 -7.64 6.29
N ASP C 83 -37.88 -7.90 7.51
CA ASP C 83 -38.65 -6.89 8.23
C ASP C 83 -37.81 -5.63 8.47
N ASP C 84 -36.54 -5.82 8.82
CA ASP C 84 -35.65 -4.69 9.07
C ASP C 84 -35.31 -3.98 7.76
N CYS C 85 -35.15 -4.75 6.69
CA CYS C 85 -34.85 -4.16 5.39
C CYS C 85 -36.00 -3.27 4.94
N ALA C 86 -37.22 -3.66 5.30
CA ALA C 86 -38.41 -2.90 4.94
C ALA C 86 -38.35 -1.50 5.54
N VAL C 87 -37.73 -1.37 6.71
CA VAL C 87 -37.60 -0.08 7.36
C VAL C 87 -36.71 0.82 6.52
N ILE C 88 -35.59 0.27 6.07
CA ILE C 88 -34.66 1.03 5.26
C ILE C 88 -35.35 1.54 3.99
N GLN C 89 -36.09 0.67 3.33
CA GLN C 89 -36.80 1.06 2.11
C GLN C 89 -37.87 2.10 2.39
N GLN C 90 -38.69 1.86 3.42
CA GLN C 90 -39.75 2.80 3.76
C GLN C 90 -39.23 4.20 4.01
N LEU C 91 -38.14 4.30 4.78
CA LEU C 91 -37.58 5.60 5.13
C LEU C 91 -36.73 6.30 4.05
N THR C 92 -35.90 5.54 3.34
CA THR C 92 -35.05 6.13 2.30
C THR C 92 -35.66 6.04 0.90
N ARG C 93 -36.48 5.03 0.67
CA ARG C 93 -37.12 4.82 -0.64
C ARG C 93 -36.07 4.58 -1.72
N ALA C 94 -34.87 4.23 -1.30
CA ALA C 94 -33.78 3.99 -2.24
C ALA C 94 -33.36 2.52 -2.27
N THR C 95 -34.00 1.67 -1.47
CA THR C 95 -33.64 0.26 -1.41
C THR C 95 -34.83 -0.71 -1.54
N PRO C 96 -35.58 -0.63 -2.65
CA PRO C 96 -36.75 -1.50 -2.87
C PRO C 96 -36.46 -3.00 -3.02
N ASN C 97 -35.21 -3.37 -3.26
CA ASN C 97 -34.87 -4.77 -3.44
C ASN C 97 -33.82 -5.31 -2.47
N VAL C 98 -34.02 -6.55 -2.04
CA VAL C 98 -33.10 -7.21 -1.11
C VAL C 98 -32.32 -8.31 -1.80
N SER C 99 -31.06 -8.47 -1.42
CA SER C 99 -30.21 -9.49 -2.00
C SER C 99 -30.05 -10.64 -0.99
N LEU C 100 -30.45 -11.83 -1.40
CA LEU C 100 -30.38 -13.01 -0.54
C LEU C 100 -29.06 -13.78 -0.62
N HIS C 101 -28.69 -14.42 0.49
CA HIS C 101 -27.47 -15.21 0.56
C HIS C 101 -27.84 -16.62 1.03
N ILE C 102 -27.43 -17.62 0.26
CA ILE C 102 -27.73 -19.03 0.58
C ILE C 102 -26.45 -19.71 1.06
N PRO C 103 -26.56 -20.64 2.03
CA PRO C 103 -27.75 -21.12 2.73
C PRO C 103 -28.31 -20.26 3.86
N TRP C 104 -27.65 -19.16 4.22
CA TRP C 104 -28.15 -18.32 5.31
C TRP C 104 -29.65 -18.03 5.22
N ASP C 105 -30.10 -17.61 4.04
CA ASP C 105 -31.51 -17.26 3.85
C ASP C 105 -32.39 -18.36 3.25
N LYS C 106 -31.93 -19.60 3.31
CA LYS C 106 -32.73 -20.69 2.75
C LYS C 106 -34.07 -20.78 3.47
N ALA C 107 -35.14 -20.85 2.70
CA ALA C 107 -36.49 -20.93 3.25
C ALA C 107 -37.46 -21.16 2.09
N ASP C 108 -38.72 -21.43 2.40
CA ASP C 108 -39.71 -21.66 1.34
C ASP C 108 -39.81 -20.44 0.44
N PRO C 109 -39.44 -20.60 -0.84
CA PRO C 109 -39.48 -19.51 -1.82
C PRO C 109 -40.82 -18.78 -1.82
N LYS C 110 -41.91 -19.53 -1.68
CA LYS C 110 -43.23 -18.93 -1.66
C LYS C 110 -43.35 -17.93 -0.51
N GLU C 111 -42.93 -18.36 0.69
CA GLU C 111 -42.99 -17.50 1.85
C GLU C 111 -42.15 -16.24 1.67
N LEU C 112 -40.92 -16.39 1.22
CA LEU C 112 -40.03 -15.25 0.99
C LEU C 112 -40.73 -14.23 0.11
N LYS C 113 -41.19 -14.69 -1.05
CA LYS C 113 -41.89 -13.83 -2.01
C LYS C 113 -43.12 -13.19 -1.39
N ALA C 114 -43.85 -13.97 -0.61
CA ALA C 114 -45.06 -13.49 0.04
C ALA C 114 -44.72 -12.39 1.05
N ARG C 115 -43.69 -12.62 1.85
CA ARG C 115 -43.29 -11.63 2.85
C ARG C 115 -42.76 -10.38 2.15
N GLY C 116 -42.00 -10.57 1.08
CA GLY C 116 -41.46 -9.45 0.36
C GLY C 116 -42.55 -8.56 -0.20
N ASP C 117 -43.54 -9.18 -0.85
CA ASP C 117 -44.65 -8.43 -1.44
C ASP C 117 -45.42 -7.63 -0.39
N ALA C 118 -45.63 -8.24 0.78
CA ALA C 118 -46.35 -7.57 1.86
C ALA C 118 -45.56 -6.39 2.42
N LEU C 119 -44.24 -6.50 2.37
CA LEU C 119 -43.36 -5.44 2.87
C LEU C 119 -42.98 -4.43 1.81
N GLY C 120 -43.35 -4.69 0.56
CA GLY C 120 -43.03 -3.77 -0.51
C GLY C 120 -41.57 -3.92 -0.93
N LEU C 121 -41.07 -5.14 -0.87
CA LEU C 121 -39.68 -5.41 -1.24
C LEU C 121 -39.58 -6.44 -2.37
N GLY C 122 -38.59 -6.24 -3.23
CA GLY C 122 -38.36 -7.17 -4.32
C GLY C 122 -37.09 -7.93 -4.00
N PHE C 123 -36.64 -8.79 -4.91
CA PHE C 123 -35.43 -9.57 -4.69
C PHE C 123 -34.40 -9.40 -5.80
N ASP C 124 -33.22 -8.91 -5.43
CA ASP C 124 -32.14 -8.68 -6.38
C ASP C 124 -31.31 -9.96 -6.57
N ALA C 125 -30.05 -9.79 -6.96
CA ALA C 125 -29.16 -10.92 -7.22
C ALA C 125 -29.00 -11.92 -6.07
N MET C 126 -29.00 -13.21 -6.44
CA MET C 126 -28.80 -14.29 -5.47
C MET C 126 -27.30 -14.37 -5.20
N ASN C 127 -26.95 -14.80 -3.98
CA ASN C 127 -25.55 -14.93 -3.59
C ASN C 127 -25.27 -16.35 -3.08
N SER C 128 -24.29 -17.02 -3.67
CA SER C 128 -23.94 -18.37 -3.26
C SER C 128 -22.85 -18.34 -2.18
N ASN C 129 -22.77 -19.42 -1.42
CA ASN C 129 -21.81 -19.51 -0.33
C ASN C 129 -21.00 -20.81 -0.33
N THR C 130 -19.79 -20.76 -0.87
CA THR C 130 -18.92 -21.93 -0.86
C THR C 130 -17.58 -21.52 -0.25
N PHE C 131 -17.65 -20.60 0.70
CA PHE C 131 -16.47 -20.13 1.41
C PHE C 131 -16.56 -20.50 2.89
N SER C 132 -17.55 -21.33 3.20
CA SER C 132 -17.78 -21.82 4.56
C SER C 132 -18.49 -23.17 4.49
N ASP C 133 -18.38 -23.96 5.55
CA ASP C 133 -19.01 -25.28 5.56
C ASP C 133 -20.32 -25.26 6.35
N ALA C 134 -21.33 -25.90 5.78
CA ALA C 134 -22.63 -25.97 6.44
C ALA C 134 -22.78 -27.34 7.10
N PRO C 135 -23.66 -27.45 8.10
CA PRO C 135 -23.88 -28.72 8.78
C PRO C 135 -24.28 -29.83 7.80
N GLY C 136 -23.71 -31.02 7.98
CA GLY C 136 -24.03 -32.16 7.12
C GLY C 136 -23.45 -32.10 5.71
N GLN C 137 -22.60 -31.13 5.44
CA GLN C 137 -21.97 -30.97 4.14
C GLN C 137 -21.02 -32.15 3.90
N ALA C 138 -21.11 -32.77 2.73
CA ALA C 138 -20.28 -33.92 2.40
C ALA C 138 -18.79 -33.61 2.21
N HIS C 139 -18.49 -32.53 1.49
CA HIS C 139 -17.10 -32.16 1.24
C HIS C 139 -16.80 -30.75 1.74
N SER C 140 -15.69 -30.60 2.46
CA SER C 140 -15.31 -29.31 3.01
C SER C 140 -14.70 -28.37 1.97
N TYR C 141 -14.90 -27.07 2.17
CA TYR C 141 -14.36 -26.06 1.26
C TYR C 141 -13.08 -25.44 1.83
N LYS C 142 -12.49 -26.11 2.81
CA LYS C 142 -11.28 -25.63 3.46
C LYS C 142 -10.17 -25.27 2.46
N TYR C 143 -10.01 -26.11 1.44
CA TYR C 143 -8.96 -25.89 0.44
C TYR C 143 -9.53 -25.40 -0.89
N GLY C 144 -10.73 -24.84 -0.86
CA GLY C 144 -11.32 -24.34 -2.09
C GLY C 144 -12.70 -24.91 -2.35
N SER C 145 -13.31 -24.50 -3.45
CA SER C 145 -14.64 -24.97 -3.82
C SER C 145 -14.73 -25.21 -5.31
N LEU C 146 -15.12 -24.17 -6.05
CA LEU C 146 -15.24 -24.28 -7.50
C LEU C 146 -13.88 -24.60 -8.15
N SER C 147 -12.79 -24.30 -7.44
CA SER C 147 -11.45 -24.58 -7.97
C SER C 147 -10.69 -25.61 -7.15
N HIS C 148 -11.40 -26.30 -6.26
CA HIS C 148 -10.82 -27.33 -5.40
C HIS C 148 -10.21 -28.44 -6.28
N THR C 149 -9.12 -29.05 -5.82
CA THR C 149 -8.48 -30.12 -6.59
C THR C 149 -9.35 -31.36 -6.70
N ASN C 150 -10.22 -31.56 -5.72
CA ASN C 150 -11.11 -32.72 -5.68
C ASN C 150 -12.35 -32.52 -6.54
N ALA C 151 -12.52 -33.38 -7.55
CA ALA C 151 -13.66 -33.27 -8.45
C ALA C 151 -15.01 -33.26 -7.74
N ALA C 152 -15.18 -34.14 -6.77
CA ALA C 152 -16.45 -34.22 -6.03
C ALA C 152 -16.75 -32.92 -5.30
N THR C 153 -15.72 -32.25 -4.82
CA THR C 153 -15.92 -30.99 -4.10
C THR C 153 -16.36 -29.90 -5.07
N ARG C 154 -15.79 -29.88 -6.27
CA ARG C 154 -16.18 -28.89 -7.26
C ARG C 154 -17.64 -29.13 -7.66
N ALA C 155 -17.98 -30.40 -7.91
CA ALA C 155 -19.34 -30.78 -8.29
C ALA C 155 -20.32 -30.32 -7.23
N GLN C 156 -19.99 -30.54 -5.96
CA GLN C 156 -20.86 -30.14 -4.86
C GLN C 156 -21.06 -28.62 -4.88
N ALA C 157 -19.98 -27.89 -5.13
CA ALA C 157 -20.05 -26.43 -5.17
C ALA C 157 -20.91 -25.99 -6.35
N VAL C 158 -20.76 -26.66 -7.49
CA VAL C 158 -21.54 -26.34 -8.67
C VAL C 158 -23.02 -26.57 -8.37
N GLU C 159 -23.32 -27.72 -7.77
CA GLU C 159 -24.69 -28.06 -7.43
C GLU C 159 -25.30 -26.97 -6.55
N HIS C 160 -24.53 -26.52 -5.56
CA HIS C 160 -25.01 -25.50 -4.65
C HIS C 160 -25.39 -24.22 -5.39
N ASN C 161 -24.56 -23.82 -6.35
CA ASN C 161 -24.83 -22.61 -7.12
C ASN C 161 -26.08 -22.76 -7.99
N LEU C 162 -26.29 -23.95 -8.54
CA LEU C 162 -27.46 -24.20 -9.37
C LEU C 162 -28.72 -24.10 -8.50
N GLU C 163 -28.61 -24.58 -7.27
CA GLU C 163 -29.73 -24.52 -6.34
C GLU C 163 -30.07 -23.05 -6.05
N CYS C 164 -29.04 -22.21 -6.00
CA CYS C 164 -29.25 -20.79 -5.74
C CYS C 164 -30.05 -20.16 -6.88
N ILE C 165 -29.78 -20.62 -8.09
CA ILE C 165 -30.49 -20.11 -9.25
C ILE C 165 -31.95 -20.57 -9.20
N GLU C 166 -32.19 -21.79 -8.73
CA GLU C 166 -33.55 -22.30 -8.63
C GLU C 166 -34.36 -21.50 -7.63
N ILE C 167 -33.76 -21.15 -6.50
CA ILE C 167 -34.43 -20.36 -5.48
C ILE C 167 -34.72 -18.97 -6.05
N GLY C 168 -33.74 -18.40 -6.75
CA GLY C 168 -33.90 -17.08 -7.33
C GLY C 168 -35.02 -16.98 -8.36
N LYS C 169 -35.17 -18.01 -9.18
CA LYS C 169 -36.21 -18.00 -10.21
C LYS C 169 -37.57 -18.00 -9.54
N ALA C 170 -37.69 -18.74 -8.44
CA ALA C 170 -38.93 -18.84 -7.70
C ALA C 170 -39.34 -17.57 -6.97
N ILE C 171 -38.39 -16.67 -6.72
CA ILE C 171 -38.69 -15.43 -6.00
C ILE C 171 -38.57 -14.15 -6.83
N GLY C 172 -38.21 -14.29 -8.09
CA GLY C 172 -38.09 -13.11 -8.94
C GLY C 172 -36.70 -12.56 -9.18
N SER C 173 -35.67 -13.27 -8.70
CA SER C 173 -34.31 -12.82 -8.92
C SER C 173 -33.96 -13.04 -10.39
N LYS C 174 -32.93 -12.34 -10.86
CA LYS C 174 -32.51 -12.47 -12.25
C LYS C 174 -30.99 -12.55 -12.39
N ALA C 175 -30.31 -12.93 -11.31
CA ALA C 175 -28.86 -13.01 -11.34
C ALA C 175 -28.28 -13.75 -10.15
N LEU C 176 -27.09 -14.32 -10.37
CA LEU C 176 -26.36 -15.04 -9.35
C LEU C 176 -25.00 -14.37 -9.20
N THR C 177 -24.61 -14.06 -7.98
CA THR C 177 -23.31 -13.44 -7.73
C THR C 177 -22.45 -14.50 -7.08
N VAL C 178 -21.28 -14.73 -7.68
CA VAL C 178 -20.36 -15.74 -7.18
C VAL C 178 -19.05 -15.16 -6.63
N TRP C 179 -18.88 -15.24 -5.32
CA TRP C 179 -17.65 -14.79 -4.69
C TRP C 179 -17.18 -15.97 -3.84
N ILE C 180 -15.94 -16.41 -4.07
CA ILE C 180 -15.40 -17.51 -3.30
C ILE C 180 -14.08 -17.09 -2.66
N GLY C 181 -13.67 -17.82 -1.62
CA GLY C 181 -12.44 -17.48 -0.94
C GLY C 181 -11.26 -18.23 -1.55
N ASP C 182 -11.57 -19.12 -2.49
CA ASP C 182 -10.56 -19.92 -3.17
C ASP C 182 -9.24 -19.21 -3.43
N GLY C 183 -8.16 -19.84 -3.02
CA GLY C 183 -6.84 -19.28 -3.19
C GLY C 183 -5.84 -20.09 -2.37
N SER C 184 -4.72 -19.47 -2.01
CA SER C 184 -3.71 -20.16 -1.22
C SER C 184 -3.09 -19.21 -0.19
N ASN C 185 -2.53 -19.79 0.87
CA ASN C 185 -1.88 -19.01 1.91
C ASN C 185 -0.36 -19.16 1.84
N PHE C 186 0.11 -20.06 0.99
CA PHE C 186 1.54 -20.30 0.86
C PHE C 186 2.01 -20.50 -0.57
N PRO C 187 3.21 -19.99 -0.88
CA PRO C 187 3.75 -20.15 -2.24
C PRO C 187 3.89 -21.66 -2.49
N GLY C 188 3.53 -22.10 -3.69
CA GLY C 188 3.61 -23.52 -4.01
C GLY C 188 2.38 -24.33 -3.66
N GLN C 189 1.61 -23.88 -2.66
CA GLN C 189 0.41 -24.61 -2.26
C GLN C 189 -0.54 -24.85 -3.43
N SER C 190 -0.73 -23.83 -4.26
CA SER C 190 -1.61 -23.94 -5.42
C SER C 190 -0.84 -23.66 -6.71
N ASN C 191 -1.27 -24.30 -7.79
CA ASN C 191 -0.66 -24.02 -9.09
C ASN C 191 -1.66 -23.01 -9.64
N PHE C 192 -1.23 -21.77 -9.77
CA PHE C 192 -2.12 -20.70 -10.25
C PHE C 192 -2.95 -21.03 -11.48
N THR C 193 -2.29 -21.52 -12.51
CA THR C 193 -2.99 -21.84 -13.75
C THR C 193 -3.99 -22.98 -13.64
N ARG C 194 -3.58 -24.10 -13.05
CA ARG C 194 -4.48 -25.24 -12.90
C ARG C 194 -5.70 -24.89 -12.07
N ALA C 195 -5.49 -24.14 -10.99
CA ALA C 195 -6.60 -23.75 -10.13
C ALA C 195 -7.61 -22.90 -10.94
N PHE C 196 -7.09 -21.99 -11.75
CA PHE C 196 -7.96 -21.13 -12.56
C PHE C 196 -8.68 -21.97 -13.63
N GLU C 197 -7.98 -22.92 -14.22
CA GLU C 197 -8.59 -23.78 -15.24
C GLU C 197 -9.77 -24.54 -14.61
N ARG C 198 -9.56 -25.05 -13.40
CA ARG C 198 -10.61 -25.78 -12.70
C ARG C 198 -11.79 -24.86 -12.43
N TYR C 199 -11.49 -23.63 -12.00
CA TYR C 199 -12.52 -22.64 -11.71
C TYR C 199 -13.34 -22.34 -12.97
N LEU C 200 -12.65 -22.07 -14.06
CA LEU C 200 -13.32 -21.78 -15.32
C LEU C 200 -14.25 -22.91 -15.76
N SER C 201 -13.78 -24.14 -15.60
CA SER C 201 -14.58 -25.30 -15.97
C SER C 201 -15.85 -25.42 -15.13
N ALA C 202 -15.72 -25.20 -13.83
CA ALA C 202 -16.86 -25.29 -12.92
C ALA C 202 -17.87 -24.17 -13.19
N MET C 203 -17.37 -22.96 -13.42
CA MET C 203 -18.24 -21.82 -13.70
C MET C 203 -19.00 -22.07 -15.01
N ALA C 204 -18.38 -22.79 -15.94
CA ALA C 204 -19.02 -23.09 -17.20
C ALA C 204 -20.26 -23.94 -16.95
N GLU C 205 -20.16 -24.85 -15.97
CA GLU C 205 -21.30 -25.70 -15.64
C GLU C 205 -22.43 -24.88 -15.03
N ILE C 206 -22.08 -23.90 -14.20
CA ILE C 206 -23.08 -23.04 -13.58
C ILE C 206 -23.76 -22.19 -14.66
N TYR C 207 -22.96 -21.70 -15.60
CA TYR C 207 -23.45 -20.89 -16.70
C TYR C 207 -24.54 -21.63 -17.47
N LYS C 208 -24.36 -22.93 -17.65
CA LYS C 208 -25.33 -23.74 -18.38
C LYS C 208 -26.70 -23.77 -17.69
N GLY C 209 -26.73 -23.47 -16.40
CA GLY C 209 -27.98 -23.49 -15.67
C GLY C 209 -28.69 -22.15 -15.60
N LEU C 210 -28.16 -21.15 -16.31
CA LEU C 210 -28.75 -19.82 -16.30
C LEU C 210 -29.89 -19.63 -17.29
N PRO C 211 -30.99 -19.02 -16.83
CA PRO C 211 -32.13 -18.79 -17.74
C PRO C 211 -31.66 -17.78 -18.78
N ASP C 212 -32.41 -17.63 -19.87
CA ASP C 212 -32.02 -16.70 -20.93
C ASP C 212 -31.95 -15.24 -20.49
N ASP C 213 -32.71 -14.88 -19.46
CA ASP C 213 -32.72 -13.50 -18.99
C ASP C 213 -31.94 -13.27 -17.70
N TRP C 214 -31.10 -14.25 -17.34
CA TRP C 214 -30.29 -14.14 -16.12
C TRP C 214 -28.86 -13.74 -16.42
N LYS C 215 -28.17 -13.28 -15.38
CA LYS C 215 -26.77 -12.90 -15.51
C LYS C 215 -25.98 -13.59 -14.41
N LEU C 216 -24.71 -13.88 -14.68
CA LEU C 216 -23.83 -14.52 -13.71
C LEU C 216 -22.70 -13.55 -13.41
N PHE C 217 -22.63 -13.11 -12.16
CA PHE C 217 -21.59 -12.16 -11.76
C PHE C 217 -20.47 -12.79 -10.94
N SER C 218 -19.24 -12.64 -11.43
CA SER C 218 -18.08 -13.14 -10.71
C SER C 218 -17.47 -11.92 -10.02
N GLU C 219 -17.07 -12.11 -8.77
CA GLU C 219 -16.52 -11.01 -7.98
C GLU C 219 -15.06 -11.22 -7.60
N HIS C 220 -14.20 -10.29 -8.00
CA HIS C 220 -12.78 -10.40 -7.69
C HIS C 220 -12.47 -9.80 -6.31
N LYS C 221 -11.39 -10.29 -5.71
CA LYS C 221 -10.94 -9.81 -4.41
C LYS C 221 -9.45 -10.12 -4.28
N MET C 222 -8.65 -9.11 -3.97
CA MET C 222 -7.20 -9.28 -3.86
C MET C 222 -6.77 -10.29 -2.81
N TYR C 223 -7.42 -10.28 -1.65
CA TYR C 223 -7.08 -11.22 -0.57
C TYR C 223 -8.16 -11.28 0.49
N GLU C 224 -8.03 -12.29 1.36
CA GLU C 224 -8.95 -12.58 2.45
C GLU C 224 -10.19 -13.29 1.89
N PRO C 225 -10.43 -14.54 2.31
CA PRO C 225 -9.65 -15.36 3.25
C PRO C 225 -8.28 -15.89 2.86
N ALA C 226 -7.93 -15.86 1.57
CA ALA C 226 -6.63 -16.36 1.15
C ALA C 226 -5.59 -15.25 1.31
N PHE C 227 -4.47 -15.58 1.95
CA PHE C 227 -3.46 -14.57 2.21
C PHE C 227 -2.17 -14.59 1.41
N TYR C 228 -2.12 -15.39 0.35
CA TYR C 228 -0.95 -15.39 -0.51
C TYR C 228 -1.45 -15.15 -1.94
N SER C 229 -2.36 -16.00 -2.40
CA SER C 229 -2.92 -15.80 -3.73
C SER C 229 -4.41 -16.14 -3.70
N THR C 230 -5.16 -15.53 -4.60
CA THR C 230 -6.59 -15.75 -4.71
C THR C 230 -6.85 -15.98 -6.20
N VAL C 231 -7.67 -16.99 -6.52
CA VAL C 231 -7.95 -17.31 -7.91
C VAL C 231 -8.53 -16.11 -8.66
N VAL C 232 -9.62 -15.55 -8.15
CA VAL C 232 -10.23 -14.38 -8.77
C VAL C 232 -9.70 -13.20 -7.97
N GLN C 233 -8.42 -12.86 -8.18
CA GLN C 233 -7.78 -11.78 -7.42
C GLN C 233 -8.02 -10.34 -7.87
N ASP C 234 -8.21 -10.10 -9.16
CA ASP C 234 -8.46 -8.73 -9.62
C ASP C 234 -9.36 -8.64 -10.86
N TRP C 235 -9.62 -7.42 -11.32
CA TRP C 235 -10.50 -7.23 -12.46
C TRP C 235 -9.95 -7.82 -13.75
N GLY C 236 -8.64 -8.03 -13.80
CA GLY C 236 -8.03 -8.61 -14.98
C GLY C 236 -8.46 -10.06 -15.10
N THR C 237 -8.30 -10.83 -14.02
CA THR C 237 -8.72 -12.22 -14.02
C THR C 237 -10.24 -12.27 -14.19
N ASN C 238 -10.92 -11.36 -13.52
CA ASN C 238 -12.37 -11.30 -13.60
C ASN C 238 -12.80 -11.07 -15.05
N TYR C 239 -12.07 -10.23 -15.77
CA TYR C 239 -12.43 -9.98 -17.17
C TYR C 239 -12.28 -11.26 -17.98
N LEU C 240 -11.18 -11.97 -17.78
CA LEU C 240 -10.93 -13.22 -18.49
C LEU C 240 -12.05 -14.22 -18.23
N ILE C 241 -12.57 -14.22 -17.01
CA ILE C 241 -13.66 -15.11 -16.64
C ILE C 241 -14.92 -14.77 -17.44
N ALA C 242 -15.34 -13.51 -17.36
CA ALA C 242 -16.53 -13.06 -18.06
C ALA C 242 -16.45 -13.25 -19.57
N GLN C 243 -15.28 -12.96 -20.15
CA GLN C 243 -15.09 -13.10 -21.58
C GLN C 243 -15.17 -14.58 -22.00
N THR C 244 -14.58 -15.44 -21.18
CA THR C 244 -14.57 -16.88 -21.46
C THR C 244 -15.94 -17.53 -21.30
N LEU C 245 -16.65 -17.19 -20.23
CA LEU C 245 -17.95 -17.80 -19.95
C LEU C 245 -19.04 -17.50 -20.97
N GLY C 246 -19.25 -16.22 -21.28
CA GLY C 246 -20.28 -15.87 -22.24
C GLY C 246 -20.95 -14.53 -22.02
N PRO C 247 -21.89 -14.16 -22.91
CA PRO C 247 -22.65 -12.90 -22.88
C PRO C 247 -23.37 -12.65 -21.57
N LYS C 248 -23.84 -13.71 -20.93
CA LYS C 248 -24.56 -13.58 -19.67
C LYS C 248 -23.67 -13.44 -18.45
N ALA C 249 -22.36 -13.56 -18.65
CA ALA C 249 -21.41 -13.44 -17.55
C ALA C 249 -20.75 -12.06 -17.52
N GLN C 250 -20.81 -11.41 -16.36
CA GLN C 250 -20.21 -10.08 -16.21
C GLN C 250 -19.46 -9.98 -14.88
N CYS C 251 -18.74 -8.87 -14.70
CA CYS C 251 -17.93 -8.67 -13.51
C CYS C 251 -18.53 -7.74 -12.47
N LEU C 252 -18.38 -8.11 -11.20
CA LEU C 252 -18.87 -7.28 -10.09
C LEU C 252 -17.68 -6.61 -9.42
N VAL C 253 -17.78 -5.30 -9.23
CA VAL C 253 -16.72 -4.52 -8.61
C VAL C 253 -17.07 -4.10 -7.18
N ASP C 254 -16.35 -4.64 -6.21
CA ASP C 254 -16.57 -4.32 -4.81
C ASP C 254 -15.50 -3.31 -4.44
N LEU C 255 -15.92 -2.10 -4.08
CA LEU C 255 -15.00 -1.03 -3.75
C LEU C 255 -13.79 -1.36 -2.87
N GLY C 256 -14.00 -2.12 -1.79
CA GLY C 256 -12.89 -2.45 -0.91
C GLY C 256 -12.08 -3.70 -1.24
N HIS C 257 -12.20 -4.24 -2.45
CA HIS C 257 -11.46 -5.45 -2.81
C HIS C 257 -10.24 -5.21 -3.68
N HIS C 258 -9.71 -4.00 -3.66
CA HIS C 258 -8.58 -3.66 -4.49
C HIS C 258 -7.32 -3.34 -3.71
N ALA C 259 -6.18 -3.41 -4.39
CA ALA C 259 -4.90 -3.12 -3.77
C ALA C 259 -4.83 -1.65 -3.38
N PRO C 260 -3.97 -1.32 -2.42
CA PRO C 260 -3.85 0.08 -1.98
C PRO C 260 -3.55 0.99 -3.17
N ASN C 261 -4.20 2.16 -3.19
CA ASN C 261 -4.03 3.18 -4.22
C ASN C 261 -4.56 2.89 -5.61
N THR C 262 -5.21 1.74 -5.78
CA THR C 262 -5.77 1.37 -7.07
C THR C 262 -6.75 2.42 -7.57
N ASN C 263 -6.72 2.71 -8.87
CA ASN C 263 -7.66 3.67 -9.44
C ASN C 263 -8.88 2.83 -9.80
N ILE C 264 -9.82 2.78 -8.88
CA ILE C 264 -11.03 2.00 -9.04
C ILE C 264 -11.99 2.52 -10.11
N GLU C 265 -12.16 3.83 -10.19
CA GLU C 265 -13.05 4.39 -11.22
C GLU C 265 -12.58 4.03 -12.63
N MET C 266 -11.28 3.81 -12.81
CA MET C 266 -10.78 3.45 -14.14
C MET C 266 -11.24 2.04 -14.48
N ILE C 267 -11.17 1.14 -13.50
CA ILE C 267 -11.59 -0.25 -13.72
C ILE C 267 -13.05 -0.22 -14.19
N VAL C 268 -13.86 0.58 -13.53
CA VAL C 268 -15.27 0.72 -13.89
C VAL C 268 -15.39 1.12 -15.36
N ALA C 269 -14.64 2.14 -15.76
CA ALA C 269 -14.67 2.61 -17.14
C ALA C 269 -14.25 1.51 -18.13
N ARG C 270 -13.18 0.79 -17.80
CA ARG C 270 -12.70 -0.28 -18.65
C ARG C 270 -13.75 -1.39 -18.85
N LEU C 271 -14.42 -1.76 -17.77
CA LEU C 271 -15.44 -2.80 -17.84
C LEU C 271 -16.66 -2.34 -18.64
N ILE C 272 -17.00 -1.06 -18.51
CA ILE C 272 -18.14 -0.51 -19.25
C ILE C 272 -17.79 -0.53 -20.73
N GLN C 273 -16.56 -0.16 -21.04
CA GLN C 273 -16.08 -0.11 -22.42
C GLN C 273 -16.21 -1.46 -23.12
N PHE C 274 -15.90 -2.53 -22.39
CA PHE C 274 -15.97 -3.85 -22.98
C PHE C 274 -17.23 -4.63 -22.60
N GLY C 275 -18.24 -3.90 -22.15
CA GLY C 275 -19.52 -4.48 -21.78
C GLY C 275 -19.51 -5.58 -20.75
N LYS C 276 -18.66 -5.45 -19.74
CA LYS C 276 -18.59 -6.48 -18.71
C LYS C 276 -18.78 -5.97 -17.29
N LEU C 277 -19.40 -4.80 -17.15
CA LEU C 277 -19.66 -4.25 -15.83
C LEU C 277 -21.02 -4.78 -15.37
N GLY C 278 -20.99 -5.88 -14.61
CA GLY C 278 -22.22 -6.48 -14.13
C GLY C 278 -22.87 -5.65 -13.04
N GLY C 279 -22.04 -5.13 -12.14
CA GLY C 279 -22.59 -4.33 -11.06
C GLY C 279 -21.58 -3.94 -10.00
N PHE C 280 -22.07 -3.24 -8.98
CA PHE C 280 -21.24 -2.76 -7.89
C PHE C 280 -21.65 -3.29 -6.53
N HIS C 281 -20.68 -3.29 -5.63
CA HIS C 281 -20.90 -3.67 -4.25
C HIS C 281 -20.31 -2.46 -3.53
N PHE C 282 -21.19 -1.61 -3.01
CA PHE C 282 -20.78 -0.38 -2.34
C PHE C 282 -20.43 -0.52 -0.87
N ASN C 283 -19.41 0.25 -0.48
CA ASN C 283 -18.89 0.31 0.87
C ASN C 283 -17.69 1.25 0.81
N ASP C 284 -17.07 1.51 1.95
CA ASP C 284 -15.90 2.38 1.96
C ASP C 284 -14.84 1.66 2.78
N SER C 285 -13.60 2.13 2.68
CA SER C 285 -12.51 1.51 3.40
C SER C 285 -11.31 2.43 3.44
N LYS C 286 -10.34 2.09 4.28
CA LYS C 286 -9.13 2.88 4.41
C LYS C 286 -7.90 1.99 4.39
N TYR C 287 -8.06 0.75 4.87
CA TYR C 287 -6.93 -0.18 4.94
C TYR C 287 -7.06 -1.41 4.03
N GLY C 288 -8.13 -2.17 4.20
CA GLY C 288 -8.35 -3.36 3.40
C GLY C 288 -9.82 -3.45 3.01
N ASP C 289 -10.39 -4.65 3.11
CA ASP C 289 -11.80 -4.83 2.79
C ASP C 289 -12.53 -4.52 4.10
N ASP C 290 -12.45 -3.27 4.52
CA ASP C 290 -13.04 -2.80 5.76
C ASP C 290 -14.56 -2.85 5.84
N ASP C 291 -15.23 -2.84 4.69
CA ASP C 291 -16.69 -2.92 4.65
C ASP C 291 -17.39 -1.83 5.46
N LEU C 292 -16.85 -0.62 5.40
CA LEU C 292 -17.42 0.51 6.12
C LEU C 292 -18.58 1.16 5.37
N ASP C 293 -19.30 2.03 6.06
CA ASP C 293 -20.43 2.74 5.47
C ASP C 293 -19.97 3.51 4.23
N ALA C 294 -20.66 3.28 3.12
CA ALA C 294 -20.33 3.95 1.86
C ALA C 294 -20.15 5.45 2.03
N GLY C 295 -19.03 5.96 1.53
CA GLY C 295 -18.76 7.39 1.61
C GLY C 295 -18.31 7.96 2.94
N ALA C 296 -18.24 7.13 3.97
CA ALA C 296 -17.84 7.63 5.29
C ALA C 296 -16.35 7.94 5.40
N ILE C 297 -15.54 7.40 4.49
CA ILE C 297 -14.10 7.61 4.51
C ILE C 297 -13.60 8.45 3.32
N GLU C 298 -14.00 8.07 2.11
CA GLU C 298 -13.60 8.82 0.93
C GLU C 298 -14.79 9.11 0.03
N PRO C 299 -15.56 10.16 0.35
CA PRO C 299 -16.73 10.48 -0.45
C PRO C 299 -16.43 10.91 -1.89
N TYR C 300 -15.30 11.58 -2.12
CA TYR C 300 -14.98 12.02 -3.48
C TYR C 300 -14.77 10.82 -4.40
N ARG C 301 -14.11 9.79 -3.90
CA ARG C 301 -13.88 8.59 -4.69
C ARG C 301 -15.21 7.98 -5.11
N LEU C 302 -16.18 7.99 -4.19
CA LEU C 302 -17.50 7.46 -4.50
C LEU C 302 -18.10 8.29 -5.62
N PHE C 303 -17.91 9.60 -5.56
CA PHE C 303 -18.41 10.52 -6.58
C PHE C 303 -17.74 10.21 -7.93
N LEU C 304 -16.43 10.01 -7.91
CA LEU C 304 -15.69 9.72 -9.13
C LEU C 304 -16.16 8.42 -9.80
N VAL C 305 -16.53 7.44 -8.99
CA VAL C 305 -17.03 6.19 -9.55
C VAL C 305 -18.36 6.50 -10.22
N PHE C 306 -19.22 7.27 -9.54
CA PHE C 306 -20.50 7.62 -10.12
C PHE C 306 -20.34 8.52 -11.33
N ASN C 307 -19.26 9.30 -11.38
CA ASN C 307 -19.04 10.16 -12.52
C ASN C 307 -18.93 9.28 -13.77
N GLU C 308 -18.26 8.13 -13.62
CA GLU C 308 -18.12 7.21 -14.75
C GLU C 308 -19.48 6.61 -15.10
N LEU C 309 -20.24 6.26 -14.07
CA LEU C 309 -21.56 5.67 -14.26
C LEU C 309 -22.52 6.63 -14.98
N VAL C 310 -22.48 7.90 -14.59
CA VAL C 310 -23.35 8.89 -15.22
C VAL C 310 -22.89 9.25 -16.63
N ASP C 311 -21.59 9.23 -16.86
CA ASP C 311 -21.08 9.54 -18.19
C ASP C 311 -21.56 8.51 -19.20
N ALA C 312 -21.66 7.26 -18.76
CA ALA C 312 -22.14 6.18 -19.63
C ALA C 312 -23.65 6.28 -19.75
N GLU C 313 -24.31 6.54 -18.62
CA GLU C 313 -25.76 6.66 -18.56
C GLU C 313 -26.24 7.82 -19.43
N ALA C 314 -25.36 8.81 -19.63
CA ALA C 314 -25.69 9.98 -20.42
C ALA C 314 -25.34 9.79 -21.90
N ARG C 315 -24.31 9.01 -22.17
CA ARG C 315 -23.90 8.75 -23.54
C ARG C 315 -24.72 7.63 -24.17
N GLY C 316 -25.94 7.46 -23.66
CA GLY C 316 -26.83 6.45 -24.18
C GLY C 316 -26.29 5.03 -24.25
N VAL C 317 -25.22 4.73 -23.52
CA VAL C 317 -24.64 3.39 -23.51
C VAL C 317 -25.77 2.38 -23.40
N LYS C 318 -26.15 1.82 -24.54
CA LYS C 318 -27.24 0.85 -24.62
C LYS C 318 -26.97 -0.44 -23.86
N GLY C 319 -28.03 -1.00 -23.28
CA GLY C 319 -27.88 -2.24 -22.52
C GLY C 319 -26.99 -2.03 -21.30
N PHE C 320 -27.20 -0.93 -20.60
CA PHE C 320 -26.40 -0.61 -19.42
C PHE C 320 -27.27 -0.52 -18.18
N HIS C 321 -27.43 -1.65 -17.50
CA HIS C 321 -28.23 -1.70 -16.27
C HIS C 321 -27.45 -2.47 -15.22
N PRO C 322 -26.36 -1.87 -14.70
CA PRO C 322 -25.56 -2.53 -13.67
C PRO C 322 -26.33 -2.77 -12.39
N ALA C 323 -26.14 -3.94 -11.78
CA ALA C 323 -26.82 -4.29 -10.55
C ALA C 323 -26.05 -3.74 -9.36
N HIS C 324 -26.58 -2.70 -8.74
CA HIS C 324 -25.94 -2.07 -7.58
C HIS C 324 -26.41 -2.67 -6.27
N MET C 325 -25.47 -2.88 -5.35
CA MET C 325 -25.81 -3.43 -4.04
C MET C 325 -24.87 -2.90 -2.98
N ILE C 326 -25.39 -2.76 -1.77
CA ILE C 326 -24.58 -2.32 -0.64
C ILE C 326 -24.06 -3.61 -0.03
N ASN C 327 -22.77 -3.66 0.28
CA ASN C 327 -22.18 -4.84 0.90
C ASN C 327 -21.25 -4.32 1.96
N GLN C 328 -21.77 -4.24 3.19
CA GLN C 328 -21.02 -3.72 4.31
C GLN C 328 -21.17 -4.57 5.56
N SER C 329 -20.36 -4.24 6.56
CA SER C 329 -20.40 -4.92 7.85
C SER C 329 -20.53 -3.78 8.85
N HIS C 330 -21.52 -3.88 9.73
CA HIS C 330 -21.73 -2.84 10.71
C HIS C 330 -21.36 -3.40 12.07
N ASN C 331 -20.16 -3.06 12.50
CA ASN C 331 -19.65 -3.56 13.78
C ASN C 331 -19.85 -2.67 14.99
N VAL C 332 -20.04 -1.37 14.79
CA VAL C 332 -20.21 -0.45 15.92
C VAL C 332 -21.34 0.56 15.78
N THR C 333 -22.35 0.21 14.99
CA THR C 333 -23.50 1.09 14.80
C THR C 333 -24.74 0.22 14.64
N ASP C 334 -25.91 0.84 14.70
CA ASP C 334 -27.15 0.12 14.51
C ASP C 334 -27.14 -0.15 13.00
N PRO C 335 -27.08 -1.42 12.60
CA PRO C 335 -27.07 -1.82 11.18
C PRO C 335 -28.06 -1.07 10.30
N ILE C 336 -29.29 -0.89 10.79
CA ILE C 336 -30.30 -0.21 10.02
C ILE C 336 -29.92 1.25 9.75
N GLU C 337 -29.43 1.94 10.78
CA GLU C 337 -29.05 3.35 10.63
C GLU C 337 -27.91 3.49 9.63
N SER C 338 -26.92 2.61 9.71
CA SER C 338 -25.78 2.66 8.79
C SER C 338 -26.24 2.42 7.36
N LEU C 339 -27.06 1.39 7.15
CA LEU C 339 -27.54 1.10 5.80
C LEU C 339 -28.34 2.27 5.26
N ILE C 340 -29.08 2.94 6.13
CA ILE C 340 -29.87 4.10 5.72
C ILE C 340 -28.97 5.23 5.20
N ASN C 341 -28.00 5.65 6.00
CA ASN C 341 -27.11 6.72 5.58
C ASN C 341 -26.19 6.32 4.44
N SER C 342 -25.92 5.03 4.30
CA SER C 342 -25.07 4.55 3.21
C SER C 342 -25.82 4.68 1.90
N ALA C 343 -27.08 4.26 1.90
CA ALA C 343 -27.93 4.37 0.72
C ALA C 343 -28.04 5.84 0.37
N ASN C 344 -28.11 6.69 1.40
CA ASN C 344 -28.20 8.12 1.20
C ASN C 344 -26.94 8.66 0.52
N GLU C 345 -25.76 8.26 1.03
CA GLU C 345 -24.50 8.72 0.46
C GLU C 345 -24.37 8.30 -1.01
N ILE C 346 -24.89 7.12 -1.34
CA ILE C 346 -24.82 6.62 -2.70
C ILE C 346 -25.67 7.50 -3.62
N ARG C 347 -26.86 7.88 -3.17
CA ARG C 347 -27.71 8.74 -3.96
C ARG C 347 -27.10 10.14 -4.04
N ARG C 348 -26.37 10.51 -2.99
CA ARG C 348 -25.71 11.81 -2.93
C ARG C 348 -24.67 11.89 -4.03
N ALA C 349 -23.82 10.87 -4.11
CA ALA C 349 -22.77 10.84 -5.13
C ALA C 349 -23.42 10.79 -6.52
N TYR C 350 -24.52 10.07 -6.64
CA TYR C 350 -25.22 9.96 -7.92
C TYR C 350 -25.75 11.34 -8.33
N ALA C 351 -26.43 12.01 -7.41
CA ALA C 351 -27.01 13.33 -7.68
C ALA C 351 -25.93 14.33 -8.09
N GLN C 352 -24.81 14.34 -7.39
CA GLN C 352 -23.73 15.26 -7.70
C GLN C 352 -23.15 14.97 -9.09
N ALA C 353 -23.08 13.69 -9.44
CA ALA C 353 -22.57 13.30 -10.74
C ALA C 353 -23.50 13.83 -11.84
N LEU C 354 -24.79 13.93 -11.52
CA LEU C 354 -25.77 14.42 -12.47
C LEU C 354 -25.63 15.93 -12.71
N LEU C 355 -25.00 16.63 -11.77
CA LEU C 355 -24.80 18.07 -11.88
C LEU C 355 -23.62 18.47 -12.75
N VAL C 356 -22.77 17.49 -13.10
CA VAL C 356 -21.60 17.75 -13.92
C VAL C 356 -21.97 18.27 -15.31
N ASP C 357 -21.38 19.39 -15.70
CA ASP C 357 -21.62 19.97 -17.02
C ASP C 357 -20.80 19.14 -18.01
N ARG C 358 -21.42 18.10 -18.56
CA ARG C 358 -20.75 17.19 -19.49
C ARG C 358 -20.15 17.89 -20.71
N ALA C 359 -20.85 18.88 -21.26
CA ALA C 359 -20.36 19.61 -22.42
C ALA C 359 -19.10 20.39 -22.06
N ALA C 360 -19.14 21.07 -20.92
CA ALA C 360 -17.98 21.85 -20.47
C ALA C 360 -16.79 20.92 -20.21
N LEU C 361 -17.04 19.82 -19.51
CA LEU C 361 -15.98 18.87 -19.19
C LEU C 361 -15.32 18.36 -20.47
N SER C 362 -16.14 17.95 -21.44
CA SER C 362 -15.65 17.45 -22.70
C SER C 362 -14.75 18.47 -23.39
N GLY C 363 -15.14 19.74 -23.31
CA GLY C 363 -14.35 20.80 -23.92
C GLY C 363 -12.98 20.92 -23.28
N TYR C 364 -12.94 20.91 -21.95
CA TYR C 364 -11.68 21.03 -21.23
C TYR C 364 -10.81 19.79 -21.45
N GLN C 365 -11.43 18.64 -21.62
CA GLN C 365 -10.67 17.43 -21.86
C GLN C 365 -10.00 17.55 -23.24
N GLU C 366 -10.79 17.94 -24.24
CA GLU C 366 -10.25 18.08 -25.59
C GLU C 366 -9.14 19.12 -25.66
N ASP C 367 -9.26 20.18 -24.86
CA ASP C 367 -8.26 21.25 -24.86
C ASP C 367 -7.12 20.99 -23.90
N ASN C 368 -7.17 19.86 -23.18
CA ASN C 368 -6.13 19.53 -22.20
C ASN C 368 -6.02 20.62 -21.14
N ASP C 369 -7.17 21.15 -20.73
CA ASP C 369 -7.22 22.17 -19.67
C ASP C 369 -7.49 21.37 -18.41
N ALA C 370 -6.46 20.71 -17.89
CA ALA C 370 -6.60 19.88 -16.70
C ALA C 370 -7.25 20.59 -15.51
N LEU C 371 -6.80 21.80 -15.23
CA LEU C 371 -7.32 22.55 -14.10
C LEU C 371 -8.82 22.77 -14.18
N MET C 372 -9.29 23.30 -15.31
CA MET C 372 -10.72 23.56 -15.48
C MET C 372 -11.53 22.27 -15.57
N ALA C 373 -10.91 21.21 -16.10
CA ALA C 373 -11.60 19.93 -16.20
C ALA C 373 -11.88 19.39 -14.80
N THR C 374 -10.88 19.44 -13.93
CA THR C 374 -11.06 18.95 -12.57
C THR C 374 -11.99 19.89 -11.80
N GLU C 375 -11.90 21.19 -12.07
CA GLU C 375 -12.76 22.16 -11.39
C GLU C 375 -14.22 21.97 -11.83
N THR C 376 -14.43 21.46 -13.05
CA THR C 376 -15.80 21.24 -13.53
C THR C 376 -16.42 20.10 -12.71
N LEU C 377 -15.62 19.10 -12.35
CA LEU C 377 -16.12 17.99 -11.55
C LEU C 377 -16.38 18.48 -10.12
N LYS C 378 -15.45 19.27 -9.60
CA LYS C 378 -15.59 19.80 -8.25
C LYS C 378 -16.81 20.71 -8.06
N ARG C 379 -17.17 21.45 -9.11
CA ARG C 379 -18.32 22.33 -9.01
C ARG C 379 -19.58 21.50 -8.73
N ALA C 380 -19.61 20.29 -9.28
CA ALA C 380 -20.74 19.40 -9.07
C ALA C 380 -20.61 18.74 -7.70
N TYR C 381 -19.42 18.24 -7.40
CA TYR C 381 -19.16 17.57 -6.12
C TYR C 381 -19.33 18.47 -4.91
N ARG C 382 -18.91 19.74 -5.01
CA ARG C 382 -19.02 20.67 -3.89
C ARG C 382 -20.48 21.04 -3.58
N THR C 383 -21.36 20.81 -4.54
CA THR C 383 -22.77 21.15 -4.33
C THR C 383 -23.41 20.26 -3.28
N ASP C 384 -24.00 20.89 -2.27
CA ASP C 384 -24.67 20.15 -1.21
C ASP C 384 -26.05 19.77 -1.75
N VAL C 385 -26.20 18.51 -2.14
CA VAL C 385 -27.45 18.04 -2.71
C VAL C 385 -28.42 17.44 -1.71
N GLU C 386 -28.11 17.57 -0.42
CA GLU C 386 -28.96 17.02 0.62
C GLU C 386 -30.44 17.43 0.47
N PRO C 387 -30.70 18.68 0.05
CA PRO C 387 -32.11 19.09 -0.10
C PRO C 387 -32.82 18.24 -1.15
N ILE C 388 -32.11 17.91 -2.22
CA ILE C 388 -32.68 17.09 -3.28
C ILE C 388 -32.96 15.67 -2.75
N LEU C 389 -32.02 15.13 -2.00
CA LEU C 389 -32.17 13.80 -1.43
C LEU C 389 -33.35 13.76 -0.46
N ALA C 390 -33.45 14.79 0.38
CA ALA C 390 -34.51 14.87 1.37
C ALA C 390 -35.88 15.06 0.71
N GLU C 391 -35.93 15.94 -0.29
CA GLU C 391 -37.19 16.20 -0.99
C GLU C 391 -37.64 14.95 -1.75
N ALA C 392 -36.68 14.22 -2.33
CA ALA C 392 -37.00 13.00 -3.07
C ALA C 392 -37.67 12.00 -2.13
N ARG C 393 -37.11 11.85 -0.93
CA ARG C 393 -37.68 10.92 0.04
C ARG C 393 -39.07 11.37 0.47
N ARG C 394 -39.21 12.66 0.76
CA ARG C 394 -40.48 13.21 1.19
C ARG C 394 -41.58 12.96 0.16
N ARG C 395 -41.30 13.27 -1.10
CA ARG C 395 -42.27 13.11 -2.18
C ARG C 395 -42.62 11.67 -2.51
N THR C 396 -41.83 10.72 -2.03
CA THR C 396 -42.08 9.32 -2.32
C THR C 396 -42.52 8.50 -1.11
N GLY C 397 -42.87 9.19 -0.04
CA GLY C 397 -43.32 8.50 1.16
C GLY C 397 -42.22 8.16 2.16
N GLY C 398 -41.05 8.75 1.97
CA GLY C 398 -39.94 8.51 2.88
C GLY C 398 -39.80 9.61 3.92
N ALA C 399 -38.67 9.60 4.62
CA ALA C 399 -38.43 10.60 5.66
C ALA C 399 -37.38 11.63 5.27
N VAL C 400 -37.66 12.90 5.60
CA VAL C 400 -36.73 13.99 5.30
C VAL C 400 -35.40 13.66 5.96
N ASP C 401 -35.46 13.26 7.23
CA ASP C 401 -34.26 12.86 7.98
C ASP C 401 -34.53 11.43 8.43
N PRO C 402 -34.18 10.44 7.59
CA PRO C 402 -34.38 9.00 7.85
C PRO C 402 -33.94 8.47 9.21
N VAL C 403 -32.74 8.81 9.65
CA VAL C 403 -32.25 8.31 10.93
C VAL C 403 -32.98 8.96 12.10
N ALA C 404 -33.24 10.26 12.01
CA ALA C 404 -33.94 10.96 13.09
C ALA C 404 -35.32 10.32 13.25
N THR C 405 -35.99 10.04 12.14
CA THR C 405 -37.31 9.44 12.17
C THR C 405 -37.22 8.03 12.72
N TYR C 406 -36.17 7.30 12.33
CA TYR C 406 -35.94 5.94 12.79
C TYR C 406 -35.81 5.89 14.31
N ARG C 407 -35.02 6.81 14.85
CA ARG C 407 -34.81 6.86 16.29
C ARG C 407 -36.07 7.30 17.03
N ALA C 408 -36.83 8.21 16.41
CA ALA C 408 -38.07 8.71 17.00
C ALA C 408 -39.15 7.62 17.04
N SER C 409 -39.07 6.66 16.12
CA SER C 409 -40.06 5.60 16.06
C SER C 409 -39.89 4.55 17.17
N GLY C 410 -38.66 4.42 17.66
CA GLY C 410 -38.39 3.46 18.72
C GLY C 410 -38.32 2.03 18.21
N TYR C 411 -38.18 1.87 16.89
CA TYR C 411 -38.12 0.56 16.26
C TYR C 411 -37.13 -0.41 16.89
N ARG C 412 -35.89 0.03 17.09
CA ARG C 412 -34.87 -0.83 17.68
C ARG C 412 -35.32 -1.38 19.03
N ALA C 413 -35.90 -0.52 19.85
CA ALA C 413 -36.38 -0.92 21.17
C ALA C 413 -37.49 -1.96 21.01
N ARG C 414 -38.35 -1.75 20.02
CA ARG C 414 -39.46 -2.66 19.73
C ARG C 414 -39.00 -4.07 19.35
N VAL C 415 -38.20 -4.19 18.30
CA VAL C 415 -37.72 -5.51 17.89
C VAL C 415 -36.84 -6.13 18.97
N ALA C 416 -36.20 -5.29 19.78
CA ALA C 416 -35.36 -5.80 20.86
C ALA C 416 -36.22 -6.56 21.86
N ALA C 417 -37.47 -6.10 22.01
CA ALA C 417 -38.38 -6.75 22.94
C ALA C 417 -38.98 -8.01 22.34
N GLU C 418 -39.12 -8.03 21.01
CA GLU C 418 -39.70 -9.17 20.30
C GLU C 418 -38.74 -10.32 20.01
N ARG C 419 -37.45 -10.02 19.87
CA ARG C 419 -36.46 -11.04 19.54
C ARG C 419 -35.58 -11.47 20.71
N PRO C 420 -35.11 -12.72 20.69
CA PRO C 420 -34.24 -13.22 21.77
C PRO C 420 -32.92 -12.47 21.88
N ALA C 421 -32.33 -12.48 23.07
CA ALA C 421 -31.07 -11.81 23.32
C ALA C 421 -29.91 -12.54 22.65
N SER C 422 -28.86 -11.80 22.33
CA SER C 422 -27.68 -12.38 21.70
C SER C 422 -26.52 -12.31 22.69
N VAL C 423 -25.46 -13.06 22.41
CA VAL C 423 -24.28 -13.06 23.28
C VAL C 423 -23.06 -12.68 22.48
N ALA C 424 -22.18 -11.91 23.11
CA ALA C 424 -20.94 -11.49 22.47
C ALA C 424 -19.99 -12.67 22.53
N GLY C 425 -19.01 -12.68 21.63
CA GLY C 425 -18.04 -13.76 21.61
C GLY C 425 -16.85 -13.42 20.76
N GLY C 426 -15.92 -14.36 20.63
CA GLY C 426 -14.75 -14.12 19.82
C GLY C 426 -15.04 -14.43 18.37
N GLY C 427 -14.12 -14.07 17.49
CA GLY C 427 -14.31 -14.34 16.08
C GLY C 427 -13.74 -15.71 15.76
N GLY C 428 -13.60 -16.02 14.49
CA GLY C 428 -13.07 -17.31 14.10
C GLY C 428 -11.56 -17.47 14.26
N ILE C 429 -10.91 -16.51 14.90
CA ILE C 429 -9.45 -16.59 15.07
C ILE C 429 -9.07 -17.86 15.83
N ILE C 430 -9.92 -18.29 16.75
CA ILE C 430 -9.69 -19.51 17.52
C ILE C 430 -10.98 -20.31 17.64
N GLU D 3 8.05 -36.28 30.58
CA GLU D 3 7.58 -37.35 29.65
C GLU D 3 7.85 -36.95 28.21
N PHE D 4 7.53 -37.83 27.27
CA PHE D 4 7.76 -37.57 25.86
C PHE D 4 6.51 -37.78 25.02
N ARG D 5 6.01 -36.71 24.40
CA ARG D 5 4.83 -36.79 23.55
C ARG D 5 5.14 -37.68 22.36
N ILE D 6 6.37 -37.57 21.86
CA ILE D 6 6.80 -38.37 20.71
C ILE D 6 7.72 -39.47 21.21
N ALA D 7 7.42 -40.72 20.86
CA ALA D 7 8.22 -41.86 21.29
C ALA D 7 9.69 -41.67 20.95
N GLN D 8 10.53 -41.81 21.97
CA GLN D 8 11.97 -41.65 21.82
C GLN D 8 12.56 -42.57 20.75
N ASP D 9 11.93 -43.72 20.50
CA ASP D 9 12.44 -44.63 19.49
C ASP D 9 12.16 -44.13 18.08
N VAL D 10 11.08 -43.37 17.93
CA VAL D 10 10.73 -42.82 16.63
C VAL D 10 11.74 -41.72 16.28
N VAL D 11 12.11 -40.93 17.28
CA VAL D 11 13.07 -39.85 17.08
C VAL D 11 14.43 -40.39 16.68
N ALA D 12 14.90 -41.39 17.41
CA ALA D 12 16.19 -42.01 17.11
C ALA D 12 16.17 -42.62 15.71
N ARG D 13 15.04 -43.26 15.40
CA ARG D 13 14.87 -43.91 14.09
C ARG D 13 14.98 -42.90 12.95
N GLU D 14 14.14 -41.87 13.01
CA GLU D 14 14.14 -40.85 11.97
C GLU D 14 15.41 -40.01 11.92
N ASN D 15 16.19 -40.04 12.99
CA ASN D 15 17.45 -39.31 13.03
C ASN D 15 18.53 -40.16 12.37
N ASP D 16 18.56 -41.45 12.70
CA ASP D 16 19.54 -42.35 12.12
C ASP D 16 19.35 -42.43 10.62
N ARG D 17 18.09 -42.38 10.19
CA ARG D 17 17.77 -42.46 8.77
C ARG D 17 18.39 -41.32 7.97
N ARG D 18 18.57 -40.17 8.61
CA ARG D 18 19.11 -39.00 7.93
C ARG D 18 20.50 -38.58 8.42
N ALA D 19 21.03 -39.31 9.39
CA ALA D 19 22.34 -39.00 9.96
C ALA D 19 23.50 -38.92 8.98
N SER D 20 23.57 -39.86 8.05
CA SER D 20 24.65 -39.87 7.08
C SER D 20 24.69 -38.61 6.23
N ALA D 21 23.56 -38.26 5.65
CA ALA D 21 23.47 -37.07 4.81
C ALA D 21 23.80 -35.81 5.62
N LEU D 22 23.28 -35.73 6.84
CA LEU D 22 23.55 -34.57 7.67
C LEU D 22 25.03 -34.41 7.96
N LYS D 23 25.71 -35.52 8.22
CA LYS D 23 27.14 -35.47 8.50
C LYS D 23 27.87 -34.92 7.29
N GLU D 24 27.42 -35.31 6.10
CA GLU D 24 28.03 -34.85 4.86
C GLU D 24 27.79 -33.35 4.64
N ASP D 25 26.56 -32.91 4.87
CA ASP D 25 26.23 -31.50 4.69
C ASP D 25 26.88 -30.61 5.74
N TYR D 26 26.88 -31.09 6.99
CA TYR D 26 27.47 -30.32 8.07
C TYR D 26 28.97 -30.14 7.88
N GLU D 27 29.66 -31.22 7.50
CA GLU D 27 31.11 -31.15 7.28
C GLU D 27 31.44 -30.24 6.10
N ALA D 28 30.63 -30.30 5.06
CA ALA D 28 30.88 -29.45 3.89
C ALA D 28 30.70 -27.98 4.28
N LEU D 29 29.63 -27.69 5.02
CA LEU D 29 29.38 -26.32 5.45
C LEU D 29 30.49 -25.86 6.39
N GLY D 30 30.95 -26.77 7.24
CA GLY D 30 32.02 -26.44 8.17
C GLY D 30 33.27 -26.00 7.44
N ALA D 31 33.62 -26.73 6.39
CA ALA D 31 34.80 -26.43 5.59
C ALA D 31 34.64 -25.10 4.84
N ASN D 32 33.44 -24.86 4.34
CA ASN D 32 33.16 -23.63 3.61
C ASN D 32 33.27 -22.44 4.57
N LEU D 33 32.67 -22.56 5.75
CA LEU D 33 32.74 -21.48 6.73
C LEU D 33 34.19 -21.28 7.20
N ALA D 34 34.92 -22.38 7.34
CA ALA D 34 36.31 -22.31 7.76
C ALA D 34 37.09 -21.49 6.74
N ARG D 35 36.79 -21.69 5.47
CA ARG D 35 37.47 -20.93 4.42
C ARG D 35 37.11 -19.45 4.56
N ARG D 36 35.94 -19.18 5.13
CA ARG D 36 35.46 -17.81 5.32
C ARG D 36 35.85 -17.26 6.69
N GLY D 37 36.70 -18.00 7.41
CA GLY D 37 37.13 -17.56 8.72
C GLY D 37 36.08 -17.67 9.81
N VAL D 38 35.14 -18.59 9.65
CA VAL D 38 34.09 -18.78 10.63
C VAL D 38 34.11 -20.21 11.17
N ASP D 39 33.97 -20.34 12.49
CA ASP D 39 33.95 -21.65 13.14
C ASP D 39 32.50 -22.11 13.25
N ILE D 40 32.14 -23.11 12.45
CA ILE D 40 30.78 -23.62 12.45
C ILE D 40 30.31 -24.03 13.83
N GLU D 41 31.23 -24.56 14.65
CA GLU D 41 30.87 -24.99 16.00
C GLU D 41 30.37 -23.82 16.84
N ALA D 42 31.00 -22.66 16.66
CA ALA D 42 30.62 -21.47 17.41
C ALA D 42 29.21 -21.03 17.04
N VAL D 43 28.87 -21.17 15.76
CA VAL D 43 27.55 -20.78 15.26
C VAL D 43 26.49 -21.74 15.81
N THR D 44 26.76 -23.04 15.70
CA THR D 44 25.82 -24.04 16.18
C THR D 44 25.55 -23.87 17.66
N ALA D 45 26.61 -23.56 18.42
CA ALA D 45 26.48 -23.36 19.86
C ALA D 45 25.49 -22.25 20.16
N LYS D 46 25.56 -21.15 19.42
CA LYS D 46 24.65 -20.04 19.65
C LYS D 46 23.23 -20.37 19.19
N VAL D 47 23.13 -21.09 18.08
CA VAL D 47 21.83 -21.46 17.54
C VAL D 47 21.03 -22.34 18.49
N GLU D 48 21.70 -23.29 19.15
CA GLU D 48 21.00 -24.17 20.06
C GLU D 48 20.60 -23.45 21.34
N LYS D 49 20.99 -22.18 21.44
CA LYS D 49 20.64 -21.36 22.60
C LYS D 49 19.57 -20.33 22.25
N PHE D 50 19.15 -20.30 21.00
CA PHE D 50 18.12 -19.35 20.59
C PHE D 50 16.74 -19.92 20.79
N PHE D 51 15.93 -19.25 21.59
CA PHE D 51 14.57 -19.72 21.86
C PHE D 51 13.52 -18.68 21.50
N VAL D 52 12.35 -19.16 21.10
CA VAL D 52 11.23 -18.31 20.74
C VAL D 52 9.99 -18.98 21.33
N ALA D 53 9.16 -18.19 22.01
CA ALA D 53 7.96 -18.71 22.64
C ALA D 53 6.86 -19.05 21.63
N VAL D 54 6.12 -20.11 21.90
CA VAL D 54 5.02 -20.52 21.03
C VAL D 54 3.71 -20.06 21.65
N PRO D 55 2.79 -19.56 20.82
CA PRO D 55 1.49 -19.08 21.30
C PRO D 55 0.52 -20.23 21.56
N SER D 56 -0.04 -20.27 22.76
CA SER D 56 -1.01 -21.33 23.11
C SER D 56 -2.16 -21.33 22.11
N TRP D 57 -2.58 -20.14 21.69
CA TRP D 57 -3.70 -19.99 20.77
C TRP D 57 -3.35 -20.27 19.31
N GLY D 58 -2.10 -20.66 19.05
CA GLY D 58 -1.69 -20.96 17.70
C GLY D 58 -1.62 -22.47 17.47
N VAL D 59 -1.82 -23.23 18.55
CA VAL D 59 -1.78 -24.68 18.51
C VAL D 59 -3.05 -25.26 17.91
N GLY D 60 -4.13 -24.49 17.95
CA GLY D 60 -5.39 -24.92 17.37
C GLY D 60 -5.52 -24.27 16.01
N THR D 61 -6.40 -24.80 15.17
CA THR D 61 -6.58 -24.23 13.84
C THR D 61 -7.21 -22.85 13.96
N GLY D 62 -6.68 -21.89 13.19
CA GLY D 62 -7.23 -20.55 13.22
C GLY D 62 -8.23 -20.36 12.09
N GLY D 63 -8.91 -19.22 12.08
CA GLY D 63 -9.89 -18.96 11.03
C GLY D 63 -10.06 -17.48 10.75
N THR D 64 -10.97 -17.15 9.84
CA THR D 64 -11.20 -15.75 9.50
C THR D 64 -12.65 -15.42 9.82
N ARG D 65 -13.05 -14.18 9.54
CA ARG D 65 -14.42 -13.78 9.81
C ARG D 65 -15.38 -14.48 8.84
N PHE D 66 -14.83 -15.14 7.83
CA PHE D 66 -15.65 -15.85 6.86
C PHE D 66 -15.89 -17.31 7.21
N ALA D 67 -14.93 -17.92 7.91
CA ALA D 67 -15.07 -19.32 8.29
C ALA D 67 -13.86 -19.87 9.01
N ARG D 68 -14.06 -21.00 9.66
CA ARG D 68 -13.01 -21.72 10.37
C ARG D 68 -13.18 -23.16 9.93
N PHE D 69 -12.08 -23.79 9.50
CA PHE D 69 -12.11 -25.17 9.03
C PHE D 69 -11.18 -26.01 9.89
N PRO D 70 -11.64 -26.39 11.09
CA PRO D 70 -10.81 -27.20 12.00
C PRO D 70 -10.36 -28.52 11.39
N GLY D 71 -9.23 -29.01 11.87
CA GLY D 71 -8.72 -30.28 11.39
C GLY D 71 -9.12 -31.32 12.41
N THR D 72 -8.44 -32.47 12.43
CA THR D 72 -8.75 -33.52 13.38
C THR D 72 -7.96 -33.32 14.66
N GLY D 73 -8.46 -33.87 15.77
CA GLY D 73 -7.77 -33.77 17.04
C GLY D 73 -7.50 -32.35 17.52
N GLU D 74 -8.46 -31.46 17.33
CA GLU D 74 -8.29 -30.08 17.79
C GLU D 74 -8.19 -30.08 19.31
N PRO D 75 -7.29 -29.26 19.87
CA PRO D 75 -7.16 -29.22 21.33
C PRO D 75 -8.44 -28.69 21.96
N ARG D 76 -8.89 -29.33 23.04
CA ARG D 76 -10.11 -28.94 23.73
C ARG D 76 -9.91 -27.76 24.67
N GLY D 77 -8.69 -27.58 25.14
CA GLY D 77 -8.40 -26.49 26.06
C GLY D 77 -6.92 -26.26 26.22
N ILE D 78 -6.55 -25.42 27.17
CA ILE D 78 -5.15 -25.10 27.41
C ILE D 78 -4.28 -26.32 27.70
N PHE D 79 -4.80 -27.29 28.44
CA PHE D 79 -4.00 -28.46 28.75
C PHE D 79 -3.66 -29.28 27.50
N ASP D 80 -4.60 -29.42 26.57
CA ASP D 80 -4.31 -30.14 25.34
C ASP D 80 -3.31 -29.31 24.53
N LYS D 81 -3.47 -27.99 24.59
CA LYS D 81 -2.57 -27.09 23.88
C LYS D 81 -1.15 -27.20 24.40
N LEU D 82 -1.01 -27.39 25.71
CA LEU D 82 0.32 -27.53 26.31
C LEU D 82 0.93 -28.85 25.85
N ASP D 83 0.09 -29.89 25.80
CA ASP D 83 0.55 -31.20 25.35
C ASP D 83 1.10 -31.11 23.93
N ASP D 84 0.40 -30.37 23.08
CA ASP D 84 0.81 -30.19 21.69
C ASP D 84 2.06 -29.31 21.58
N CYS D 85 2.17 -28.30 22.44
CA CYS D 85 3.34 -27.42 22.43
C CYS D 85 4.57 -28.23 22.83
N ALA D 86 4.36 -29.26 23.66
CA ALA D 86 5.47 -30.11 24.11
C ALA D 86 6.11 -30.84 22.93
N VAL D 87 5.30 -31.14 21.91
CA VAL D 87 5.81 -31.82 20.72
C VAL D 87 6.71 -30.87 19.96
N ILE D 88 6.26 -29.63 19.81
CA ILE D 88 7.03 -28.61 19.09
C ILE D 88 8.39 -28.44 19.75
N GLN D 89 8.41 -28.35 21.07
CA GLN D 89 9.67 -28.21 21.79
C GLN D 89 10.52 -29.47 21.71
N GLN D 90 9.90 -30.64 21.86
CA GLN D 90 10.65 -31.89 21.80
C GLN D 90 11.38 -32.08 20.47
N LEU D 91 10.71 -31.75 19.38
CA LEU D 91 11.30 -31.92 18.07
C LEU D 91 12.23 -30.79 17.58
N THR D 92 11.89 -29.54 17.88
CA THR D 92 12.71 -28.42 17.44
C THR D 92 13.71 -27.95 18.50
N ARG D 93 13.36 -28.15 19.77
CA ARG D 93 14.20 -27.74 20.89
C ARG D 93 14.43 -26.24 20.88
N ALA D 94 13.55 -25.52 20.18
CA ALA D 94 13.67 -24.06 20.08
C ALA D 94 12.51 -23.31 20.71
N THR D 95 11.54 -24.03 21.26
CA THR D 95 10.37 -23.40 21.88
C THR D 95 10.08 -23.92 23.29
N PRO D 96 11.03 -23.75 24.22
CA PRO D 96 10.84 -24.21 25.60
C PRO D 96 9.77 -23.49 26.40
N ASN D 97 9.35 -22.31 25.94
CA ASN D 97 8.34 -21.54 26.65
C ASN D 97 7.07 -21.31 25.85
N VAL D 98 5.94 -21.27 26.56
CA VAL D 98 4.66 -21.05 25.94
C VAL D 98 4.05 -19.75 26.43
N SER D 99 3.39 -19.03 25.51
CA SER D 99 2.73 -17.77 25.85
C SER D 99 1.25 -18.05 26.06
N LEU D 100 0.72 -17.62 27.21
CA LEU D 100 -0.69 -17.83 27.51
C LEU D 100 -1.50 -16.58 27.21
N HIS D 101 -2.80 -16.79 26.97
CA HIS D 101 -3.73 -15.71 26.68
C HIS D 101 -4.91 -15.87 27.64
N ILE D 102 -5.19 -14.81 28.40
CA ILE D 102 -6.29 -14.82 29.37
C ILE D 102 -7.40 -13.93 28.83
N PRO D 103 -8.69 -14.34 28.98
CA PRO D 103 -9.19 -15.56 29.61
C PRO D 103 -9.23 -16.87 28.81
N TRP D 104 -8.74 -16.88 27.58
CA TRP D 104 -8.76 -18.12 26.80
C TRP D 104 -8.14 -19.29 27.54
N ASP D 105 -7.02 -19.06 28.20
CA ASP D 105 -6.31 -20.12 28.91
C ASP D 105 -6.53 -20.13 30.42
N LYS D 106 -7.50 -19.38 30.92
CA LYS D 106 -7.71 -19.36 32.36
C LYS D 106 -7.95 -20.78 32.87
N ALA D 107 -7.24 -21.11 33.94
CA ALA D 107 -7.34 -22.42 34.58
C ALA D 107 -6.46 -22.33 35.82
N ASP D 108 -6.53 -23.31 36.70
CA ASP D 108 -5.71 -23.27 37.91
C ASP D 108 -4.25 -23.04 37.56
N PRO D 109 -3.70 -21.88 37.93
CA PRO D 109 -2.30 -21.55 37.64
C PRO D 109 -1.34 -22.63 38.14
N LYS D 110 -1.69 -23.20 39.29
CA LYS D 110 -0.89 -24.25 39.90
C LYS D 110 -0.83 -25.50 39.02
N GLU D 111 -1.96 -25.85 38.42
CA GLU D 111 -2.01 -27.02 37.55
C GLU D 111 -1.29 -26.74 36.24
N LEU D 112 -1.37 -25.50 35.78
CA LEU D 112 -0.70 -25.11 34.54
C LEU D 112 0.80 -25.28 34.74
N LYS D 113 1.31 -24.79 35.87
CA LYS D 113 2.72 -24.90 36.18
C LYS D 113 3.15 -26.36 36.27
N ALA D 114 2.37 -27.16 37.00
CA ALA D 114 2.65 -28.57 37.17
C ALA D 114 2.75 -29.26 35.81
N ARG D 115 1.76 -29.03 34.97
CA ARG D 115 1.73 -29.64 33.64
C ARG D 115 2.92 -29.14 32.83
N GLY D 116 3.24 -27.86 33.00
CA GLY D 116 4.37 -27.28 32.29
C GLY D 116 5.66 -27.96 32.70
N ASP D 117 5.90 -28.05 34.00
CA ASP D 117 7.11 -28.69 34.51
C ASP D 117 7.23 -30.13 34.03
N ALA D 118 6.09 -30.83 33.98
CA ALA D 118 6.08 -32.23 33.56
C ALA D 118 6.38 -32.38 32.07
N LEU D 119 5.98 -31.39 31.28
CA LEU D 119 6.21 -31.41 29.84
C LEU D 119 7.54 -30.77 29.44
N GLY D 120 8.23 -30.17 30.40
CA GLY D 120 9.50 -29.53 30.09
C GLY D 120 9.30 -28.18 29.42
N LEU D 121 8.19 -27.53 29.73
CA LEU D 121 7.86 -26.23 29.16
C LEU D 121 7.80 -25.15 30.21
N GLY D 122 8.15 -23.94 29.81
CA GLY D 122 8.12 -22.80 30.71
C GLY D 122 7.07 -21.84 30.18
N PHE D 123 6.93 -20.69 30.82
CA PHE D 123 5.93 -19.72 30.38
C PHE D 123 6.53 -18.35 30.10
N ASP D 124 6.20 -17.81 28.94
CA ASP D 124 6.71 -16.50 28.53
C ASP D 124 5.71 -15.43 28.97
N ALA D 125 5.76 -14.28 28.31
CA ALA D 125 4.87 -13.18 28.65
C ALA D 125 3.39 -13.54 28.62
N MET D 126 2.64 -12.98 29.58
CA MET D 126 1.20 -13.18 29.66
C MET D 126 0.59 -12.23 28.63
N ASN D 127 -0.59 -12.58 28.13
CA ASN D 127 -1.29 -11.76 27.15
C ASN D 127 -2.70 -11.47 27.62
N SER D 128 -3.01 -10.20 27.83
CA SER D 128 -4.35 -9.82 28.26
C SER D 128 -5.30 -9.76 27.07
N ASN D 129 -6.60 -9.76 27.35
CA ASN D 129 -7.59 -9.74 26.28
C ASN D 129 -8.79 -8.86 26.63
N THR D 130 -8.78 -7.62 26.16
CA THR D 130 -9.90 -6.72 26.38
C THR D 130 -10.35 -6.26 25.00
N PHE D 131 -10.30 -7.19 24.05
CA PHE D 131 -10.73 -6.92 22.68
C PHE D 131 -11.90 -7.86 22.31
N SER D 132 -12.46 -8.50 23.33
CA SER D 132 -13.60 -9.41 23.20
C SER D 132 -14.24 -9.49 24.59
N ASP D 133 -15.52 -9.84 24.64
CA ASP D 133 -16.20 -9.92 25.94
C ASP D 133 -16.22 -11.34 26.49
N ALA D 134 -16.12 -11.44 27.81
CA ALA D 134 -16.14 -12.74 28.48
C ALA D 134 -17.50 -12.95 29.14
N PRO D 135 -17.87 -14.21 29.39
CA PRO D 135 -19.16 -14.50 30.02
C PRO D 135 -19.34 -13.77 31.34
N GLY D 136 -20.50 -13.15 31.52
CA GLY D 136 -20.78 -12.44 32.75
C GLY D 136 -20.07 -11.12 32.93
N GLN D 137 -19.35 -10.69 31.90
CA GLN D 137 -18.62 -9.43 31.94
C GLN D 137 -19.61 -8.30 32.15
N ALA D 138 -19.34 -7.42 33.10
CA ALA D 138 -20.24 -6.30 33.40
C ALA D 138 -20.34 -5.28 32.26
N HIS D 139 -19.20 -4.84 31.75
CA HIS D 139 -19.15 -3.85 30.69
C HIS D 139 -18.56 -4.41 29.41
N SER D 140 -19.17 -4.08 28.27
CA SER D 140 -18.72 -4.56 26.98
C SER D 140 -17.53 -3.76 26.46
N TYR D 141 -16.65 -4.42 25.72
CA TYR D 141 -15.49 -3.74 25.15
C TYR D 141 -15.75 -3.35 23.70
N LYS D 142 -17.01 -3.37 23.31
CA LYS D 142 -17.42 -3.02 21.96
C LYS D 142 -16.84 -1.69 21.48
N TYR D 143 -16.91 -0.67 22.35
CA TYR D 143 -16.40 0.65 21.99
C TYR D 143 -15.04 0.96 22.59
N GLY D 144 -14.31 -0.08 22.98
CA GLY D 144 -13.00 0.12 23.56
C GLY D 144 -12.87 -0.49 24.93
N SER D 145 -11.68 -0.38 25.51
CA SER D 145 -11.42 -0.93 26.83
C SER D 145 -10.62 0.04 27.68
N LEU D 146 -9.30 -0.05 27.61
CA LEU D 146 -8.44 0.83 28.39
C LEU D 146 -8.63 2.31 28.01
N SER D 147 -9.16 2.55 26.81
CA SER D 147 -9.38 3.93 26.35
C SER D 147 -10.86 4.25 26.17
N HIS D 148 -11.72 3.37 26.67
CA HIS D 148 -13.17 3.54 26.59
C HIS D 148 -13.60 4.82 27.29
N THR D 149 -14.58 5.53 26.73
CA THR D 149 -15.06 6.77 27.33
C THR D 149 -15.63 6.58 28.73
N ASN D 150 -16.11 5.37 29.00
CA ASN D 150 -16.71 5.06 30.31
C ASN D 150 -15.68 4.60 31.34
N ALA D 151 -15.52 5.39 32.39
CA ALA D 151 -14.56 5.10 33.46
C ALA D 151 -14.69 3.67 34.01
N ALA D 152 -15.91 3.23 34.27
CA ALA D 152 -16.12 1.89 34.80
C ALA D 152 -15.58 0.82 33.85
N THR D 153 -15.65 1.08 32.55
CA THR D 153 -15.14 0.12 31.58
C THR D 153 -13.62 0.10 31.60
N ARG D 154 -13.01 1.28 31.70
CA ARG D 154 -11.55 1.34 31.75
C ARG D 154 -11.07 0.65 33.03
N ALA D 155 -11.76 0.91 34.14
CA ALA D 155 -11.39 0.30 35.42
C ALA D 155 -11.42 -1.21 35.32
N GLN D 156 -12.47 -1.73 34.68
CA GLN D 156 -12.63 -3.17 34.51
C GLN D 156 -11.50 -3.76 33.66
N ALA D 157 -11.08 -3.02 32.63
CA ALA D 157 -10.01 -3.49 31.76
C ALA D 157 -8.69 -3.51 32.51
N VAL D 158 -8.49 -2.52 33.37
CA VAL D 158 -7.29 -2.44 34.18
C VAL D 158 -7.26 -3.64 35.13
N GLU D 159 -8.40 -3.91 35.77
CA GLU D 159 -8.50 -5.01 36.70
C GLU D 159 -8.19 -6.34 36.03
N HIS D 160 -8.67 -6.51 34.80
CA HIS D 160 -8.40 -7.74 34.07
C HIS D 160 -6.90 -7.92 33.86
N ASN D 161 -6.22 -6.84 33.48
CA ASN D 161 -4.78 -6.89 33.27
C ASN D 161 -4.04 -7.25 34.55
N LEU D 162 -4.50 -6.73 35.68
CA LEU D 162 -3.86 -7.05 36.96
C LEU D 162 -4.06 -8.54 37.27
N GLU D 163 -5.21 -9.08 36.88
CA GLU D 163 -5.49 -10.49 37.10
C GLU D 163 -4.52 -11.30 36.27
N CYS D 164 -4.21 -10.81 35.07
CA CYS D 164 -3.27 -11.50 34.20
C CYS D 164 -1.90 -11.57 34.87
N ILE D 165 -1.55 -10.50 35.58
CA ILE D 165 -0.26 -10.46 36.27
C ILE D 165 -0.26 -11.49 37.41
N GLU D 166 -1.37 -11.60 38.12
CA GLU D 166 -1.46 -12.55 39.22
C GLU D 166 -1.23 -13.98 38.71
N ILE D 167 -1.91 -14.33 37.63
CA ILE D 167 -1.77 -15.66 37.04
C ILE D 167 -0.31 -15.89 36.61
N GLY D 168 0.27 -14.89 35.97
CA GLY D 168 1.64 -14.99 35.52
C GLY D 168 2.64 -15.20 36.64
N LYS D 169 2.47 -14.47 37.74
CA LYS D 169 3.38 -14.61 38.87
C LYS D 169 3.37 -16.03 39.42
N ALA D 170 2.21 -16.69 39.33
CA ALA D 170 2.05 -18.05 39.83
C ALA D 170 2.69 -19.13 38.95
N ILE D 171 2.94 -18.81 37.68
CA ILE D 171 3.53 -19.80 36.77
C ILE D 171 4.95 -19.48 36.30
N GLY D 172 5.49 -18.35 36.74
CA GLY D 172 6.84 -18.01 36.36
C GLY D 172 7.00 -17.02 35.21
N SER D 173 5.90 -16.42 34.78
CA SER D 173 5.96 -15.44 33.70
C SER D 173 6.56 -14.16 34.29
N LYS D 174 7.25 -13.39 33.46
CA LYS D 174 7.86 -12.15 33.94
C LYS D 174 7.53 -10.95 33.07
N ALA D 175 6.41 -11.01 32.36
CA ALA D 175 6.02 -9.90 31.50
C ALA D 175 4.55 -9.98 31.10
N LEU D 176 4.00 -8.81 30.78
CA LEU D 176 2.61 -8.70 30.36
C LEU D 176 2.58 -7.92 29.05
N THR D 177 2.02 -8.54 28.01
CA THR D 177 1.91 -7.89 26.72
C THR D 177 0.48 -7.39 26.57
N VAL D 178 0.33 -6.11 26.23
CA VAL D 178 -0.98 -5.53 26.08
C VAL D 178 -1.29 -5.09 24.65
N TRP D 179 -2.22 -5.79 24.02
CA TRP D 179 -2.66 -5.43 22.69
C TRP D 179 -4.17 -5.29 22.78
N ILE D 180 -4.68 -4.16 22.33
CA ILE D 180 -6.12 -3.93 22.37
C ILE D 180 -6.59 -3.50 20.99
N GLY D 181 -7.89 -3.60 20.75
CA GLY D 181 -8.43 -3.22 19.45
C GLY D 181 -8.90 -1.78 19.43
N ASP D 182 -8.91 -1.15 20.60
CA ASP D 182 -9.35 0.24 20.76
C ASP D 182 -9.04 1.15 19.58
N GLY D 183 -10.07 1.79 19.06
CA GLY D 183 -9.94 2.68 17.93
C GLY D 183 -11.32 3.05 17.43
N SER D 184 -11.40 3.57 16.22
CA SER D 184 -12.67 3.96 15.64
C SER D 184 -12.81 3.47 14.21
N ASN D 185 -14.06 3.33 13.76
CA ASN D 185 -14.34 2.90 12.39
C ASN D 185 -14.84 4.07 11.55
N PHE D 186 -15.06 5.21 12.19
CA PHE D 186 -15.55 6.41 11.50
C PHE D 186 -14.86 7.69 11.94
N PRO D 187 -14.64 8.62 11.01
CA PRO D 187 -14.00 9.88 11.39
C PRO D 187 -14.95 10.56 12.37
N GLY D 188 -14.42 11.19 13.41
CA GLY D 188 -15.26 11.86 14.38
C GLY D 188 -15.72 10.97 15.54
N GLN D 189 -15.81 9.66 15.30
CA GLN D 189 -16.24 8.73 16.34
C GLN D 189 -15.44 8.88 17.62
N SER D 190 -14.13 9.05 17.48
CA SER D 190 -13.24 9.21 18.62
C SER D 190 -12.44 10.49 18.51
N ASN D 191 -12.07 11.06 19.66
CA ASN D 191 -11.23 12.24 19.67
C ASN D 191 -9.86 11.60 19.87
N PHE D 192 -9.04 11.62 18.82
CA PHE D 192 -7.72 10.99 18.86
C PHE D 192 -6.93 11.23 20.13
N THR D 193 -6.81 12.49 20.50
CA THR D 193 -6.04 12.86 21.69
C THR D 193 -6.65 12.47 23.02
N ARG D 194 -7.95 12.68 23.20
CA ARG D 194 -8.59 12.30 24.46
C ARG D 194 -8.56 10.80 24.68
N ALA D 195 -8.76 10.03 23.60
CA ALA D 195 -8.74 8.58 23.72
C ALA D 195 -7.34 8.13 24.14
N PHE D 196 -6.31 8.77 23.59
CA PHE D 196 -4.95 8.41 23.93
C PHE D 196 -4.65 8.81 25.37
N GLU D 197 -5.19 9.95 25.81
CA GLU D 197 -4.99 10.39 27.18
C GLU D 197 -5.60 9.36 28.12
N ARG D 198 -6.79 8.85 27.78
CA ARG D 198 -7.45 7.85 28.61
C ARG D 198 -6.63 6.56 28.65
N TYR D 199 -6.13 6.15 27.49
CA TYR D 199 -5.31 4.95 27.40
C TYR D 199 -4.08 5.08 28.30
N LEU D 200 -3.37 6.20 28.18
CA LEU D 200 -2.16 6.42 28.99
C LEU D 200 -2.45 6.36 30.49
N SER D 201 -3.59 6.92 30.90
CA SER D 201 -3.94 6.91 32.31
C SER D 201 -4.23 5.50 32.81
N ALA D 202 -4.90 4.70 31.99
CA ALA D 202 -5.22 3.33 32.37
C ALA D 202 -3.93 2.50 32.44
N MET D 203 -3.06 2.67 31.46
CA MET D 203 -1.80 1.94 31.45
C MET D 203 -0.93 2.33 32.64
N ALA D 204 -1.04 3.58 33.08
CA ALA D 204 -0.27 4.01 34.23
C ALA D 204 -0.70 3.19 35.45
N GLU D 205 -1.99 2.88 35.53
CA GLU D 205 -2.52 2.08 36.63
C GLU D 205 -1.98 0.66 36.57
N ILE D 206 -1.94 0.09 35.37
CA ILE D 206 -1.42 -1.25 35.18
C ILE D 206 0.06 -1.26 35.56
N TYR D 207 0.79 -0.24 35.11
CA TYR D 207 2.22 -0.15 35.41
C TYR D 207 2.44 -0.08 36.92
N LYS D 208 1.54 0.61 37.60
CA LYS D 208 1.62 0.76 39.06
C LYS D 208 1.54 -0.60 39.74
N GLY D 209 0.73 -1.49 39.17
CA GLY D 209 0.56 -2.81 39.75
C GLY D 209 1.52 -3.83 39.15
N LEU D 210 2.47 -3.37 38.34
CA LEU D 210 3.43 -4.27 37.71
C LEU D 210 4.58 -4.60 38.66
N PRO D 211 4.90 -5.89 38.84
CA PRO D 211 5.99 -6.28 39.73
C PRO D 211 7.30 -5.65 39.27
N ASP D 212 8.23 -5.41 40.19
CA ASP D 212 9.50 -4.79 39.82
C ASP D 212 10.48 -5.74 39.15
N ASP D 213 10.04 -6.97 38.87
CA ASP D 213 10.90 -7.93 38.18
C ASP D 213 10.18 -8.32 36.89
N TRP D 214 9.17 -7.53 36.55
CA TRP D 214 8.36 -7.73 35.34
C TRP D 214 8.54 -6.58 34.35
N LYS D 215 8.11 -6.81 33.12
CA LYS D 215 8.15 -5.78 32.09
C LYS D 215 6.74 -5.66 31.53
N LEU D 216 6.43 -4.50 30.98
CA LEU D 216 5.13 -4.24 30.40
C LEU D 216 5.32 -3.89 28.93
N PHE D 217 4.76 -4.72 28.05
CA PHE D 217 4.89 -4.52 26.60
C PHE D 217 3.60 -4.03 25.95
N SER D 218 3.67 -2.88 25.27
CA SER D 218 2.50 -2.37 24.55
C SER D 218 2.73 -2.75 23.09
N GLU D 219 1.68 -3.17 22.39
CA GLU D 219 1.79 -3.60 21.00
C GLU D 219 0.98 -2.74 20.04
N HIS D 220 1.66 -2.12 19.08
CA HIS D 220 0.99 -1.28 18.11
C HIS D 220 0.49 -2.09 16.92
N LYS D 221 -0.55 -1.57 16.27
CA LYS D 221 -1.13 -2.22 15.10
C LYS D 221 -1.83 -1.13 14.30
N MET D 222 -1.57 -1.08 12.99
CA MET D 222 -2.16 -0.05 12.14
C MET D 222 -3.69 -0.10 12.08
N TYR D 223 -4.25 -1.29 11.92
CA TYR D 223 -5.70 -1.46 11.84
C TYR D 223 -6.12 -2.90 12.16
N GLU D 224 -7.43 -3.09 12.27
CA GLU D 224 -8.06 -4.37 12.58
C GLU D 224 -7.87 -4.69 14.06
N PRO D 225 -8.96 -4.76 14.83
CA PRO D 225 -10.37 -4.57 14.44
C PRO D 225 -10.89 -3.16 14.08
N ALA D 226 -10.14 -2.12 14.41
CA ALA D 226 -10.59 -0.76 14.08
C ALA D 226 -10.19 -0.43 12.64
N PHE D 227 -11.13 0.06 11.85
CA PHE D 227 -10.87 0.33 10.44
C PHE D 227 -10.73 1.78 9.95
N TYR D 228 -10.68 2.72 10.88
CA TYR D 228 -10.44 4.12 10.51
C TYR D 228 -9.22 4.57 11.31
N SER D 229 -9.29 4.44 12.64
CA SER D 229 -8.16 4.82 13.49
C SER D 229 -7.99 3.81 14.62
N THR D 230 -6.76 3.72 15.12
CA THR D 230 -6.42 2.83 16.22
C THR D 230 -5.60 3.66 17.21
N VAL D 231 -5.93 3.56 18.49
CA VAL D 231 -5.20 4.34 19.50
C VAL D 231 -3.69 4.08 19.41
N VAL D 232 -3.29 2.81 19.56
CA VAL D 232 -1.88 2.44 19.46
C VAL D 232 -1.67 1.95 18.03
N GLN D 233 -1.67 2.89 17.08
CA GLN D 233 -1.54 2.57 15.66
C GLN D 233 -0.15 2.28 15.08
N ASP D 234 0.90 2.88 15.65
CA ASP D 234 2.24 2.63 15.13
C ASP D 234 3.32 2.74 16.21
N TRP D 235 4.57 2.53 15.81
CA TRP D 235 5.68 2.56 16.76
C TRP D 235 5.96 3.93 17.37
N GLY D 236 5.54 4.98 16.68
CA GLY D 236 5.74 6.33 17.20
C GLY D 236 4.88 6.51 18.43
N THR D 237 3.62 6.13 18.32
CA THR D 237 2.70 6.23 19.45
C THR D 237 3.18 5.26 20.52
N ASN D 238 3.62 4.08 20.09
CA ASN D 238 4.11 3.06 21.03
C ASN D 238 5.30 3.57 21.83
N TYR D 239 6.20 4.31 21.18
CA TYR D 239 7.36 4.87 21.89
C TYR D 239 6.92 5.87 22.94
N LEU D 240 5.96 6.71 22.57
CA LEU D 240 5.43 7.72 23.49
C LEU D 240 4.86 7.03 24.72
N ILE D 241 4.22 5.89 24.50
CA ILE D 241 3.63 5.14 25.60
C ILE D 241 4.71 4.62 26.52
N ALA D 242 5.63 3.82 25.96
CA ALA D 242 6.72 3.25 26.74
C ALA D 242 7.51 4.31 27.51
N GLN D 243 7.86 5.39 26.83
CA GLN D 243 8.63 6.48 27.43
C GLN D 243 7.85 7.14 28.56
N THR D 244 6.55 7.29 28.38
CA THR D 244 5.70 7.91 29.40
C THR D 244 5.53 7.02 30.63
N LEU D 245 5.27 5.74 30.40
CA LEU D 245 5.05 4.81 31.51
C LEU D 245 6.22 4.58 32.44
N GLY D 246 7.41 4.34 31.89
CA GLY D 246 8.57 4.12 32.75
C GLY D 246 9.56 3.09 32.24
N PRO D 247 10.69 2.89 32.97
CA PRO D 247 11.77 1.96 32.64
C PRO D 247 11.31 0.53 32.35
N LYS D 248 10.26 0.07 33.03
CA LYS D 248 9.76 -1.28 32.83
C LYS D 248 8.82 -1.43 31.65
N ALA D 249 8.49 -0.32 30.99
CA ALA D 249 7.59 -0.36 29.85
C ALA D 249 8.37 -0.29 28.54
N GLN D 250 8.06 -1.20 27.62
CA GLN D 250 8.73 -1.26 26.33
C GLN D 250 7.75 -1.59 25.21
N CYS D 251 8.21 -1.51 23.97
CA CYS D 251 7.35 -1.77 22.82
C CYS D 251 7.55 -3.14 22.21
N LEU D 252 6.43 -3.75 21.79
CA LEU D 252 6.49 -5.05 21.15
C LEU D 252 6.18 -4.83 19.67
N VAL D 253 7.04 -5.39 18.82
CA VAL D 253 6.90 -5.26 17.37
C VAL D 253 6.39 -6.54 16.75
N ASP D 254 5.20 -6.46 16.17
CA ASP D 254 4.58 -7.62 15.51
C ASP D 254 4.77 -7.34 14.01
N LEU D 255 5.53 -8.21 13.35
CA LEU D 255 5.83 -8.04 11.94
C LEU D 255 4.68 -7.67 10.99
N GLY D 256 3.50 -8.27 11.18
CA GLY D 256 2.39 -7.97 10.27
C GLY D 256 1.54 -6.77 10.65
N HIS D 257 2.00 -5.95 11.59
CA HIS D 257 1.20 -4.80 12.04
C HIS D 257 1.57 -3.43 11.48
N HIS D 258 2.28 -3.39 10.36
CA HIS D 258 2.71 -2.12 9.78
C HIS D 258 2.11 -1.82 8.42
N ALA D 259 2.14 -0.55 8.06
CA ALA D 259 1.60 -0.09 6.78
C ALA D 259 2.34 -0.74 5.60
N PRO D 260 1.66 -0.84 4.45
CA PRO D 260 2.32 -1.44 3.30
C PRO D 260 3.67 -0.75 3.02
N ASN D 261 4.69 -1.57 2.76
CA ASN D 261 6.03 -1.12 2.42
C ASN D 261 6.88 -0.51 3.51
N THR D 262 6.35 -0.49 4.73
CA THR D 262 7.10 0.05 5.86
C THR D 262 8.47 -0.64 5.98
N ASN D 263 9.50 0.11 6.35
CA ASN D 263 10.80 -0.51 6.55
C ASN D 263 10.79 -0.92 8.02
N ILE D 264 10.40 -2.16 8.28
CA ILE D 264 10.30 -2.66 9.64
C ILE D 264 11.61 -2.79 10.39
N GLU D 265 12.65 -3.28 9.72
CA GLU D 265 13.95 -3.43 10.36
C GLU D 265 14.44 -2.08 10.92
N MET D 266 14.07 -0.97 10.29
CA MET D 266 14.50 0.33 10.80
C MET D 266 13.78 0.66 12.10
N ILE D 267 12.51 0.30 12.20
CA ILE D 267 11.75 0.55 13.41
C ILE D 267 12.44 -0.18 14.55
N VAL D 268 12.86 -1.41 14.27
CA VAL D 268 13.56 -2.24 15.24
C VAL D 268 14.84 -1.53 15.72
N ALA D 269 15.61 -1.00 14.77
CA ALA D 269 16.85 -0.29 15.12
C ALA D 269 16.59 0.93 15.99
N ARG D 270 15.57 1.72 15.62
CA ARG D 270 15.22 2.92 16.35
C ARG D 270 14.86 2.61 17.79
N LEU D 271 14.03 1.58 18.00
CA LEU D 271 13.63 1.20 19.34
C LEU D 271 14.82 0.73 20.17
N ILE D 272 15.73 -0.02 19.56
CA ILE D 272 16.92 -0.49 20.28
C ILE D 272 17.75 0.71 20.71
N GLN D 273 17.97 1.64 19.78
CA GLN D 273 18.76 2.82 20.08
C GLN D 273 18.23 3.59 21.28
N PHE D 274 16.91 3.62 21.43
CA PHE D 274 16.31 4.33 22.56
C PHE D 274 15.86 3.42 23.69
N GLY D 275 16.39 2.21 23.69
CA GLY D 275 16.10 1.23 24.73
C GLY D 275 14.65 0.85 24.96
N LYS D 276 13.83 0.89 23.91
CA LYS D 276 12.44 0.54 24.08
C LYS D 276 11.96 -0.65 23.26
N LEU D 277 12.89 -1.48 22.78
CA LEU D 277 12.49 -2.67 22.04
C LEU D 277 12.29 -3.78 23.05
N GLY D 278 11.04 -4.02 23.44
CA GLY D 278 10.78 -5.06 24.42
C GLY D 278 10.75 -6.46 23.82
N GLY D 279 10.18 -6.59 22.64
CA GLY D 279 10.12 -7.91 22.03
C GLY D 279 9.49 -7.96 20.66
N PHE D 280 9.38 -9.19 20.15
CA PHE D 280 8.84 -9.45 18.83
C PHE D 280 7.71 -10.46 18.82
N HIS D 281 6.83 -10.30 17.83
CA HIS D 281 5.76 -11.24 17.58
C HIS D 281 6.09 -11.58 16.14
N PHE D 282 6.59 -12.80 15.91
CA PHE D 282 6.97 -13.23 14.57
C PHE D 282 5.84 -13.89 13.80
N ASN D 283 5.86 -13.65 12.50
CA ASN D 283 4.91 -14.19 11.54
C ASN D 283 5.27 -13.56 10.20
N ASP D 284 4.60 -13.96 9.14
CA ASP D 284 4.88 -13.37 7.84
C ASP D 284 3.56 -12.88 7.26
N SER D 285 3.62 -12.14 6.16
CA SER D 285 2.41 -11.62 5.55
C SER D 285 2.69 -11.01 4.20
N LYS D 286 1.62 -10.74 3.46
CA LYS D 286 1.75 -10.14 2.13
C LYS D 286 0.75 -9.00 1.95
N TYR D 287 -0.39 -9.10 2.61
CA TYR D 287 -1.43 -8.09 2.46
C TYR D 287 -1.72 -7.28 3.72
N GLY D 288 -2.17 -7.95 4.78
CA GLY D 288 -2.45 -7.25 6.03
C GLY D 288 -1.77 -7.97 7.17
N ASP D 289 -2.49 -8.16 8.27
CA ASP D 289 -1.95 -8.88 9.41
C ASP D 289 -2.33 -10.33 9.12
N ASP D 290 -1.73 -10.89 8.08
CA ASP D 290 -2.02 -12.25 7.62
C ASP D 290 -1.68 -13.39 8.58
N ASP D 291 -0.75 -13.15 9.49
CA ASP D 291 -0.38 -14.17 10.49
C ASP D 291 0.07 -15.51 9.92
N LEU D 292 0.77 -15.46 8.79
CA LEU D 292 1.28 -16.66 8.13
C LEU D 292 2.58 -17.15 8.76
N ASP D 293 2.98 -18.37 8.40
CA ASP D 293 4.20 -18.96 8.92
C ASP D 293 5.40 -18.03 8.67
N ALA D 294 6.15 -17.75 9.72
CA ALA D 294 7.31 -16.86 9.61
C ALA D 294 8.24 -17.26 8.48
N GLY D 295 8.65 -16.28 7.68
CA GLY D 295 9.57 -16.53 6.58
C GLY D 295 9.00 -17.22 5.35
N ALA D 296 7.73 -17.61 5.41
CA ALA D 296 7.09 -18.29 4.28
C ALA D 296 6.83 -17.38 3.08
N ILE D 297 6.77 -16.08 3.32
CA ILE D 297 6.51 -15.13 2.24
C ILE D 297 7.73 -14.27 1.91
N GLU D 298 8.34 -13.68 2.93
CA GLU D 298 9.52 -12.84 2.71
C GLU D 298 10.64 -13.18 3.68
N PRO D 299 11.40 -14.24 3.38
CA PRO D 299 12.51 -14.67 4.24
C PRO D 299 13.64 -13.66 4.43
N TYR D 300 13.91 -12.85 3.40
CA TYR D 300 15.01 -11.88 3.52
C TYR D 300 14.68 -10.81 4.56
N ARG D 301 13.44 -10.35 4.56
CA ARG D 301 12.98 -9.35 5.52
C ARG D 301 13.20 -9.88 6.94
N LEU D 302 12.93 -11.17 7.14
CA LEU D 302 13.11 -11.77 8.47
C LEU D 302 14.60 -11.72 8.83
N PHE D 303 15.45 -12.05 7.84
CA PHE D 303 16.90 -12.00 8.03
C PHE D 303 17.33 -10.58 8.38
N LEU D 304 16.79 -9.60 7.66
CA LEU D 304 17.15 -8.21 7.91
C LEU D 304 16.77 -7.72 9.31
N VAL D 305 15.69 -8.27 9.85
CA VAL D 305 15.28 -7.90 11.20
C VAL D 305 16.32 -8.45 12.17
N PHE D 306 16.71 -9.71 11.98
CA PHE D 306 17.72 -10.31 12.84
C PHE D 306 19.08 -9.66 12.63
N ASN D 307 19.32 -9.14 11.44
CA ASN D 307 20.58 -8.47 11.18
C ASN D 307 20.72 -7.29 12.16
N GLU D 308 19.62 -6.56 12.39
CA GLU D 308 19.64 -5.43 13.32
C GLU D 308 19.85 -5.91 14.75
N LEU D 309 19.30 -7.07 15.07
CA LEU D 309 19.45 -7.63 16.41
C LEU D 309 20.89 -8.01 16.68
N VAL D 310 21.52 -8.70 15.73
CA VAL D 310 22.90 -9.10 15.87
C VAL D 310 23.83 -7.89 15.83
N ASP D 311 23.45 -6.86 15.07
CA ASP D 311 24.29 -5.67 15.01
C ASP D 311 24.27 -4.95 16.35
N ALA D 312 23.15 -5.00 17.05
CA ALA D 312 23.03 -4.36 18.36
C ALA D 312 24.08 -4.96 19.30
N GLU D 313 24.25 -6.27 19.23
CA GLU D 313 25.24 -6.94 20.07
C GLU D 313 26.64 -6.49 19.64
N ALA D 314 26.86 -6.47 18.32
CA ALA D 314 28.15 -6.06 17.76
C ALA D 314 28.52 -4.63 18.12
N ARG D 315 27.53 -3.73 18.13
CA ARG D 315 27.79 -2.33 18.46
C ARG D 315 28.06 -2.18 19.95
N GLY D 316 27.77 -3.24 20.72
CA GLY D 316 28.00 -3.18 22.15
C GLY D 316 26.83 -2.69 22.99
N VAL D 317 25.62 -2.77 22.45
CA VAL D 317 24.44 -2.34 23.21
C VAL D 317 24.33 -3.26 24.42
N LYS D 318 24.10 -2.68 25.59
CA LYS D 318 24.00 -3.47 26.82
C LYS D 318 22.58 -3.67 27.34
N GLY D 319 22.39 -4.75 28.09
CA GLY D 319 21.10 -5.06 28.67
C GLY D 319 20.00 -5.31 27.66
N PHE D 320 20.38 -5.77 26.48
CA PHE D 320 19.42 -6.03 25.40
C PHE D 320 19.03 -7.50 25.32
N HIS D 321 17.86 -7.83 25.87
CA HIS D 321 17.35 -9.20 25.86
C HIS D 321 15.89 -9.21 25.46
N PRO D 322 15.62 -8.98 24.17
CA PRO D 322 14.26 -8.95 23.62
C PRO D 322 13.53 -10.26 23.81
N ALA D 323 12.22 -10.19 24.05
CA ALA D 323 11.42 -11.38 24.20
C ALA D 323 11.03 -11.77 22.78
N HIS D 324 11.16 -13.04 22.44
CA HIS D 324 10.79 -13.51 21.12
C HIS D 324 9.59 -14.43 21.21
N MET D 325 8.58 -14.17 20.39
CA MET D 325 7.37 -14.97 20.41
C MET D 325 6.75 -15.12 19.03
N ILE D 326 6.26 -16.32 18.74
CA ILE D 326 5.60 -16.54 17.47
C ILE D 326 4.14 -16.17 17.69
N ASN D 327 3.57 -15.45 16.74
CA ASN D 327 2.16 -15.06 16.82
C ASN D 327 1.62 -15.28 15.42
N GLN D 328 1.02 -16.45 15.21
CA GLN D 328 0.49 -16.80 13.90
C GLN D 328 -0.85 -17.49 13.99
N SER D 329 -1.51 -17.59 12.85
CA SER D 329 -2.80 -18.26 12.74
C SER D 329 -2.61 -19.32 11.66
N HIS D 330 -2.86 -20.57 12.01
CA HIS D 330 -2.69 -21.65 11.05
C HIS D 330 -4.07 -22.11 10.58
N ASN D 331 -4.48 -21.56 9.45
CA ASN D 331 -5.79 -21.82 8.88
C ASN D 331 -5.90 -23.00 7.93
N VAL D 332 -4.80 -23.36 7.25
CA VAL D 332 -4.86 -24.46 6.29
C VAL D 332 -3.74 -25.49 6.39
N THR D 333 -3.18 -25.65 7.60
CA THR D 333 -2.12 -26.62 7.82
C THR D 333 -2.27 -27.18 9.23
N ASP D 334 -1.50 -28.21 9.55
CA ASP D 334 -1.52 -28.79 10.89
C ASP D 334 -0.77 -27.74 11.72
N PRO D 335 -1.46 -27.11 12.69
CA PRO D 335 -0.84 -26.09 13.54
C PRO D 335 0.53 -26.45 14.09
N ILE D 336 0.70 -27.72 14.45
CA ILE D 336 1.96 -28.17 15.00
C ILE D 336 3.09 -28.13 13.96
N GLU D 337 2.82 -28.58 12.75
CA GLU D 337 3.84 -28.56 11.71
C GLU D 337 4.23 -27.13 11.33
N SER D 338 3.25 -26.23 11.25
CA SER D 338 3.55 -24.84 10.90
C SER D 338 4.41 -24.19 11.97
N LEU D 339 4.08 -24.42 13.22
CA LEU D 339 4.85 -23.84 14.32
C LEU D 339 6.26 -24.41 14.33
N ILE D 340 6.38 -25.70 14.05
CA ILE D 340 7.69 -26.35 13.99
C ILE D 340 8.56 -25.67 12.94
N ASN D 341 8.06 -25.60 11.71
CA ASN D 341 8.81 -24.97 10.62
C ASN D 341 9.01 -23.47 10.79
N SER D 342 8.09 -22.82 11.50
CA SER D 342 8.22 -21.39 11.72
C SER D 342 9.33 -21.14 12.73
N ALA D 343 9.37 -21.96 13.79
CA ALA D 343 10.42 -21.83 14.79
C ALA D 343 11.75 -22.05 14.08
N ASN D 344 11.76 -23.00 13.14
CA ASN D 344 12.96 -23.32 12.38
C ASN D 344 13.43 -22.14 11.52
N GLU D 345 12.48 -21.48 10.85
CA GLU D 345 12.80 -20.35 10.00
C GLU D 345 13.39 -19.19 10.78
N ILE D 346 12.90 -19.02 12.00
CA ILE D 346 13.39 -17.93 12.84
C ILE D 346 14.85 -18.22 13.24
N ARG D 347 15.15 -19.47 13.54
CA ARG D 347 16.52 -19.83 13.88
C ARG D 347 17.40 -19.72 12.64
N ARG D 348 16.81 -20.00 11.48
CA ARG D 348 17.54 -19.92 10.22
C ARG D 348 18.00 -18.48 9.98
N ALA D 349 17.08 -17.53 10.15
CA ALA D 349 17.41 -16.12 9.97
C ALA D 349 18.46 -15.68 11.00
N TYR D 350 18.28 -16.13 12.24
CA TYR D 350 19.22 -15.80 13.30
C TYR D 350 20.61 -16.31 12.93
N ALA D 351 20.70 -17.58 12.55
CA ALA D 351 21.98 -18.19 12.17
C ALA D 351 22.67 -17.42 11.05
N GLN D 352 21.93 -17.07 10.00
CA GLN D 352 22.51 -16.33 8.90
C GLN D 352 23.00 -14.97 9.33
N ALA D 353 22.26 -14.32 10.22
CA ALA D 353 22.68 -13.01 10.73
C ALA D 353 24.00 -13.16 11.48
N LEU D 354 24.19 -14.32 12.11
CA LEU D 354 25.42 -14.57 12.85
C LEU D 354 26.62 -14.71 11.91
N LEU D 355 26.34 -15.03 10.64
CA LEU D 355 27.40 -15.21 9.66
C LEU D 355 27.93 -13.94 9.02
N VAL D 356 27.17 -12.85 9.14
CA VAL D 356 27.59 -11.58 8.55
C VAL D 356 28.97 -11.18 9.06
N ASP D 357 29.87 -10.86 8.13
CA ASP D 357 31.22 -10.42 8.49
C ASP D 357 31.03 -8.96 8.90
N ARG D 358 30.89 -8.72 10.21
CA ARG D 358 30.66 -7.37 10.71
C ARG D 358 31.79 -6.40 10.39
N ALA D 359 33.03 -6.86 10.48
CA ALA D 359 34.18 -5.99 10.19
C ALA D 359 34.16 -5.53 8.74
N ALA D 360 33.93 -6.46 7.82
CA ALA D 360 33.89 -6.12 6.40
C ALA D 360 32.74 -5.15 6.13
N LEU D 361 31.57 -5.47 6.68
CA LEU D 361 30.39 -4.63 6.49
C LEU D 361 30.66 -3.21 6.95
N SER D 362 31.18 -3.06 8.16
CA SER D 362 31.50 -1.75 8.71
C SER D 362 32.39 -0.96 7.76
N GLY D 363 33.37 -1.64 7.18
CA GLY D 363 34.27 -0.98 6.26
C GLY D 363 33.57 -0.49 5.01
N TYR D 364 32.68 -1.31 4.46
CA TYR D 364 31.96 -0.92 3.26
C TYR D 364 30.98 0.21 3.54
N GLN D 365 30.46 0.26 4.76
CA GLN D 365 29.53 1.32 5.14
C GLN D 365 30.29 2.63 5.27
N GLU D 366 31.45 2.58 5.92
CA GLU D 366 32.25 3.79 6.10
C GLU D 366 32.80 4.33 4.79
N ASP D 367 32.99 3.45 3.82
CA ASP D 367 33.52 3.85 2.52
C ASP D 367 32.40 4.12 1.50
N ASN D 368 31.16 3.93 1.92
CA ASN D 368 30.00 4.14 1.08
C ASN D 368 30.01 3.24 -0.16
N ASP D 369 30.49 2.01 0.05
CA ASP D 369 30.54 1.02 -1.02
C ASP D 369 29.24 0.22 -0.89
N ALA D 370 28.15 0.83 -1.33
CA ALA D 370 26.80 0.24 -1.25
C ALA D 370 26.69 -1.18 -1.80
N LEU D 371 27.27 -1.41 -2.96
CA LEU D 371 27.22 -2.72 -3.59
C LEU D 371 27.85 -3.82 -2.74
N MET D 372 29.08 -3.61 -2.28
CA MET D 372 29.76 -4.60 -1.47
C MET D 372 29.12 -4.74 -0.08
N ALA D 373 28.51 -3.66 0.39
CA ALA D 373 27.87 -3.70 1.70
C ALA D 373 26.68 -4.65 1.62
N THR D 374 25.86 -4.48 0.58
CA THR D 374 24.69 -5.34 0.43
C THR D 374 25.13 -6.77 0.10
N GLU D 375 26.19 -6.91 -0.69
CA GLU D 375 26.71 -8.22 -1.04
C GLU D 375 27.25 -8.92 0.22
N THR D 376 27.74 -8.13 1.18
CA THR D 376 28.25 -8.70 2.42
C THR D 376 27.10 -9.32 3.20
N LEU D 377 25.93 -8.69 3.18
CA LEU D 377 24.77 -9.26 3.87
C LEU D 377 24.33 -10.50 3.11
N LYS D 378 24.33 -10.41 1.78
CA LYS D 378 23.90 -11.55 0.96
C LYS D 378 24.76 -12.79 1.14
N ARG D 379 26.07 -12.62 1.27
CA ARG D 379 26.95 -13.76 1.46
C ARG D 379 26.52 -14.57 2.68
N ALA D 380 25.97 -13.88 3.67
CA ALA D 380 25.50 -14.55 4.88
C ALA D 380 24.12 -15.14 4.64
N TYR D 381 23.23 -14.32 4.08
CA TYR D 381 21.87 -14.76 3.79
C TYR D 381 21.79 -15.92 2.78
N ARG D 382 22.64 -15.89 1.76
CA ARG D 382 22.62 -16.94 0.74
C ARG D 382 23.10 -18.30 1.28
N THR D 383 23.78 -18.26 2.43
CA THR D 383 24.29 -19.48 3.03
C THR D 383 23.17 -20.39 3.57
N ASP D 384 23.16 -21.64 3.13
CA ASP D 384 22.15 -22.60 3.58
C ASP D 384 22.60 -23.14 4.93
N VAL D 385 22.02 -22.61 6.00
CA VAL D 385 22.37 -23.03 7.36
C VAL D 385 21.55 -24.20 7.90
N GLU D 386 20.76 -24.84 7.04
CA GLU D 386 19.94 -25.96 7.47
C GLU D 386 20.74 -27.04 8.21
N PRO D 387 21.97 -27.35 7.73
CA PRO D 387 22.75 -28.37 8.42
C PRO D 387 22.99 -27.98 9.88
N ILE D 388 23.25 -26.70 10.10
CA ILE D 388 23.50 -26.20 11.46
C ILE D 388 22.24 -26.36 12.30
N LEU D 389 21.09 -25.98 11.74
CA LEU D 389 19.82 -26.11 12.46
C LEU D 389 19.53 -27.56 12.81
N ALA D 390 19.74 -28.46 11.86
CA ALA D 390 19.50 -29.89 12.07
C ALA D 390 20.43 -30.50 13.11
N GLU D 391 21.71 -30.17 13.01
CA GLU D 391 22.70 -30.70 13.95
C GLU D 391 22.39 -30.19 15.35
N ALA D 392 22.03 -28.91 15.45
CA ALA D 392 21.67 -28.32 16.74
C ALA D 392 20.53 -29.13 17.35
N ARG D 393 19.51 -29.40 16.56
CA ARG D 393 18.38 -30.19 17.04
C ARG D 393 18.85 -31.56 17.49
N ARG D 394 19.61 -32.23 16.62
CA ARG D 394 20.11 -33.57 16.91
C ARG D 394 20.88 -33.61 18.24
N ARG D 395 21.80 -32.67 18.42
CA ARG D 395 22.62 -32.61 19.62
C ARG D 395 21.85 -32.30 20.90
N THR D 396 20.66 -31.72 20.77
CA THR D 396 19.88 -31.36 21.94
C THR D 396 18.63 -32.19 22.21
N GLY D 397 18.53 -33.33 21.55
CA GLY D 397 17.38 -34.21 21.76
C GLY D 397 16.23 -34.03 20.78
N GLY D 398 16.41 -33.19 19.78
CA GLY D 398 15.37 -32.96 18.81
C GLY D 398 15.52 -33.82 17.58
N ALA D 399 14.75 -33.51 16.53
CA ALA D 399 14.79 -34.28 15.30
C ALA D 399 15.50 -33.56 14.15
N VAL D 400 16.26 -34.33 13.37
CA VAL D 400 16.97 -33.80 12.22
C VAL D 400 15.94 -33.13 11.31
N ASP D 401 14.85 -33.84 11.06
CA ASP D 401 13.76 -33.33 10.23
C ASP D 401 12.50 -33.43 11.09
N PRO D 402 12.18 -32.37 11.85
CA PRO D 402 11.02 -32.27 12.74
C PRO D 402 9.66 -32.70 12.16
N VAL D 403 9.26 -32.09 11.06
CA VAL D 403 7.97 -32.46 10.48
C VAL D 403 7.94 -33.91 10.01
N ALA D 404 9.06 -34.40 9.46
CA ALA D 404 9.11 -35.78 9.00
C ALA D 404 8.97 -36.74 10.19
N THR D 405 9.65 -36.41 11.28
CA THR D 405 9.58 -37.24 12.48
C THR D 405 8.17 -37.14 13.08
N TYR D 406 7.61 -35.94 13.05
CA TYR D 406 6.26 -35.69 13.57
C TYR D 406 5.22 -36.54 12.83
N ARG D 407 5.34 -36.61 11.51
CA ARG D 407 4.41 -37.38 10.70
C ARG D 407 4.62 -38.89 10.85
N ALA D 408 5.86 -39.29 11.07
CA ALA D 408 6.19 -40.70 11.25
C ALA D 408 5.64 -41.22 12.57
N SER D 409 5.51 -40.33 13.55
CA SER D 409 5.00 -40.71 14.87
C SER D 409 3.49 -40.95 14.88
N GLY D 410 2.79 -40.35 13.93
CA GLY D 410 1.34 -40.51 13.88
C GLY D 410 0.65 -39.78 15.01
N TYR D 411 1.33 -38.78 15.57
CA TYR D 411 0.79 -37.99 16.68
C TYR D 411 -0.59 -37.39 16.41
N ARG D 412 -0.78 -36.82 15.22
CA ARG D 412 -2.05 -36.21 14.88
C ARG D 412 -3.21 -37.20 14.92
N ALA D 413 -3.02 -38.39 14.37
CA ALA D 413 -4.05 -39.41 14.38
C ALA D 413 -4.33 -39.84 15.82
N ARG D 414 -3.27 -39.90 16.63
CA ARG D 414 -3.40 -40.27 18.03
C ARG D 414 -4.32 -39.34 18.80
N VAL D 415 -4.04 -38.04 18.77
CA VAL D 415 -4.86 -37.08 19.49
C VAL D 415 -6.24 -36.96 18.85
N ALA D 416 -6.31 -37.25 17.55
CA ALA D 416 -7.58 -37.20 16.83
C ALA D 416 -8.52 -38.26 17.43
N ALA D 417 -7.94 -39.34 17.95
CA ALA D 417 -8.71 -40.41 18.55
C ALA D 417 -9.02 -40.11 20.01
N GLU D 418 -8.13 -39.37 20.67
CA GLU D 418 -8.32 -39.03 22.07
C GLU D 418 -9.24 -37.83 22.25
N ARG D 419 -9.34 -37.00 21.23
CA ARG D 419 -10.17 -35.81 21.30
C ARG D 419 -11.42 -35.89 20.43
N PRO D 420 -12.47 -35.14 20.80
CA PRO D 420 -13.74 -35.11 20.07
C PRO D 420 -13.57 -34.68 18.62
N ALA D 421 -14.67 -34.73 17.88
CA ALA D 421 -14.67 -34.34 16.47
C ALA D 421 -15.19 -32.92 16.34
MN MN E . 10.24 -1.01 -17.73
MN MN F . 9.87 1.52 -14.73
C1 PSV G . 9.19 3.25 -17.20
O1 PSV G . 9.42 3.47 -15.83
C2 PSV G . 10.14 2.21 -17.77
O2 PSV G . 9.98 0.97 -17.10
C3 PSV G . 10.00 2.04 -19.28
O3 PSV G . 10.29 0.69 -19.62
C4 PSV G . 11.07 2.96 -19.85
O4 PSV G . 11.58 2.43 -21.07
C5 PSV G . 12.15 2.94 -18.77
O5 PSV G . 11.49 2.68 -17.53
C6 PSV G . 12.89 4.26 -18.63
O6 PSV G . 14.17 4.05 -18.04
MN MN H . 7.72 19.00 1.88
MN MN I . 7.79 16.03 -0.90
C1 PSV J . 10.73 16.66 -0.62
O1 PSV J . 9.89 15.84 -1.43
C2 PSV J . 10.08 18.00 -0.34
O2 PSV J . 8.79 17.80 0.21
C3 PSV J . 10.92 18.89 0.56
O3 PSV J . 10.08 19.67 1.39
C4 PSV J . 11.67 19.82 -0.40
O4 PSV J . 11.82 21.11 0.15
C5 PSV J . 10.77 19.87 -1.63
O5 PSV J . 9.94 18.70 -1.60
C6 PSV J . 11.54 19.84 -2.93
O6 PSV J . 10.90 20.62 -3.93
MN MN K . -18.74 -8.01 -2.20
MN MN L . -15.89 -7.94 0.59
C1 PSV M . -16.62 -11.00 0.29
O1 PSV M . -15.75 -10.10 0.97
C2 PSV M . -17.95 -10.34 -0.02
O2 PSV M . -17.75 -9.06 -0.58
C3 PSV M . -18.83 -11.21 -0.92
O3 PSV M . -19.63 -10.36 -1.74
C4 PSV M . -19.72 -11.99 0.05
O4 PSV M . -21.01 -12.20 -0.51
C5 PSV M . -19.81 -11.08 1.27
O5 PSV M . -18.67 -10.20 1.22
C6 PSV M . -19.73 -11.85 2.57
O6 PSV M . -20.60 -11.30 3.55
MN MN N . 0.79 -9.72 17.89
MN MN O . -1.60 -9.47 14.92
C1 PSV P . -3.44 -8.88 17.37
O1 PSV P . -3.57 -9.02 15.96
C2 PSV P . -2.35 -9.76 17.92
O2 PSV P . -1.14 -9.56 17.22
C3 PSV P . -2.15 -9.58 19.43
O3 PSV P . -0.78 -9.73 19.73
C4 PSV P . -2.97 -10.71 20.06
O4 PSV P . -2.32 -11.18 21.23
C5 PSV P . -2.96 -11.79 18.98
O5 PSV P . -2.76 -11.13 17.72
C6 PSV P . -4.26 -12.56 18.89
O6 PSV P . -4.05 -13.88 18.38
#